data_2POE
# 
_entry.id   2POE 
# 
_audit_conform.dict_name       mmcif_pdbx.dic 
_audit_conform.dict_version    5.377 
_audit_conform.dict_location   http://mmcif.pdb.org/dictionaries/ascii/mmcif_pdbx.dic 
# 
loop_
_database_2.database_id 
_database_2.database_code 
_database_2.pdbx_database_accession 
_database_2.pdbx_DOI 
PDB   2POE         pdb_00002poe 10.2210/pdb2poe/pdb 
RCSB  RCSB042603   ?            ?                   
WWPDB D_1000042603 ?            ?                   
# 
_pdbx_database_status.entry_id                        2POE 
_pdbx_database_status.deposit_site                    RCSB 
_pdbx_database_status.process_site                    RCSB 
_pdbx_database_status.recvd_initial_deposition_date   2007-04-26 
_pdbx_database_status.status_code                     REL 
_pdbx_database_status.status_code_sf                  REL 
_pdbx_database_status.status_code_mr                  ? 
_pdbx_database_status.SG_entry                        Y 
_pdbx_database_status.pdb_format_compatible           Y 
_pdbx_database_status.status_code_cs                  ? 
_pdbx_database_status.methods_development_category    ? 
_pdbx_database_status.status_code_nmr_data            ? 
# 
loop_
_audit_author.name 
_audit_author.pdbx_ordinal 
'Wernimont, A.K.'                      1  
'Lew, J.'                              2  
'Hills, T.'                            3  
'Hassanali, A.'                        4  
'Lin, L.'                              5  
'Wasney, G.'                           6  
'Zhao, Y.'                             7  
'Kozieradzki, I.'                      8  
'Vedadi, M.'                           9  
'Schapira, M.'                         10 
'Bochkarev, A.'                        11 
'Edwards, A.M.'                        12 
'Arrowsmith, C.H.'                     13 
'Weigelt, J.'                          14 
'Sundstrom, M.'                        15 
'Hui, R.'                              16 
'Artz, J.D.'                           17 
'Amani, M.'                            18 
'Structural Genomics Consortium (SGC)' 19 
# 
_citation.id                        primary 
_citation.title                     
'Crystal structure of Cryptosporidium parvum cyclophilin type peptidyl-prolyl cis-trans isomerase cgd2_1660.' 
_citation.journal_abbrev            'To be Published' 
_citation.journal_volume            ? 
_citation.page_first                ? 
_citation.page_last                 ? 
_citation.year                      ? 
_citation.journal_id_ASTM           ? 
_citation.country                   ? 
_citation.journal_id_ISSN           ? 
_citation.journal_id_CSD            0353 
_citation.book_publisher            ? 
_citation.pdbx_database_id_PubMed   ? 
_citation.pdbx_database_id_DOI      ? 
# 
loop_
_citation_author.citation_id 
_citation_author.name 
_citation_author.ordinal 
_citation_author.identifier_ORCID 
primary 'Wernimont, A.K.'  1  ? 
primary 'Lew, J.'          2  ? 
primary 'Hills, T.'        3  ? 
primary 'Hassanali, A.'    4  ? 
primary 'Lin, L.'          5  ? 
primary 'Wasney, G.'       6  ? 
primary 'Zhao, Y.'         7  ? 
primary 'Kozieradzki, I.'  8  ? 
primary 'Vedadi, M.'       9  ? 
primary 'Schapira, M.'     10 ? 
primary 'Bochkarev, A.'    11 ? 
primary 'Edwards, A.M.'    12 ? 
primary 'Arrowsmith, C.H.' 13 ? 
primary 'Weigelt, J.'      14 ? 
primary 'Sundstrom, M.'    15 ? 
primary 'Hui, R.'          16 ? 
primary 'Artz, J.D.'       17 ? 
primary 'Amani, M.'        18 ? 
# 
_cell.length_a           68.961 
_cell.length_b           68.961 
_cell.length_c           124.127 
_cell.angle_alpha        90.000 
_cell.angle_beta         90.000 
_cell.angle_gamma        90.000 
_cell.entry_id           2POE 
_cell.pdbx_unique_axis   ? 
_cell.Z_PDB              8 
_cell.length_a_esd       ? 
_cell.length_b_esd       ? 
_cell.length_c_esd       ? 
_cell.angle_alpha_esd    ? 
_cell.angle_beta_esd     ? 
_cell.angle_gamma_esd    ? 
# 
_symmetry.space_group_name_H-M             'P 41 21 2' 
_symmetry.entry_id                         2POE 
_symmetry.Int_Tables_number                92 
_symmetry.pdbx_full_space_group_name_H-M   ? 
_symmetry.cell_setting                     ? 
_symmetry.space_group_name_Hall            ? 
# 
loop_
_entity.id 
_entity.type 
_entity.src_method 
_entity.pdbx_description 
_entity.formula_weight 
_entity.pdbx_number_of_molecules 
_entity.pdbx_ec 
_entity.pdbx_mutation 
_entity.pdbx_fragment 
_entity.details 
1 polymer     man 'Cyclophilin-like protein, putative' 20868.564 1   ? ? ? ? 
2 non-polymer syn 'FORMIC ACID'                        46.025    4   ? ? ? ? 
3 water       nat water                                18.015    128 ? ? ? ? 
# 
_entity_poly.entity_id                      1 
_entity_poly.type                           'polypeptide(L)' 
_entity_poly.nstd_linkage                   no 
_entity_poly.nstd_monomer                   no 
_entity_poly.pdbx_seq_one_letter_code       
;MHHHHHHSSGRENLYFQGVRIITNYGDLKFELFCSQCPKACKNFLALSASGYYKNTIFHKNIKGFIIQGGDPTGTGKGGE
SIYGRYFDDEIYPELKYDRRGILSMASKGASKKPNTNGSQFFITYSSLPQLNGEYVIFGKLIDGFETLNTLENCPSDKSH
KPIDEIIIKDIVIHSNPIADQEILD
;
_entity_poly.pdbx_seq_one_letter_code_can   
;MHHHHHHSSGRENLYFQGVRIITNYGDLKFELFCSQCPKACKNFLALSASGYYKNTIFHKNIKGFIIQGGDPTGTGKGGE
SIYGRYFDDEIYPELKYDRRGILSMASKGASKKPNTNGSQFFITYSSLPQLNGEYVIFGKLIDGFETLNTLENCPSDKSH
KPIDEIIIKDIVIHSNPIADQEILD
;
_entity_poly.pdbx_strand_id                 A 
_entity_poly.pdbx_target_identifier         ? 
# 
loop_
_entity_poly_seq.entity_id 
_entity_poly_seq.num 
_entity_poly_seq.mon_id 
_entity_poly_seq.hetero 
1 1   MET n 
1 2   HIS n 
1 3   HIS n 
1 4   HIS n 
1 5   HIS n 
1 6   HIS n 
1 7   HIS n 
1 8   SER n 
1 9   SER n 
1 10  GLY n 
1 11  ARG n 
1 12  GLU n 
1 13  ASN n 
1 14  LEU n 
1 15  TYR n 
1 16  PHE n 
1 17  GLN n 
1 18  GLY n 
1 19  VAL n 
1 20  ARG n 
1 21  ILE n 
1 22  ILE n 
1 23  THR n 
1 24  ASN n 
1 25  TYR n 
1 26  GLY n 
1 27  ASP n 
1 28  LEU n 
1 29  LYS n 
1 30  PHE n 
1 31  GLU n 
1 32  LEU n 
1 33  PHE n 
1 34  CYS n 
1 35  SER n 
1 36  GLN n 
1 37  CYS n 
1 38  PRO n 
1 39  LYS n 
1 40  ALA n 
1 41  CYS n 
1 42  LYS n 
1 43  ASN n 
1 44  PHE n 
1 45  LEU n 
1 46  ALA n 
1 47  LEU n 
1 48  SER n 
1 49  ALA n 
1 50  SER n 
1 51  GLY n 
1 52  TYR n 
1 53  TYR n 
1 54  LYS n 
1 55  ASN n 
1 56  THR n 
1 57  ILE n 
1 58  PHE n 
1 59  HIS n 
1 60  LYS n 
1 61  ASN n 
1 62  ILE n 
1 63  LYS n 
1 64  GLY n 
1 65  PHE n 
1 66  ILE n 
1 67  ILE n 
1 68  GLN n 
1 69  GLY n 
1 70  GLY n 
1 71  ASP n 
1 72  PRO n 
1 73  THR n 
1 74  GLY n 
1 75  THR n 
1 76  GLY n 
1 77  LYS n 
1 78  GLY n 
1 79  GLY n 
1 80  GLU n 
1 81  SER n 
1 82  ILE n 
1 83  TYR n 
1 84  GLY n 
1 85  ARG n 
1 86  TYR n 
1 87  PHE n 
1 88  ASP n 
1 89  ASP n 
1 90  GLU n 
1 91  ILE n 
1 92  TYR n 
1 93  PRO n 
1 94  GLU n 
1 95  LEU n 
1 96  LYS n 
1 97  TYR n 
1 98  ASP n 
1 99  ARG n 
1 100 ARG n 
1 101 GLY n 
1 102 ILE n 
1 103 LEU n 
1 104 SER n 
1 105 MET n 
1 106 ALA n 
1 107 SER n 
1 108 LYS n 
1 109 GLY n 
1 110 ALA n 
1 111 SER n 
1 112 LYS n 
1 113 LYS n 
1 114 PRO n 
1 115 ASN n 
1 116 THR n 
1 117 ASN n 
1 118 GLY n 
1 119 SER n 
1 120 GLN n 
1 121 PHE n 
1 122 PHE n 
1 123 ILE n 
1 124 THR n 
1 125 TYR n 
1 126 SER n 
1 127 SER n 
1 128 LEU n 
1 129 PRO n 
1 130 GLN n 
1 131 LEU n 
1 132 ASN n 
1 133 GLY n 
1 134 GLU n 
1 135 TYR n 
1 136 VAL n 
1 137 ILE n 
1 138 PHE n 
1 139 GLY n 
1 140 LYS n 
1 141 LEU n 
1 142 ILE n 
1 143 ASP n 
1 144 GLY n 
1 145 PHE n 
1 146 GLU n 
1 147 THR n 
1 148 LEU n 
1 149 ASN n 
1 150 THR n 
1 151 LEU n 
1 152 GLU n 
1 153 ASN n 
1 154 CYS n 
1 155 PRO n 
1 156 SER n 
1 157 ASP n 
1 158 LYS n 
1 159 SER n 
1 160 HIS n 
1 161 LYS n 
1 162 PRO n 
1 163 ILE n 
1 164 ASP n 
1 165 GLU n 
1 166 ILE n 
1 167 ILE n 
1 168 ILE n 
1 169 LYS n 
1 170 ASP n 
1 171 ILE n 
1 172 VAL n 
1 173 ILE n 
1 174 HIS n 
1 175 SER n 
1 176 ASN n 
1 177 PRO n 
1 178 ILE n 
1 179 ALA n 
1 180 ASP n 
1 181 GLN n 
1 182 GLU n 
1 183 ILE n 
1 184 LEU n 
1 185 ASP n 
# 
_entity_src_gen.entity_id                          1 
_entity_src_gen.pdbx_src_id                        1 
_entity_src_gen.pdbx_alt_source_flag               sample 
_entity_src_gen.pdbx_seq_type                      ? 
_entity_src_gen.pdbx_beg_seq_num                   ? 
_entity_src_gen.pdbx_end_seq_num                   ? 
_entity_src_gen.gene_src_common_name               ? 
_entity_src_gen.gene_src_genus                     Cryptosporidium 
_entity_src_gen.pdbx_gene_src_gene                 cgd2_1660 
_entity_src_gen.gene_src_species                   'Cryptosporidium parvum' 
_entity_src_gen.gene_src_strain                    'Iowa type II' 
_entity_src_gen.gene_src_tissue                    ? 
_entity_src_gen.gene_src_tissue_fraction           ? 
_entity_src_gen.gene_src_details                   ? 
_entity_src_gen.pdbx_gene_src_fragment             ? 
_entity_src_gen.pdbx_gene_src_scientific_name      'Cryptosporidium parvum Iowa II' 
_entity_src_gen.pdbx_gene_src_ncbi_taxonomy_id     353152 
_entity_src_gen.pdbx_gene_src_variant              ? 
_entity_src_gen.pdbx_gene_src_cell_line            ? 
_entity_src_gen.pdbx_gene_src_atcc                 ? 
_entity_src_gen.pdbx_gene_src_organ                ? 
_entity_src_gen.pdbx_gene_src_organelle            ? 
_entity_src_gen.pdbx_gene_src_cell                 ? 
_entity_src_gen.pdbx_gene_src_cellular_location    ? 
_entity_src_gen.host_org_common_name               ? 
_entity_src_gen.pdbx_host_org_scientific_name      'Escherichia coli' 
_entity_src_gen.pdbx_host_org_ncbi_taxonomy_id     562 
_entity_src_gen.host_org_genus                     Escherichia 
_entity_src_gen.pdbx_host_org_gene                 ? 
_entity_src_gen.pdbx_host_org_organ                ? 
_entity_src_gen.host_org_species                   ? 
_entity_src_gen.pdbx_host_org_tissue               ? 
_entity_src_gen.pdbx_host_org_tissue_fraction      ? 
_entity_src_gen.pdbx_host_org_strain               DH5a 
_entity_src_gen.pdbx_host_org_variant              ? 
_entity_src_gen.pdbx_host_org_cell_line            ? 
_entity_src_gen.pdbx_host_org_atcc                 ? 
_entity_src_gen.pdbx_host_org_culture_collection   ? 
_entity_src_gen.pdbx_host_org_cell                 ? 
_entity_src_gen.pdbx_host_org_organelle            ? 
_entity_src_gen.pdbx_host_org_cellular_location    ? 
_entity_src_gen.pdbx_host_org_vector_type          Plasmid 
_entity_src_gen.pdbx_host_org_vector               ? 
_entity_src_gen.host_org_details                   ? 
_entity_src_gen.expression_system_id               ? 
_entity_src_gen.plasmid_name                       pET15_TEV/LIC 
_entity_src_gen.plasmid_details                    ? 
_entity_src_gen.pdbx_description                   ? 
# 
_struct_ref.id                         1 
_struct_ref.db_name                    UNP 
_struct_ref.db_code                    A3FQ68_CRYPV 
_struct_ref.pdbx_db_accession          A3FQ68 
_struct_ref.entity_id                  1 
_struct_ref.pdbx_seq_one_letter_code   
;VRIITNYGDLKFELFCSQCPKACKNFLALSASGYYKNTIFHKNIKGFIIQGGDPTGTGKGGESIYGRYFDDEIYPELKYD
RRGILSMASKGASKKPNTNGSQFFITYSSLPQLNGEYVIFGKLIDGFETLNTLENCPSDKSHKPIDEIIIKDIVIHSNPI
ADQEILD
;
_struct_ref.pdbx_align_begin           3 
_struct_ref.pdbx_db_isoform            ? 
# 
_struct_ref_seq.align_id                      1 
_struct_ref_seq.ref_id                        1 
_struct_ref_seq.pdbx_PDB_id_code              2POE 
_struct_ref_seq.pdbx_strand_id                A 
_struct_ref_seq.seq_align_beg                 19 
_struct_ref_seq.pdbx_seq_align_beg_ins_code   ? 
_struct_ref_seq.seq_align_end                 185 
_struct_ref_seq.pdbx_seq_align_end_ins_code   ? 
_struct_ref_seq.pdbx_db_accession             A3FQ68 
_struct_ref_seq.db_align_beg                  3 
_struct_ref_seq.pdbx_db_align_beg_ins_code    ? 
_struct_ref_seq.db_align_end                  169 
_struct_ref_seq.pdbx_db_align_end_ins_code    ? 
_struct_ref_seq.pdbx_auth_seq_align_beg       19 
_struct_ref_seq.pdbx_auth_seq_align_end       185 
# 
loop_
_struct_ref_seq_dif.align_id 
_struct_ref_seq_dif.pdbx_pdb_id_code 
_struct_ref_seq_dif.mon_id 
_struct_ref_seq_dif.pdbx_pdb_strand_id 
_struct_ref_seq_dif.seq_num 
_struct_ref_seq_dif.pdbx_pdb_ins_code 
_struct_ref_seq_dif.pdbx_seq_db_name 
_struct_ref_seq_dif.pdbx_seq_db_accession_code 
_struct_ref_seq_dif.db_mon_id 
_struct_ref_seq_dif.pdbx_seq_db_seq_num 
_struct_ref_seq_dif.details 
_struct_ref_seq_dif.pdbx_auth_seq_num 
_struct_ref_seq_dif.pdbx_ordinal 
1 2POE MET A 1  ? UNP A3FQ68 ? ? 'cloning artifact' 1  1  
1 2POE HIS A 2  ? UNP A3FQ68 ? ? 'cloning artifact' 2  2  
1 2POE HIS A 3  ? UNP A3FQ68 ? ? 'cloning artifact' 3  3  
1 2POE HIS A 4  ? UNP A3FQ68 ? ? 'cloning artifact' 4  4  
1 2POE HIS A 5  ? UNP A3FQ68 ? ? 'cloning artifact' 5  5  
1 2POE HIS A 6  ? UNP A3FQ68 ? ? 'cloning artifact' 6  6  
1 2POE HIS A 7  ? UNP A3FQ68 ? ? 'cloning artifact' 7  7  
1 2POE SER A 8  ? UNP A3FQ68 ? ? 'cloning artifact' 8  8  
1 2POE SER A 9  ? UNP A3FQ68 ? ? 'cloning artifact' 9  9  
1 2POE GLY A 10 ? UNP A3FQ68 ? ? 'cloning artifact' 10 10 
1 2POE ARG A 11 ? UNP A3FQ68 ? ? 'cloning artifact' 11 11 
1 2POE GLU A 12 ? UNP A3FQ68 ? ? 'cloning artifact' 12 12 
1 2POE ASN A 13 ? UNP A3FQ68 ? ? 'cloning artifact' 13 13 
1 2POE LEU A 14 ? UNP A3FQ68 ? ? 'cloning artifact' 14 14 
1 2POE TYR A 15 ? UNP A3FQ68 ? ? 'cloning artifact' 15 15 
1 2POE PHE A 16 ? UNP A3FQ68 ? ? 'cloning artifact' 16 16 
1 2POE GLN A 17 ? UNP A3FQ68 ? ? 'cloning artifact' 17 17 
1 2POE GLY A 18 ? UNP A3FQ68 ? ? 'cloning artifact' 18 18 
# 
loop_
_chem_comp.id 
_chem_comp.type 
_chem_comp.mon_nstd_flag 
_chem_comp.name 
_chem_comp.pdbx_synonyms 
_chem_comp.formula 
_chem_comp.formula_weight 
ALA 'L-peptide linking' y ALANINE         ? 'C3 H7 N O2'     89.093  
ARG 'L-peptide linking' y ARGININE        ? 'C6 H15 N4 O2 1' 175.209 
ASN 'L-peptide linking' y ASPARAGINE      ? 'C4 H8 N2 O3'    132.118 
ASP 'L-peptide linking' y 'ASPARTIC ACID' ? 'C4 H7 N O4'     133.103 
CYS 'L-peptide linking' y CYSTEINE        ? 'C3 H7 N O2 S'   121.158 
FMT non-polymer         . 'FORMIC ACID'   ? 'C H2 O2'        46.025  
GLN 'L-peptide linking' y GLUTAMINE       ? 'C5 H10 N2 O3'   146.144 
GLU 'L-peptide linking' y 'GLUTAMIC ACID' ? 'C5 H9 N O4'     147.129 
GLY 'peptide linking'   y GLYCINE         ? 'C2 H5 N O2'     75.067  
HIS 'L-peptide linking' y HISTIDINE       ? 'C6 H10 N3 O2 1' 156.162 
HOH non-polymer         . WATER           ? 'H2 O'           18.015  
ILE 'L-peptide linking' y ISOLEUCINE      ? 'C6 H13 N O2'    131.173 
LEU 'L-peptide linking' y LEUCINE         ? 'C6 H13 N O2'    131.173 
LYS 'L-peptide linking' y LYSINE          ? 'C6 H15 N2 O2 1' 147.195 
MET 'L-peptide linking' y METHIONINE      ? 'C5 H11 N O2 S'  149.211 
PHE 'L-peptide linking' y PHENYLALANINE   ? 'C9 H11 N O2'    165.189 
PRO 'L-peptide linking' y PROLINE         ? 'C5 H9 N O2'     115.130 
SER 'L-peptide linking' y SERINE          ? 'C3 H7 N O3'     105.093 
THR 'L-peptide linking' y THREONINE       ? 'C4 H9 N O3'     119.119 
TYR 'L-peptide linking' y TYROSINE        ? 'C9 H11 N O3'    181.189 
VAL 'L-peptide linking' y VALINE          ? 'C5 H11 N O2'    117.146 
# 
_exptl.crystals_number   1 
_exptl.entry_id          2POE 
_exptl.method            'X-RAY DIFFRACTION' 
# 
_exptl_crystal.id                    1 
_exptl_crystal.density_Matthews      3.53 
_exptl_crystal.density_meas          ? 
_exptl_crystal.density_percent_sol   65.20 
_exptl_crystal.description           ? 
_exptl_crystal.F_000                 ? 
_exptl_crystal.preparation           ? 
# 
_exptl_crystal_grow.crystal_id      1 
_exptl_crystal_grow.method          'VAPOR DIFFUSION, HANGING DROP' 
_exptl_crystal_grow.pH              7.0 
_exptl_crystal_grow.temp            293 
_exptl_crystal_grow.temp_details    ? 
_exptl_crystal_grow.pdbx_details    
'5% PEG 8000, 0.8 M Sodium formate, 10% PEG 1000, pH 7.0, VAPOR DIFFUSION, HANGING DROP, temperature 293K' 
_exptl_crystal_grow.pdbx_pH_range   . 
# 
_diffrn.id                     1 
_diffrn.ambient_temp           100 
_diffrn.ambient_temp_details   ? 
_diffrn.crystal_id             1 
# 
_diffrn_detector.diffrn_id              1 
_diffrn_detector.detector               'IMAGE PLATE' 
_diffrn_detector.type                   'RIGAKU RAXIS IV' 
_diffrn_detector.pdbx_collection_date   2007-04-08 
_diffrn_detector.details                ? 
# 
_diffrn_radiation.diffrn_id                        1 
_diffrn_radiation.wavelength_id                    1 
_diffrn_radiation.pdbx_diffrn_protocol             'SINGLE WAVELENGTH' 
_diffrn_radiation.monochromator                    ? 
_diffrn_radiation.pdbx_monochromatic_or_laue_m_l   M 
_diffrn_radiation.pdbx_scattering_type             x-ray 
# 
_diffrn_radiation_wavelength.id           1 
_diffrn_radiation_wavelength.wavelength   1.54178 
_diffrn_radiation_wavelength.wt           1.0 
# 
_diffrn_source.diffrn_id                   1 
_diffrn_source.source                      'ROTATING ANODE' 
_diffrn_source.type                        RIGAKU 
_diffrn_source.pdbx_wavelength             ? 
_diffrn_source.pdbx_wavelength_list        1.54178 
_diffrn_source.pdbx_synchrotron_site       ? 
_diffrn_source.pdbx_synchrotron_beamline   ? 
# 
_reflns.entry_id                     2POE 
_reflns.d_resolution_high            2.010 
_reflns.d_resolution_low             50.000 
_reflns.number_obs                   20702 
_reflns.pdbx_Rmerge_I_obs            0.055 
_reflns.pdbx_netI_over_sigmaI        17.900 
_reflns.pdbx_chi_squared             1.627 
_reflns.pdbx_redundancy              13.800 
_reflns.percent_possible_obs         99.900 
_reflns.observed_criterion_sigma_F   0 
_reflns.observed_criterion_sigma_I   0 
_reflns.number_all                   20722 
_reflns.pdbx_Rsym_value              0.044 
_reflns.B_iso_Wilson_estimate        ? 
_reflns.R_free_details               ? 
_reflns.limit_h_max                  ? 
_reflns.limit_h_min                  ? 
_reflns.limit_k_max                  ? 
_reflns.limit_k_min                  ? 
_reflns.limit_l_max                  ? 
_reflns.limit_l_min                  ? 
_reflns.observed_criterion_F_max     ? 
_reflns.observed_criterion_F_min     ? 
_reflns.pdbx_scaling_rejects         ? 
_reflns.pdbx_diffrn_id               1 
_reflns.pdbx_ordinal                 1 
# 
_reflns_shell.d_res_high             2.01 
_reflns_shell.d_res_low              2.08 
_reflns_shell.number_measured_obs    ? 
_reflns_shell.number_measured_all    ? 
_reflns_shell.number_unique_obs      ? 
_reflns_shell.Rmerge_I_obs           0.397 
_reflns_shell.meanI_over_sigI_obs    8.2 
_reflns_shell.pdbx_Rsym_value        0.328 
_reflns_shell.pdbx_chi_squared       1.185 
_reflns_shell.pdbx_redundancy        13.80 
_reflns_shell.percent_possible_obs   ? 
_reflns_shell.number_unique_all      2051 
_reflns_shell.percent_possible_all   100.00 
_reflns_shell.pdbx_diffrn_id         ? 
_reflns_shell.pdbx_ordinal           1 
# 
_refine.entry_id                                 2POE 
_refine.ls_d_res_high                            2.010 
_refine.ls_d_res_low                             33.220 
_refine.pdbx_ls_sigma_F                          0.00 
_refine.ls_percent_reflns_obs                    99.910 
_refine.ls_number_reflns_obs                     20697 
_refine.pdbx_ls_cross_valid_method               THROUGHOUT 
_refine.pdbx_R_Free_selection_details            RANDOM 
_refine.details                                  'HYDROGENS HAVE BEEN ADDED IN THE RIDING POSITIONS' 
_refine.ls_R_factor_obs                          0.207 
_refine.ls_R_factor_R_work                       0.205 
_refine.ls_R_factor_R_free                       0.252 
_refine.ls_percent_reflns_R_free                 5.100 
_refine.ls_number_reflns_R_free                  1058 
_refine.B_iso_mean                               34.170 
_refine.aniso_B[1][1]                            0.010 
_refine.aniso_B[2][2]                            0.010 
_refine.aniso_B[3][3]                            -0.010 
_refine.aniso_B[1][2]                            0.000 
_refine.aniso_B[1][3]                            0.000 
_refine.aniso_B[2][3]                            0.000 
_refine.correlation_coeff_Fo_to_Fc               0.950 
_refine.correlation_coeff_Fo_to_Fc_free          0.917 
_refine.pdbx_overall_ESU_R                       0.134 
_refine.pdbx_overall_ESU_R_Free                  0.138 
_refine.overall_SU_ML                            0.091 
_refine.overall_SU_B                             3.196 
_refine.solvent_model_details                    MASK 
_refine.pdbx_solvent_vdw_probe_radii             1.400 
_refine.pdbx_solvent_ion_probe_radii             0.800 
_refine.pdbx_solvent_shrinkage_radii             0.800 
_refine.pdbx_stereochemistry_target_values       'MAXIMUM LIKELIHOOD' 
_refine.pdbx_ls_sigma_I                          ? 
_refine.ls_number_reflns_all                     20697 
_refine.ls_R_factor_all                          0.207 
_refine.ls_redundancy_reflns_obs                 ? 
_refine.pdbx_data_cutoff_high_absF               ? 
_refine.pdbx_data_cutoff_low_absF                ? 
_refine.ls_number_parameters                     ? 
_refine.ls_number_restraints                     ? 
_refine.ls_R_factor_R_free_error                 ? 
_refine.ls_R_factor_R_free_error_details         ? 
_refine.pdbx_method_to_determine_struct          'MOLECULAR REPLACEMENT' 
_refine.pdbx_starting_model                      'PDB entry 2FU0' 
_refine.pdbx_stereochem_target_val_spec_case     ? 
_refine.solvent_model_param_bsol                 ? 
_refine.solvent_model_param_ksol                 ? 
_refine.occupancy_max                            ? 
_refine.occupancy_min                            ? 
_refine.pdbx_isotropic_thermal_model             ? 
_refine.B_iso_min                                ? 
_refine.B_iso_max                                ? 
_refine.overall_SU_R_Cruickshank_DPI             ? 
_refine.overall_SU_R_free                        ? 
_refine.pdbx_data_cutoff_high_rms_absF           ? 
_refine.ls_wR_factor_R_free                      ? 
_refine.ls_wR_factor_R_work                      ? 
_refine.overall_FOM_free_R_set                   ? 
_refine.overall_FOM_work_R_set                   ? 
_refine.pdbx_refine_id                           'X-RAY DIFFRACTION' 
_refine.pdbx_diffrn_id                           1 
_refine.pdbx_TLS_residual_ADP_flag               ? 
_refine.pdbx_overall_phase_error                 ? 
_refine.pdbx_overall_SU_R_free_Cruickshank_DPI   ? 
_refine.pdbx_overall_SU_R_Blow_DPI               ? 
_refine.pdbx_overall_SU_R_free_Blow_DPI          ? 
# 
_refine_hist.pdbx_refine_id                   'X-RAY DIFFRACTION' 
_refine_hist.cycle_id                         LAST 
_refine_hist.pdbx_number_atoms_protein        1274 
_refine_hist.pdbx_number_atoms_nucleic_acid   0 
_refine_hist.pdbx_number_atoms_ligand         0 
_refine_hist.number_atoms_solvent             140 
_refine_hist.number_atoms_total               1414 
_refine_hist.d_res_high                       2.010 
_refine_hist.d_res_low                        33.220 
# 
loop_
_refine_ls_restr.type 
_refine_ls_restr.number 
_refine_ls_restr.dev_ideal 
_refine_ls_restr.dev_ideal_target 
_refine_ls_restr.weight 
_refine_ls_restr.pdbx_refine_id 
_refine_ls_restr.pdbx_restraint_function 
r_bond_refined_d         1311 0.019  0.022  ? 'X-RAY DIFFRACTION' ? 
r_angle_refined_deg      1757 1.567  1.969  ? 'X-RAY DIFFRACTION' ? 
r_dihedral_angle_1_deg   160  6.406  5.000  ? 'X-RAY DIFFRACTION' ? 
r_dihedral_angle_2_deg   59   35.215 24.746 ? 'X-RAY DIFFRACTION' ? 
r_dihedral_angle_3_deg   228  16.117 15.000 ? 'X-RAY DIFFRACTION' ? 
r_dihedral_angle_4_deg   4    5.518  15.000 ? 'X-RAY DIFFRACTION' ? 
r_chiral_restr           185  0.116  0.200  ? 'X-RAY DIFFRACTION' ? 
r_gen_planes_refined     987  0.007  0.020  ? 'X-RAY DIFFRACTION' ? 
r_nbd_refined            572  0.217  0.200  ? 'X-RAY DIFFRACTION' ? 
r_nbtor_refined          891  0.311  0.200  ? 'X-RAY DIFFRACTION' ? 
r_xyhbond_nbd_refined    114  0.128  0.200  ? 'X-RAY DIFFRACTION' ? 
r_symmetry_vdw_refined   24   0.236  0.200  ? 'X-RAY DIFFRACTION' ? 
r_symmetry_hbond_refined 9    0.350  0.200  ? 'X-RAY DIFFRACTION' ? 
r_mcbond_it              835  1.187  1.500  ? 'X-RAY DIFFRACTION' ? 
r_mcangle_it             1286 2.012  2.000  ? 'X-RAY DIFFRACTION' ? 
r_scbond_it              544  2.776  3.000  ? 'X-RAY DIFFRACTION' ? 
r_scangle_it             471  4.177  4.500  ? 'X-RAY DIFFRACTION' ? 
# 
_refine_ls_shell.d_res_high                       2.010 
_refine_ls_shell.d_res_low                        2.062 
_refine_ls_shell.pdbx_total_number_of_bins_used   20 
_refine_ls_shell.percent_reflns_obs               99.540 
_refine_ls_shell.number_reflns_R_work             1423 
_refine_ls_shell.R_factor_all                     ? 
_refine_ls_shell.R_factor_R_work                  0.264 
_refine_ls_shell.R_factor_R_free                  0.320 
_refine_ls_shell.percent_reflns_R_free            ? 
_refine_ls_shell.number_reflns_R_free             79 
_refine_ls_shell.R_factor_R_free_error            ? 
_refine_ls_shell.number_reflns_all                ? 
_refine_ls_shell.number_reflns_obs                1502 
_refine_ls_shell.redundancy_reflns_obs            ? 
_refine_ls_shell.pdbx_refine_id                   'X-RAY DIFFRACTION' 
# 
_struct.entry_id                  2POE 
_struct.title                     
'Crystal structure of Cryptosporidium parvum cyclophilin type peptidyl-prolyl cis-trans isomerase cgd2_1660' 
_struct.pdbx_model_details        ? 
_struct.pdbx_CASP_flag            N 
_struct.pdbx_model_type_details   ? 
# 
_struct_keywords.entry_id        2POE 
_struct_keywords.pdbx_keywords   ISOMERASE 
_struct_keywords.text            
'Cryptosporidium parvum cyclophilin isomerase, Structural Genomics, Structural Genomics Consortium, SGC, ISOMERASE' 
# 
loop_
_struct_asym.id 
_struct_asym.pdbx_blank_PDB_chainid_flag 
_struct_asym.pdbx_modified 
_struct_asym.entity_id 
_struct_asym.details 
A N N 1 ? 
B N N 2 ? 
C N N 2 ? 
D N N 2 ? 
E N N 2 ? 
F N N 3 ? 
# 
loop_
_struct_conf.conf_type_id 
_struct_conf.id 
_struct_conf.pdbx_PDB_helix_id 
_struct_conf.beg_label_comp_id 
_struct_conf.beg_label_asym_id 
_struct_conf.beg_label_seq_id 
_struct_conf.pdbx_beg_PDB_ins_code 
_struct_conf.end_label_comp_id 
_struct_conf.end_label_asym_id 
_struct_conf.end_label_seq_id 
_struct_conf.pdbx_end_PDB_ins_code 
_struct_conf.beg_auth_comp_id 
_struct_conf.beg_auth_asym_id 
_struct_conf.beg_auth_seq_id 
_struct_conf.end_auth_comp_id 
_struct_conf.end_auth_asym_id 
_struct_conf.end_auth_seq_id 
_struct_conf.pdbx_PDB_helix_class 
_struct_conf.details 
_struct_conf.pdbx_PDB_helix_length 
HELX_P HELX_P1 1 CYS A 37  ? SER A 50  ? CYS A 37  SER A 50  1 ? 14 
HELX_P HELX_P2 2 LEU A 128 ? ASN A 132 ? LEU A 128 ASN A 132 5 ? 5  
HELX_P HELX_P3 3 GLY A 144 ? CYS A 154 ? GLY A 144 CYS A 154 1 ? 11 
# 
_struct_conf_type.id          HELX_P 
_struct_conf_type.criteria    ? 
_struct_conf_type.reference   ? 
# 
_struct_sheet.id               A 
_struct_sheet.type             ? 
_struct_sheet.number_strands   9 
_struct_sheet.details          ? 
# 
loop_
_struct_sheet_order.sheet_id 
_struct_sheet_order.range_id_1 
_struct_sheet_order.range_id_2 
_struct_sheet_order.offset 
_struct_sheet_order.sense 
A 1 2 ? anti-parallel 
A 2 3 ? anti-parallel 
A 3 4 ? anti-parallel 
A 4 5 ? anti-parallel 
A 5 6 ? anti-parallel 
A 6 7 ? anti-parallel 
A 7 8 ? anti-parallel 
A 8 9 ? anti-parallel 
# 
loop_
_struct_sheet_range.sheet_id 
_struct_sheet_range.id 
_struct_sheet_range.beg_label_comp_id 
_struct_sheet_range.beg_label_asym_id 
_struct_sheet_range.beg_label_seq_id 
_struct_sheet_range.pdbx_beg_PDB_ins_code 
_struct_sheet_range.end_label_comp_id 
_struct_sheet_range.end_label_asym_id 
_struct_sheet_range.end_label_seq_id 
_struct_sheet_range.pdbx_end_PDB_ins_code 
_struct_sheet_range.beg_auth_comp_id 
_struct_sheet_range.beg_auth_asym_id 
_struct_sheet_range.beg_auth_seq_id 
_struct_sheet_range.end_auth_comp_id 
_struct_sheet_range.end_auth_asym_id 
_struct_sheet_range.end_auth_seq_id 
A 1 GLY A 18  ? THR A 23  ? GLY A 18  THR A 23  
A 2 GLY A 26  ? LEU A 32  ? GLY A 26  LEU A 32  
A 3 ILE A 137 ? ASP A 143 ? ILE A 137 ASP A 143 
A 4 ILE A 102 ? MET A 105 ? ILE A 102 MET A 105 
A 5 PHE A 121 ? THR A 124 ? PHE A 121 THR A 124 
A 6 ILE A 66  ? GLY A 69  ? ILE A 66  GLY A 69  
A 7 THR A 56  ? ASN A 61  ? THR A 56  ASN A 61  
A 8 ILE A 167 ? HIS A 174 ? ILE A 167 HIS A 174 
A 9 GLY A 18  ? THR A 23  ? GLY A 18  THR A 23  
# 
loop_
_pdbx_struct_sheet_hbond.sheet_id 
_pdbx_struct_sheet_hbond.range_id_1 
_pdbx_struct_sheet_hbond.range_id_2 
_pdbx_struct_sheet_hbond.range_1_label_atom_id 
_pdbx_struct_sheet_hbond.range_1_label_comp_id 
_pdbx_struct_sheet_hbond.range_1_label_asym_id 
_pdbx_struct_sheet_hbond.range_1_label_seq_id 
_pdbx_struct_sheet_hbond.range_1_PDB_ins_code 
_pdbx_struct_sheet_hbond.range_1_auth_atom_id 
_pdbx_struct_sheet_hbond.range_1_auth_comp_id 
_pdbx_struct_sheet_hbond.range_1_auth_asym_id 
_pdbx_struct_sheet_hbond.range_1_auth_seq_id 
_pdbx_struct_sheet_hbond.range_2_label_atom_id 
_pdbx_struct_sheet_hbond.range_2_label_comp_id 
_pdbx_struct_sheet_hbond.range_2_label_asym_id 
_pdbx_struct_sheet_hbond.range_2_label_seq_id 
_pdbx_struct_sheet_hbond.range_2_PDB_ins_code 
_pdbx_struct_sheet_hbond.range_2_auth_atom_id 
_pdbx_struct_sheet_hbond.range_2_auth_comp_id 
_pdbx_struct_sheet_hbond.range_2_auth_asym_id 
_pdbx_struct_sheet_hbond.range_2_auth_seq_id 
A 1 2 N ILE A 21  ? N ILE A 21  O LEU A 28  ? O LEU A 28  
A 2 3 N LYS A 29  ? N LYS A 29  O ILE A 142 ? O ILE A 142 
A 3 4 O PHE A 138 ? O PHE A 138 N LEU A 103 ? N LEU A 103 
A 4 5 N SER A 104 ? N SER A 104 O PHE A 122 ? O PHE A 122 
A 5 6 O ILE A 123 ? O ILE A 123 N ILE A 67  ? N ILE A 67  
A 6 7 O GLN A 68  ? O GLN A 68  N LYS A 60  ? N LYS A 60  
A 7 8 N THR A 56  ? N THR A 56  O ILE A 168 ? O ILE A 168 
A 8 9 O LYS A 169 ? O LYS A 169 N ILE A 22  ? N ILE A 22  
# 
loop_
_struct_site.id 
_struct_site.pdbx_evidence_code 
_struct_site.pdbx_auth_asym_id 
_struct_site.pdbx_auth_comp_id 
_struct_site.pdbx_auth_seq_id 
_struct_site.pdbx_auth_ins_code 
_struct_site.pdbx_num_residues 
_struct_site.details 
AC1 Software A FMT 201 ? 5 'BINDING SITE FOR RESIDUE FMT A 201' 
AC2 Software A FMT 202 ? 3 'BINDING SITE FOR RESIDUE FMT A 202' 
AC3 Software A FMT 203 ? 4 'BINDING SITE FOR RESIDUE FMT A 203' 
AC4 Software A FMT 204 ? 3 'BINDING SITE FOR RESIDUE FMT A 204' 
# 
loop_
_struct_site_gen.id 
_struct_site_gen.site_id 
_struct_site_gen.pdbx_num_res 
_struct_site_gen.label_comp_id 
_struct_site_gen.label_asym_id 
_struct_site_gen.label_seq_id 
_struct_site_gen.pdbx_auth_ins_code 
_struct_site_gen.auth_comp_id 
_struct_site_gen.auth_asym_id 
_struct_site_gen.auth_seq_id 
_struct_site_gen.label_atom_id 
_struct_site_gen.label_alt_id 
_struct_site_gen.symmetry 
_struct_site_gen.details 
1  AC1 5 GLU A 94  ? GLU A 94  . ? 1_555 ? 
2  AC1 5 LYS A 96  ? LYS A 96  . ? 1_555 ? 
3  AC1 5 ASP A 98  ? ASP A 98  . ? 1_555 ? 
4  AC1 5 ILE A 102 ? ILE A 102 . ? 1_555 ? 
5  AC1 5 HOH F .   ? HOH A 256 . ? 1_555 ? 
6  AC2 3 LYS A 39  ? LYS A 39  . ? 1_555 ? 
7  AC2 3 ASP A 88  ? ASP A 88  . ? 1_555 ? 
8  AC2 3 ASP A 89  ? ASP A 89  . ? 1_555 ? 
9  AC3 4 GLN A 68  ? GLN A 68  . ? 1_555 ? 
10 AC3 4 PHE A 122 ? PHE A 122 . ? 1_555 ? 
11 AC3 4 HOH F .   ? HOH A 247 . ? 1_555 ? 
12 AC3 4 HOH F .   ? HOH A 327 . ? 1_555 ? 
13 AC4 3 PHE A 16  ? PHE A 16  . ? 1_555 ? 
14 AC4 3 GLN A 36  ? GLN A 36  . ? 1_555 ? 
15 AC4 3 HOH F .   ? HOH A 296 . ? 1_555 ? 
# 
_atom_sites.entry_id                    2POE 
_atom_sites.fract_transf_matrix[1][1]   0.00440052 
_atom_sites.fract_transf_matrix[1][2]   0.01199522 
_atom_sites.fract_transf_matrix[1][3]   -0.00685778 
_atom_sites.fract_transf_matrix[2][1]   -0.01018205 
_atom_sites.fract_transf_matrix[2][2]   -0.00205001 
_atom_sites.fract_transf_matrix[2][3]   -0.01011941 
_atom_sites.fract_transf_matrix[3][1]   -0.00518896 
_atom_sites.fract_transf_matrix[3][2]   0.00438113 
_atom_sites.fract_transf_matrix[3][3]   0.00433354 
_atom_sites.fract_transf_vector[1]      0.201547 
_atom_sites.fract_transf_vector[2]      -0.281972 
_atom_sites.fract_transf_vector[3]      -0.127476 
# 
loop_
_atom_type.symbol 
C 
N 
O 
S 
# 
loop_
_atom_site.group_PDB 
_atom_site.id 
_atom_site.type_symbol 
_atom_site.label_atom_id 
_atom_site.label_alt_id 
_atom_site.label_comp_id 
_atom_site.label_asym_id 
_atom_site.label_entity_id 
_atom_site.label_seq_id 
_atom_site.pdbx_PDB_ins_code 
_atom_site.Cartn_x 
_atom_site.Cartn_y 
_atom_site.Cartn_z 
_atom_site.occupancy 
_atom_site.B_iso_or_equiv 
_atom_site.pdbx_formal_charge 
_atom_site.auth_seq_id 
_atom_site.auth_comp_id 
_atom_site.auth_asym_id 
_atom_site.auth_atom_id 
_atom_site.pdbx_PDB_model_num 
ATOM   1    N N   . TYR A 1 15  ? 16.013  -13.370 -4.856  1.00 55.19 ? 15  TYR A N   1 
ATOM   2    C CA  . TYR A 1 15  ? 14.719  -12.857 -5.426  1.00 53.97 ? 15  TYR A CA  1 
ATOM   3    C C   . TYR A 1 15  ? 14.224  -11.506 -4.837  1.00 53.54 ? 15  TYR A C   1 
ATOM   4    O O   . TYR A 1 15  ? 14.562  -10.392 -5.368  1.00 53.86 ? 15  TYR A O   1 
ATOM   5    C CB  . TYR A 1 15  ? 13.628  -13.923 -5.269  1.00 54.45 ? 15  TYR A CB  1 
ATOM   6    N N   . PHE A 1 16  ? 13.474  -11.610 -3.724  1.00 51.11 ? 16  PHE A N   1 
ATOM   7    C CA  . PHE A 1 16  ? 12.503  -10.563 -3.310  1.00 48.52 ? 16  PHE A CA  1 
ATOM   8    C C   . PHE A 1 16  ? 13.036  -9.142  -3.214  1.00 44.81 ? 16  PHE A C   1 
ATOM   9    O O   . PHE A 1 16  ? 13.925  -8.843  -2.394  1.00 46.36 ? 16  PHE A O   1 
ATOM   10   C CB  . PHE A 1 16  ? 11.821  -10.938 -2.007  1.00 50.01 ? 16  PHE A CB  1 
ATOM   11   C CG  . PHE A 1 16  ? 10.925  -12.167 -2.109  1.00 54.29 ? 16  PHE A CG  1 
ATOM   12   C CD1 . PHE A 1 16  ? 10.280  -12.665 -0.963  1.00 54.56 ? 16  PHE A CD1 1 
ATOM   13   C CD2 . PHE A 1 16  ? 10.737  -12.829 -3.347  1.00 54.62 ? 16  PHE A CD2 1 
ATOM   14   C CE1 . PHE A 1 16  ? 9.480   -13.786 -1.045  1.00 55.32 ? 16  PHE A CE1 1 
ATOM   15   C CE2 . PHE A 1 16  ? 9.940   -13.931 -3.433  1.00 54.59 ? 16  PHE A CE2 1 
ATOM   16   C CZ  . PHE A 1 16  ? 9.310   -14.425 -2.288  1.00 54.88 ? 16  PHE A CZ  1 
ATOM   17   N N   . GLN A 1 17  ? 12.469  -8.258  -4.019  1.00 38.70 ? 17  GLN A N   1 
ATOM   18   C CA  . GLN A 1 17  ? 12.962  -6.882  -4.126  1.00 33.08 ? 17  GLN A CA  1 
ATOM   19   C C   . GLN A 1 17  ? 12.513  -5.974  -3.016  1.00 31.02 ? 17  GLN A C   1 
ATOM   20   O O   . GLN A 1 17  ? 11.500  -6.220  -2.388  1.00 28.95 ? 17  GLN A O   1 
ATOM   21   C CB  . GLN A 1 17  ? 12.464  -6.279  -5.427  1.00 31.67 ? 17  GLN A CB  1 
ATOM   22   C CG  . GLN A 1 17  ? 13.127  -6.904  -6.527  1.00 29.87 ? 17  GLN A CG  1 
ATOM   23   C CD  . GLN A 1 17  ? 12.729  -6.311  -7.832  1.00 25.60 ? 17  GLN A CD  1 
ATOM   24   O OE1 . GLN A 1 17  ? 12.929  -5.149  -8.223  1.00 34.03 ? 17  GLN A OE1 1 
ATOM   25   N NE2 . GLN A 1 17  ? 12.251  -7.077  -8.486  1.00 12.10 ? 17  GLN A NE2 1 
ATOM   26   N N   . GLY A 1 18  ? 13.236  -4.879  -2.826  1.00 29.46 ? 18  GLY A N   1 
ATOM   27   C CA  . GLY A 1 18  ? 12.804  -3.861  -1.867  1.00 29.39 ? 18  GLY A CA  1 
ATOM   28   C C   . GLY A 1 18  ? 12.419  -2.596  -2.592  1.00 28.64 ? 18  GLY A C   1 
ATOM   29   O O   . GLY A 1 18  ? 13.011  -2.276  -3.606  1.00 28.15 ? 18  GLY A O   1 
ATOM   30   N N   . VAL A 1 19  ? 11.437  -1.878  -2.051  1.00 28.64 ? 19  VAL A N   1 
ATOM   31   C CA  . VAL A 1 19  ? 11.048  -0.528  -2.522  1.00 28.19 ? 19  VAL A CA  1 
ATOM   32   C C   . VAL A 1 19  ? 11.074  0.433   -1.324  1.00 29.42 ? 19  VAL A C   1 
ATOM   33   O O   . VAL A 1 19  ? 10.981  0.018   -0.169  1.00 29.83 ? 19  VAL A O   1 
ATOM   34   C CB  . VAL A 1 19  ? 9.634   -0.479  -3.171  1.00 27.91 ? 19  VAL A CB  1 
ATOM   35   C CG1 . VAL A 1 19  ? 9.629   -1.332  -4.464  1.00 28.21 ? 19  VAL A CG1 1 
ATOM   36   C CG2 . VAL A 1 19  ? 8.543   -0.994  -2.201  1.00 27.94 ? 19  VAL A CG2 1 
ATOM   37   N N   . ARG A 1 20  ? 11.182  1.712   -1.608  1.00 29.27 ? 20  ARG A N   1 
ATOM   38   C CA  . ARG A 1 20  ? 11.102  2.727   -0.592  1.00 31.06 ? 20  ARG A CA  1 
ATOM   39   C C   . ARG A 1 20  ? 10.017  3.704   -0.986  1.00 30.50 ? 20  ARG A C   1 
ATOM   40   O O   . ARG A 1 20  ? 10.062  4.300   -2.070  1.00 30.90 ? 20  ARG A O   1 
ATOM   41   C CB  . ARG A 1 20  ? 12.477  3.379   -0.493  1.00 30.94 ? 20  ARG A CB  1 
ATOM   42   C CG  . ARG A 1 20  ? 12.705  4.334   0.655   1.00 36.71 ? 20  ARG A CG  1 
ATOM   43   C CD  . ARG A 1 20  ? 14.250  4.442   0.921   1.00 40.66 ? 20  ARG A CD  1 
ATOM   44   N NE  . ARG A 1 20  ? 15.016  4.614   -0.317  1.00 44.32 ? 20  ARG A NE  1 
ATOM   45   C CZ  . ARG A 1 20  ? 15.261  5.785   -0.903  1.00 47.03 ? 20  ARG A CZ  1 
ATOM   46   N NH1 . ARG A 1 20  ? 15.959  5.825   -2.025  1.00 49.13 ? 20  ARG A NH1 1 
ATOM   47   N NH2 . ARG A 1 20  ? 14.826  6.924   -0.372  1.00 49.72 ? 20  ARG A NH2 1 
ATOM   48   N N   . ILE A 1 21  ? 9.030   3.858   -0.113  1.00 29.96 ? 21  ILE A N   1 
ATOM   49   C CA  . ILE A 1 21  ? 8.022   4.876   -0.261  1.00 29.85 ? 21  ILE A CA  1 
ATOM   50   C C   . ILE A 1 21  ? 8.555   6.127   0.455   1.00 30.93 ? 21  ILE A C   1 
ATOM   51   O O   . ILE A 1 21  ? 8.793   6.110   1.663   1.00 31.50 ? 21  ILE A O   1 
ATOM   52   C CB  . ILE A 1 21  ? 6.659   4.459   0.327   1.00 29.85 ? 21  ILE A CB  1 
ATOM   53   C CG1 . ILE A 1 21  ? 6.149   3.170   -0.357  1.00 28.57 ? 21  ILE A CG1 1 
ATOM   54   C CG2 . ILE A 1 21  ? 5.630   5.610   0.138   1.00 28.12 ? 21  ILE A CG2 1 
ATOM   55   C CD1 . ILE A 1 21  ? 4.718   2.794   0.039   1.00 29.03 ? 21  ILE A CD1 1 
ATOM   56   N N   . ILE A 1 22  ? 8.786   7.182   -0.320  1.00 31.62 ? 22  ILE A N   1 
ATOM   57   C CA  . ILE A 1 22  ? 9.361   8.426   0.192   1.00 32.17 ? 22  ILE A CA  1 
ATOM   58   C C   . ILE A 1 22  ? 8.195   9.367   0.449   1.00 31.89 ? 22  ILE A C   1 
ATOM   59   O O   . ILE A 1 22  ? 7.511   9.763   -0.480  1.00 31.42 ? 22  ILE A O   1 
ATOM   60   C CB  . ILE A 1 22  ? 10.340  9.060   -0.843  1.00 32.06 ? 22  ILE A CB  1 
ATOM   61   C CG1 . ILE A 1 22  ? 11.459  8.078   -1.213  1.00 31.36 ? 22  ILE A CG1 1 
ATOM   62   C CG2 . ILE A 1 22  ? 10.927  10.409  -0.300  1.00 32.56 ? 22  ILE A CG2 1 
ATOM   63   C CD1 . ILE A 1 22  ? 12.216  8.435   -2.532  1.00 33.25 ? 22  ILE A CD1 1 
ATOM   64   N N   . THR A 1 23  ? 7.963   9.701   1.718   1.00 32.54 ? 23  THR A N   1 
ATOM   65   C CA  . THR A 1 23  ? 6.866   10.587  2.113   1.00 33.55 ? 23  THR A CA  1 
ATOM   66   C C   . THR A 1 23  ? 7.401   11.895  2.755   1.00 34.37 ? 23  THR A C   1 
ATOM   67   O O   . THR A 1 23  ? 8.585   11.979  3.145   1.00 34.17 ? 23  THR A O   1 
ATOM   68   C CB  . THR A 1 23  ? 5.870   9.931   3.142   1.00 33.82 ? 23  THR A CB  1 
ATOM   69   O OG1 . THR A 1 23  ? 6.418   10.029  4.472   1.00 31.74 ? 23  THR A OG1 1 
ATOM   70   C CG2 . THR A 1 23  ? 5.583   8.456   2.806   1.00 32.90 ? 23  THR A CG2 1 
ATOM   71   N N   . ASN A 1 24  ? 6.503   12.876  2.893   1.00 35.85 ? 24  ASN A N   1 
ATOM   72   C CA  . ASN A 1 24  ? 6.830   14.121  3.617   1.00 37.75 ? 24  ASN A CA  1 
ATOM   73   C C   . ASN A 1 24  ? 7.061   13.943  5.118   1.00 38.50 ? 24  ASN A C   1 
ATOM   74   O O   . ASN A 1 24  ? 7.389   14.921  5.812   1.00 39.19 ? 24  ASN A O   1 
ATOM   75   C CB  . ASN A 1 24  ? 5.849   15.278  3.295   1.00 37.21 ? 24  ASN A CB  1 
ATOM   76   C CG  . ASN A 1 24  ? 4.411   14.972  3.648   1.00 37.59 ? 24  ASN A CG  1 
ATOM   77   O OD1 . ASN A 1 24  ? 3.997   13.814  3.760   1.00 34.84 ? 24  ASN A OD1 1 
ATOM   78   N ND2 . ASN A 1 24  ? 3.614   16.023  3.770   1.00 36.52 ? 24  ASN A ND2 1 
ATOM   79   N N   . TYR A 1 25  ? 6.928   12.701  5.619   1.00 38.46 ? 25  TYR A N   1 
ATOM   80   C CA  . TYR A 1 25  ? 7.248   12.384  7.019   1.00 38.63 ? 25  TYR A CA  1 
ATOM   81   C C   . TYR A 1 25  ? 8.365   11.368  7.180   1.00 38.93 ? 25  TYR A C   1 
ATOM   82   O O   . TYR A 1 25  ? 8.574   10.833  8.288   1.00 40.18 ? 25  TYR A O   1 
ATOM   83   C CB  . TYR A 1 25  ? 6.018   11.895  7.786   1.00 39.92 ? 25  TYR A CB  1 
ATOM   84   C CG  . TYR A 1 25  ? 4.973   12.946  7.998   1.00 40.34 ? 25  TYR A CG  1 
ATOM   85   C CD1 . TYR A 1 25  ? 3.965   13.136  7.059   1.00 40.45 ? 25  TYR A CD1 1 
ATOM   86   C CD2 . TYR A 1 25  ? 4.990   13.763  9.141   1.00 41.36 ? 25  TYR A CD2 1 
ATOM   87   C CE1 . TYR A 1 25  ? 3.000   14.101  7.238   1.00 41.32 ? 25  TYR A CE1 1 
ATOM   88   C CE2 . TYR A 1 25  ? 4.018   14.751  9.324   1.00 41.48 ? 25  TYR A CE2 1 
ATOM   89   C CZ  . TYR A 1 25  ? 3.024   14.902  8.375   1.00 41.59 ? 25  TYR A CZ  1 
ATOM   90   O OH  . TYR A 1 25  ? 2.036   15.853  8.518   1.00 42.36 ? 25  TYR A OH  1 
ATOM   91   N N   . GLY A 1 26  ? 9.085   11.090  6.093   1.00 37.68 ? 26  GLY A N   1 
ATOM   92   C CA  . GLY A 1 26  ? 10.128  10.068  6.116   1.00 36.62 ? 26  GLY A CA  1 
ATOM   93   C C   . GLY A 1 26  ? 9.848   8.890   5.183   1.00 34.94 ? 26  GLY A C   1 
ATOM   94   O O   . GLY A 1 26  ? 8.825   8.849   4.493   1.00 35.25 ? 26  GLY A O   1 
ATOM   95   N N   . ASP A 1 27  ? 10.783  7.953   5.166   1.00 34.04 ? 27  ASP A N   1 
ATOM   96   C CA  . ASP A 1 27  ? 10.779  6.858   4.223   1.00 33.74 ? 27  ASP A CA  1 
ATOM   97   C C   . ASP A 1 27  ? 10.292  5.564   4.854   1.00 33.15 ? 27  ASP A C   1 
ATOM   98   O O   . ASP A 1 27  ? 10.590  5.283   6.014   1.00 32.85 ? 27  ASP A O   1 
ATOM   99   C CB  . ASP A 1 27  ? 12.178  6.628   3.670   1.00 34.59 ? 27  ASP A CB  1 
ATOM   100  C CG  . ASP A 1 27  ? 12.652  7.778   2.796   1.00 35.21 ? 27  ASP A CG  1 
ATOM   101  O OD1 . ASP A 1 27  ? 11.896  8.750   2.635   1.00 36.46 ? 27  ASP A OD1 1 
ATOM   102  O OD2 . ASP A 1 27  ? 13.777  7.688   2.278   1.00 38.08 ? 27  ASP A OD2 1 
ATOM   103  N N   . LEU A 1 28  ? 9.550   4.794   4.056   1.00 30.82 ? 28  LEU A N   1 
ATOM   104  C CA  . LEU A 1 28  ? 9.105   3.452   4.416   1.00 29.30 ? 28  LEU A CA  1 
ATOM   105  C C   . LEU A 1 28  ? 9.753   2.464   3.448   1.00 29.02 ? 28  LEU A C   1 
ATOM   106  O O   . LEU A 1 28  ? 9.642   2.648   2.231   1.00 29.97 ? 28  LEU A O   1 
ATOM   107  C CB  . LEU A 1 28  ? 7.585   3.394   4.262   1.00 28.01 ? 28  LEU A CB  1 
ATOM   108  C CG  . LEU A 1 28  ? 6.813   4.369   5.154   1.00 28.85 ? 28  LEU A CG  1 
ATOM   109  C CD1 . LEU A 1 28  ? 5.405   4.524   4.683   1.00 30.77 ? 28  LEU A CD1 1 
ATOM   110  C CD2 . LEU A 1 28  ? 6.845   3.879   6.615   1.00 30.36 ? 28  LEU A CD2 1 
ATOM   111  N N   . LYS A 1 29  ? 10.418  1.441   3.967   1.00 28.61 ? 29  LYS A N   1 
ATOM   112  C CA  . LYS A 1 29  ? 11.022  0.421   3.137   1.00 28.42 ? 29  LYS A CA  1 
ATOM   113  C C   . LYS A 1 29  ? 10.282  -0.922  3.261   1.00 28.77 ? 29  LYS A C   1 
ATOM   114  O O   . LYS A 1 29  ? 10.106  -1.433  4.369   1.00 26.94 ? 29  LYS A O   1 
ATOM   115  C CB  . LYS A 1 29  ? 12.493  0.221   3.482   1.00 28.89 ? 29  LYS A CB  1 
ATOM   116  C CG  . LYS A 1 29  ? 13.235  -0.518  2.385   1.00 30.84 ? 29  LYS A CG  1 
ATOM   117  C CD  . LYS A 1 29  ? 14.484  -1.226  2.896   1.00 36.06 ? 29  LYS A CD  1 
ATOM   118  C CE  . LYS A 1 29  ? 15.672  -0.314  3.100   1.00 43.15 ? 29  LYS A CE  1 
ATOM   119  N NZ  . LYS A 1 29  ? 16.936  -1.146  3.204   1.00 48.04 ? 29  LYS A NZ  1 
ATOM   120  N N   . PHE A 1 30  ? 9.872   -1.469  2.120   1.00 26.78 ? 30  PHE A N   1 
ATOM   121  C CA  . PHE A 1 30  ? 9.087   -2.708  2.051   1.00 27.04 ? 30  PHE A CA  1 
ATOM   122  C C   . PHE A 1 30  ? 9.830   -3.773  1.295   1.00 26.84 ? 30  PHE A C   1 
ATOM   123  O O   . PHE A 1 30  ? 10.528  -3.500  0.297   1.00 27.33 ? 30  PHE A O   1 
ATOM   124  C CB  . PHE A 1 30  ? 7.764   -2.459  1.337   1.00 26.07 ? 30  PHE A CB  1 
ATOM   125  C CG  . PHE A 1 30  ? 6.813   -1.632  2.115   1.00 26.59 ? 30  PHE A CG  1 
ATOM   126  C CD1 . PHE A 1 30  ? 6.824   -0.230  1.989   1.00 24.49 ? 30  PHE A CD1 1 
ATOM   127  C CD2 . PHE A 1 30  ? 5.890   -2.225  2.966   1.00 24.40 ? 30  PHE A CD2 1 
ATOM   128  C CE1 . PHE A 1 30  ? 5.939   0.558   2.745   1.00 22.74 ? 30  PHE A CE1 1 
ATOM   129  C CE2 . PHE A 1 30  ? 4.974   -1.444  3.708   1.00 24.57 ? 30  PHE A CE2 1 
ATOM   130  C CZ  . PHE A 1 30  ? 5.016   -0.031  3.596   1.00 25.17 ? 30  PHE A CZ  1 
ATOM   131  N N   . GLU A 1 31  ? 9.723   -5.000  1.772   1.00 26.55 ? 31  GLU A N   1 
ATOM   132  C CA  . GLU A 1 31  ? 10.133  -6.109  0.961   1.00 25.50 ? 31  GLU A CA  1 
ATOM   133  C C   . GLU A 1 31  ? 8.886   -6.562  0.165   1.00 24.11 ? 31  GLU A C   1 
ATOM   134  O O   . GLU A 1 31  ? 7.799   -6.662  0.737   1.00 23.64 ? 31  GLU A O   1 
ATOM   135  C CB  . GLU A 1 31  ? 10.666  -7.216  1.858   1.00 26.00 ? 31  GLU A CB  1 
ATOM   136  C CG  . GLU A 1 31  ? 10.940  -8.528  1.109   1.00 30.50 ? 31  GLU A CG  1 
ATOM   137  C CD  . GLU A 1 31  ? 11.192  -9.678  2.090   1.00 39.68 ? 31  GLU A CD  1 
ATOM   138  O OE1 . GLU A 1 31  ? 11.997  -9.500  3.051   1.00 42.17 ? 31  GLU A OE1 1 
ATOM   139  O OE2 . GLU A 1 31  ? 10.578  -10.741 1.895   1.00 42.93 ? 31  GLU A OE2 1 
ATOM   140  N N   . LEU A 1 32  ? 9.033   -6.829  -1.138  1.00 22.44 ? 32  LEU A N   1 
ATOM   141  C CA  . LEU A 1 32  ? 7.902   -7.280  -1.949  1.00 22.93 ? 32  LEU A CA  1 
ATOM   142  C C   . LEU A 1 32  ? 7.964   -8.794  -2.114  1.00 22.66 ? 32  LEU A C   1 
ATOM   143  O O   . LEU A 1 32  ? 9.046   -9.341  -2.258  1.00 23.30 ? 32  LEU A O   1 
ATOM   144  C CB  . LEU A 1 32  ? 7.970   -6.645  -3.370  1.00 23.00 ? 32  LEU A CB  1 
ATOM   145  C CG  . LEU A 1 32  ? 7.878   -5.111  -3.416  1.00 24.44 ? 32  LEU A CG  1 
ATOM   146  C CD1 . LEU A 1 32  ? 7.785   -4.656  -4.902  1.00 27.55 ? 32  LEU A CD1 1 
ATOM   147  C CD2 . LEU A 1 32  ? 6.719   -4.585  -2.576  1.00 23.90 ? 32  LEU A CD2 1 
ATOM   148  N N   . PHE A 1 33  ? 6.800   -9.438  -2.158  1.00 22.63 ? 33  PHE A N   1 
ATOM   149  C CA  . PHE A 1 33  ? 6.693   -10.893 -2.274  1.00 22.42 ? 33  PHE A CA  1 
ATOM   150  C C   . PHE A 1 33  ? 6.625   -11.312 -3.754  1.00 21.78 ? 33  PHE A C   1 
ATOM   151  O O   . PHE A 1 33  ? 5.575   -11.739 -4.252  1.00 21.67 ? 33  PHE A O   1 
ATOM   152  C CB  . PHE A 1 33  ? 5.481   -11.395 -1.446  1.00 21.37 ? 33  PHE A CB  1 
ATOM   153  C CG  . PHE A 1 33  ? 5.528   -11.005 0.053   1.00 22.20 ? 33  PHE A CG  1 
ATOM   154  C CD1 . PHE A 1 33  ? 4.353   -10.655 0.734   1.00 20.51 ? 33  PHE A CD1 1 
ATOM   155  C CD2 . PHE A 1 33  ? 6.738   -10.985 0.765   1.00 24.71 ? 33  PHE A CD2 1 
ATOM   156  C CE1 . PHE A 1 33  ? 4.397   -10.278 2.100   1.00 24.22 ? 33  PHE A CE1 1 
ATOM   157  C CE2 . PHE A 1 33  ? 6.790   -10.620 2.118   1.00 27.69 ? 33  PHE A CE2 1 
ATOM   158  C CZ  . PHE A 1 33  ? 5.598   -10.284 2.792   1.00 23.61 ? 33  PHE A CZ  1 
ATOM   159  N N   . CYS A 1 34  ? 7.758   -11.154 -4.444  1.00 23.10 ? 34  CYS A N   1 
ATOM   160  C CA  . CYS A 1 34  ? 7.865   -11.372 -5.898  1.00 23.52 ? 34  CYS A CA  1 
ATOM   161  C C   . CYS A 1 34  ? 7.338   -12.733 -6.373  1.00 23.65 ? 34  CYS A C   1 
ATOM   162  O O   . CYS A 1 34  ? 6.512   -12.788 -7.286  1.00 22.10 ? 34  CYS A O   1 
ATOM   163  C CB  . CYS A 1 34  ? 9.314   -11.156 -6.394  1.00 22.72 ? 34  CYS A CB  1 
ATOM   164  S SG  . CYS A 1 34  ? 10.033  -9.549  -6.008  1.00 26.59 ? 34  CYS A SG  1 
ATOM   165  N N   . SER A 1 35  ? 7.832   -13.813 -5.757  1.00 23.33 ? 35  SER A N   1 
ATOM   166  C CA  . SER A 1 35  ? 7.475   -15.194 -6.131  1.00 24.95 ? 35  SER A CA  1 
ATOM   167  C C   . SER A 1 35  ? 6.029   -15.473 -5.983  1.00 23.21 ? 35  SER A C   1 
ATOM   168  O O   . SER A 1 35  ? 5.468   -16.188 -6.795  1.00 23.35 ? 35  SER A O   1 
ATOM   169  C CB  . SER A 1 35  ? 8.147   -16.244 -5.172  1.00 25.33 ? 35  SER A CB  1 
ATOM   170  O OG  . SER A 1 35  ? 9.523   -16.044 -5.162  1.00 34.02 ? 35  SER A OG  1 
ATOM   171  N N   . GLN A 1 36  ? 5.428   -14.980 -4.903  1.00 22.37 ? 36  GLN A N   1 
ATOM   172  C CA  . GLN A 1 36  ? 4.037   -15.331 -4.617  1.00 23.27 ? 36  GLN A CA  1 
ATOM   173  C C   . GLN A 1 36  ? 3.062   -14.474 -5.359  1.00 22.39 ? 36  GLN A C   1 
ATOM   174  O O   . GLN A 1 36  ? 2.013   -14.950 -5.752  1.00 21.33 ? 36  GLN A O   1 
ATOM   175  C CB  . GLN A 1 36  ? 3.736   -15.278 -3.096  1.00 23.88 ? 36  GLN A CB  1 
ATOM   176  C CG  . GLN A 1 36  ? 4.476   -16.413 -2.369  1.00 29.93 ? 36  GLN A CG  1 
ATOM   177  C CD  . GLN A 1 36  ? 4.845   -16.080 -0.939  1.00 37.56 ? 36  GLN A CD  1 
ATOM   178  O OE1 . GLN A 1 36  ? 5.729   -15.252 -0.680  1.00 39.03 ? 36  GLN A OE1 1 
ATOM   179  N NE2 . GLN A 1 36  ? 4.189   -16.766 0.009   1.00 40.07 ? 36  GLN A NE2 1 
ATOM   180  N N   . CYS A 1 37  ? 3.405   -13.189 -5.535  1.00 21.83 ? 37  CYS A N   1 
ATOM   181  C CA  . CYS A 1 37  ? 2.433   -12.209 -6.026  1.00 21.28 ? 37  CYS A CA  1 
ATOM   182  C C   . CYS A 1 37  ? 3.044   -11.403 -7.197  1.00 20.89 ? 37  CYS A C   1 
ATOM   183  O O   . CYS A 1 37  ? 3.164   -10.165 -7.110  1.00 20.63 ? 37  CYS A O   1 
ATOM   184  C CB  . CYS A 1 37  ? 1.951   -11.281 -4.884  1.00 20.90 ? 37  CYS A CB  1 
ATOM   185  S SG  . CYS A 1 37  ? 1.282   -12.214 -3.457  1.00 25.23 ? 37  CYS A SG  1 
ATOM   186  N N   . PRO A 1 38  ? 3.461   -12.099 -8.282  1.00 19.47 ? 38  PRO A N   1 
ATOM   187  C CA  . PRO A 1 38  ? 4.170   -11.364 -9.351  1.00 19.57 ? 38  PRO A CA  1 
ATOM   188  C C   . PRO A 1 38  ? 3.288   -10.341 -10.057 1.00 18.57 ? 38  PRO A C   1 
ATOM   189  O O   . PRO A 1 38  ? 3.773   -9.276  -10.380 1.00 19.00 ? 38  PRO A O   1 
ATOM   190  C CB  . PRO A 1 38  ? 4.668   -12.471 -10.284 1.00 19.06 ? 38  PRO A CB  1 
ATOM   191  C CG  . PRO A 1 38  ? 3.748   -13.598 -10.057 1.00 20.15 ? 38  PRO A CG  1 
ATOM   192  C CD  . PRO A 1 38  ? 3.357   -13.531 -8.591  1.00 19.87 ? 38  PRO A CD  1 
ATOM   193  N N   . LYS A 1 39  ? 1.988   -10.603 -10.203 1.00 18.94 ? 39  LYS A N   1 
ATOM   194  C CA  . LYS A 1 39  ? 1.134   -9.649  -10.883 1.00 20.94 ? 39  LYS A CA  1 
ATOM   195  C C   . LYS A 1 39  ? 0.950   -8.358  -10.074 1.00 20.88 ? 39  LYS A C   1 
ATOM   196  O O   . LYS A 1 39  ? 1.087   -7.247  -10.626 1.00 20.64 ? 39  LYS A O   1 
ATOM   197  C CB  . LYS A 1 39  ? -0.218  -10.254 -11.249 1.00 20.78 ? 39  LYS A CB  1 
ATOM   198  C CG  . LYS A 1 39  ? -0.076  -11.507 -12.094 1.00 23.68 ? 39  LYS A CG  1 
ATOM   199  C CD  . LYS A 1 39  ? -1.450  -12.030 -12.516 1.00 27.02 ? 39  LYS A CD  1 
ATOM   200  C CE  . LYS A 1 39  ? -1.255  -13.340 -13.312 1.00 33.36 ? 39  LYS A CE  1 
ATOM   201  N NZ  . LYS A 1 39  ? -2.560  -13.893 -13.841 1.00 32.98 ? 39  LYS A NZ  1 
ATOM   202  N N   . ALA A 1 40  ? 0.651   -8.506  -8.778  1.00 18.88 ? 40  ALA A N   1 
ATOM   203  C CA  . ALA A 1 40  ? 0.579   -7.357  -7.879  1.00 19.11 ? 40  ALA A CA  1 
ATOM   204  C C   . ALA A 1 40  ? 1.905   -6.615  -7.794  1.00 19.02 ? 40  ALA A C   1 
ATOM   205  O O   . ALA A 1 40  ? 1.937   -5.377  -7.818  1.00 17.81 ? 40  ALA A O   1 
ATOM   206  C CB  . ALA A 1 40  ? 0.086   -7.766  -6.456  1.00 19.60 ? 40  ALA A CB  1 
ATOM   207  N N   . CYS A 1 41  ? 3.008   -7.346  -7.651  1.00 18.71 ? 41  CYS A N   1 
ATOM   208  C CA  . CYS A 1 41  ? 4.304   -6.678  -7.548  1.00 19.38 ? 41  CYS A CA  1 
ATOM   209  C C   . CYS A 1 41  ? 4.674   -5.932  -8.855  1.00 19.87 ? 41  CYS A C   1 
ATOM   210  O O   . CYS A 1 41  ? 5.230   -4.850  -8.788  1.00 19.28 ? 41  CYS A O   1 
ATOM   211  C CB  . CYS A 1 41  ? 5.418   -7.640  -7.186  1.00 19.20 ? 41  CYS A CB  1 
ATOM   212  S SG  . CYS A 1 41  ? 5.258   -8.290  -5.460  1.00 21.12 ? 41  CYS A SG  1 
ATOM   213  N N   . LYS A 1 42  ? 4.479   -6.578  -9.996  1.00 21.52 ? 42  LYS A N   1 
ATOM   214  C CA  . LYS A 1 42  ? 4.793   -5.947  -11.310 1.00 21.84 ? 42  LYS A CA  1 
ATOM   215  C C   . LYS A 1 42  ? 3.951   -4.675  -11.516 1.00 21.42 ? 42  LYS A C   1 
ATOM   216  O O   . LYS A 1 42  ? 4.468   -3.631  -11.917 1.00 22.42 ? 42  LYS A O   1 
ATOM   217  C CB  . LYS A 1 42  ? 4.654   -6.983  -12.452 1.00 21.43 ? 42  LYS A CB  1 
ATOM   218  C CG  . LYS A 1 42  ? 4.731   -6.350  -13.902 1.00 23.61 ? 42  LYS A CG  1 
ATOM   219  C CD  . LYS A 1 42  ? 6.102   -6.568  -14.599 1.00 27.65 ? 42  LYS A CD  1 
ATOM   220  C CE  . LYS A 1 42  ? 7.190   -5.497  -14.399 1.00 24.00 ? 42  LYS A CE  1 
ATOM   221  N NZ  . LYS A 1 42  ? 7.921   -5.301  -15.758 1.00 24.59 ? 42  LYS A NZ  1 
ATOM   222  N N   . ASN A 1 43  ? 2.670   -4.728  -11.167 1.00 21.46 ? 43  ASN A N   1 
ATOM   223  C CA  . ASN A 1 43  ? 1.804   -3.535  -11.256 1.00 21.89 ? 43  ASN A CA  1 
ATOM   224  C C   . ASN A 1 43  ? 2.380   -2.411  -10.417 1.00 22.40 ? 43  ASN A C   1 
ATOM   225  O O   . ASN A 1 43  ? 2.514   -1.272  -10.885 1.00 21.27 ? 43  ASN A O   1 
ATOM   226  C CB  . ASN A 1 43  ? 0.373   -3.862  -10.841 1.00 20.97 ? 43  ASN A CB  1 
ATOM   227  C CG  . ASN A 1 43  ? -0.552  -2.655  -10.885 1.00 24.60 ? 43  ASN A CG  1 
ATOM   228  O OD1 . ASN A 1 43  ? -0.845  -2.109  -11.971 1.00 22.66 ? 43  ASN A OD1 1 
ATOM   229  N ND2 . ASN A 1 43  ? -1.050  -2.256  -9.716  1.00 19.78 ? 43  ASN A ND2 1 
ATOM   230  N N   . PHE A 1 44  ? 2.747   -2.731  -9.175  1.00 21.49 ? 44  PHE A N   1 
ATOM   231  C CA  . PHE A 1 44  ? 3.205   -1.713  -8.232  1.00 21.19 ? 44  PHE A CA  1 
ATOM   232  C C   . PHE A 1 44  ? 4.557   -1.146  -8.714  1.00 22.31 ? 44  PHE A C   1 
ATOM   233  O O   . PHE A 1 44  ? 4.782   0.090   -8.704  1.00 21.09 ? 44  PHE A O   1 
ATOM   234  C CB  . PHE A 1 44  ? 3.298   -2.353  -6.821  1.00 21.78 ? 44  PHE A CB  1 
ATOM   235  C CG  . PHE A 1 44  ? 3.566   -1.379  -5.704  1.00 20.32 ? 44  PHE A CG  1 
ATOM   236  C CD1 . PHE A 1 44  ? 2.576   -0.518  -5.259  1.00 20.67 ? 44  PHE A CD1 1 
ATOM   237  C CD2 . PHE A 1 44  ? 4.796   -1.371  -5.085  1.00 22.82 ? 44  PHE A CD2 1 
ATOM   238  C CE1 . PHE A 1 44  ? 2.806   0.340   -4.196  1.00 22.49 ? 44  PHE A CE1 1 
ATOM   239  C CE2 . PHE A 1 44  ? 5.055   -0.495  -4.025  1.00 23.64 ? 44  PHE A CE2 1 
ATOM   240  C CZ  . PHE A 1 44  ? 4.052   0.348   -3.572  1.00 18.67 ? 44  PHE A CZ  1 
ATOM   241  N N   . LEU A 1 45  ? 5.454   -2.031  -9.150  1.00 21.69 ? 45  LEU A N   1 
ATOM   242  C CA  . LEU A 1 45  ? 6.735   -1.583  -9.674  1.00 22.61 ? 45  LEU A CA  1 
ATOM   243  C C   . LEU A 1 45  ? 6.609   -0.709  -10.949 1.00 22.70 ? 45  LEU A C   1 
ATOM   244  O O   . LEU A 1 45  ? 7.316   0.310   -11.080 1.00 23.98 ? 45  LEU A O   1 
ATOM   245  C CB  . LEU A 1 45  ? 7.679   -2.769  -9.940  1.00 22.55 ? 45  LEU A CB  1 
ATOM   246  C CG  . LEU A 1 45  ? 8.211   -3.605  -8.767  1.00 23.18 ? 45  LEU A CG  1 
ATOM   247  C CD1 . LEU A 1 45  ? 9.109   -4.734  -9.340  1.00 22.66 ? 45  LEU A CD1 1 
ATOM   248  C CD2 . LEU A 1 45  ? 8.935   -2.724  -7.782  1.00 25.08 ? 45  LEU A CD2 1 
ATOM   249  N N   . ALA A 1 46  ? 5.730   -1.114  -11.863 1.00 22.70 ? 46  ALA A N   1 
ATOM   250  C CA  . ALA A 1 46  ? 5.600   -0.452  -13.162 1.00 24.14 ? 46  ALA A CA  1 
ATOM   251  C C   . ALA A 1 46  ? 4.876   0.902   -12.987 1.00 26.20 ? 46  ALA A C   1 
ATOM   252  O O   . ALA A 1 46  ? 5.305   1.923   -13.564 1.00 25.37 ? 46  ALA A O   1 
ATOM   253  C CB  . ALA A 1 46  ? 4.899   -1.319  -14.110 1.00 23.23 ? 46  ALA A CB  1 
ATOM   254  N N   . LEU A 1 47  ? 3.818   0.926   -12.156 1.00 24.42 ? 47  LEU A N   1 
ATOM   255  C CA  . LEU A 1 47  ? 3.214   2.214   -11.772 1.00 25.73 ? 47  LEU A CA  1 
ATOM   256  C C   . LEU A 1 47  ? 4.212   3.100   -11.073 1.00 26.24 ? 47  LEU A C   1 
ATOM   257  O O   . LEU A 1 47  ? 4.310   4.278   -11.425 1.00 28.43 ? 47  LEU A O   1 
ATOM   258  C CB  . LEU A 1 47  ? 1.937   2.054   -10.901 1.00 25.24 ? 47  LEU A CB  1 
ATOM   259  C CG  . LEU A 1 47  ? 0.745   1.317   -11.514 1.00 23.73 ? 47  LEU A CG  1 
ATOM   260  C CD1 . LEU A 1 47  ? -0.379  1.243   -10.461 1.00 20.15 ? 47  LEU A CD1 1 
ATOM   261  C CD2 . LEU A 1 47  ? 0.198   1.960   -12.818 1.00 27.14 ? 47  LEU A CD2 1 
ATOM   262  N N   . SER A 1 48  ? 4.973   2.570   -10.109 1.00 25.96 ? 48  SER A N   1 
ATOM   263  C CA  . SER A 1 48  ? 5.967   3.377   -9.408  1.00 26.72 ? 48  SER A CA  1 
ATOM   264  C C   . SER A 1 48  ? 6.971   4.001   -10.400 1.00 29.45 ? 48  SER A C   1 
ATOM   265  O O   . SER A 1 48  ? 7.299   5.199   -10.290 1.00 29.14 ? 48  SER A O   1 
ATOM   266  C CB  . SER A 1 48  ? 6.717   2.603   -8.328  1.00 26.37 ? 48  SER A CB  1 
ATOM   267  O OG  . SER A 1 48  ? 5.838   2.237   -7.294  1.00 25.69 ? 48  SER A OG  1 
ATOM   268  N N   . ALA A 1 49  ? 7.463   3.177   -11.340 1.00 29.18 ? 49  ALA A N   1 
ATOM   269  C CA  . ALA A 1 49  ? 8.519   3.590   -12.295 1.00 31.11 ? 49  ALA A CA  1 
ATOM   270  C C   . ALA A 1 49  ? 8.072   4.668   -13.272 1.00 31.74 ? 49  ALA A C   1 
ATOM   271  O O   . ALA A 1 49  ? 8.867   5.502   -13.680 1.00 33.54 ? 49  ALA A O   1 
ATOM   272  C CB  . ALA A 1 49  ? 9.062   2.356   -13.081 1.00 29.39 ? 49  ALA A CB  1 
ATOM   273  N N   . SER A 1 50  ? 6.829   4.571   -13.722 1.00 32.65 ? 50  SER A N   1 
ATOM   274  C CA  . SER A 1 50  ? 6.263   5.516   -14.645 1.00 33.39 ? 50  SER A CA  1 
ATOM   275  C C   . SER A 1 50  ? 5.845   6.820   -13.918 1.00 33.44 ? 50  SER A C   1 
ATOM   276  O O   . SER A 1 50  ? 5.180   7.672   -14.510 1.00 33.56 ? 50  SER A O   1 
ATOM   277  C CB  . SER A 1 50  ? 5.061   4.875   -15.342 1.00 33.26 ? 50  SER A CB  1 
ATOM   278  O OG  . SER A 1 50  ? 3.929   4.890   -14.485 1.00 36.53 ? 50  SER A OG  1 
ATOM   279  N N   . GLY A 1 51  ? 6.193   6.936   -12.636 1.00 32.80 ? 51  GLY A N   1 
ATOM   280  C CA  . GLY A 1 51  ? 5.797   8.078   -11.784 1.00 32.00 ? 51  GLY A CA  1 
ATOM   281  C C   . GLY A 1 51  ? 4.349   8.218   -11.350 1.00 31.02 ? 51  GLY A C   1 
ATOM   282  O O   . GLY A 1 51  ? 3.928   9.284   -10.864 1.00 31.52 ? 51  GLY A O   1 
ATOM   283  N N   . TYR A 1 52  ? 3.569   7.152   -11.468 1.00 29.75 ? 52  TYR A N   1 
ATOM   284  C CA  . TYR A 1 52  ? 2.128   7.229   -11.204 1.00 27.70 ? 52  TYR A CA  1 
ATOM   285  C C   . TYR A 1 52  ? 1.762   7.628   -9.758  1.00 27.08 ? 52  TYR A C   1 
ATOM   286  O O   . TYR A 1 52  ? 0.640   8.113   -9.496  1.00 26.59 ? 52  TYR A O   1 
ATOM   287  C CB  . TYR A 1 52  ? 1.530   5.891   -11.528 1.00 28.39 ? 52  TYR A CB  1 
ATOM   288  C CG  . TYR A 1 52  ? 0.041   5.805   -11.622 1.00 28.39 ? 52  TYR A CG  1 
ATOM   289  C CD1 . TYR A 1 52  ? -0.596  6.120   -12.796 1.00 28.12 ? 52  TYR A CD1 1 
ATOM   290  C CD2 . TYR A 1 52  ? -0.740  5.364   -10.541 1.00 27.84 ? 52  TYR A CD2 1 
ATOM   291  C CE1 . TYR A 1 52  ? -1.965  5.981   -12.923 1.00 31.05 ? 52  TYR A CE1 1 
ATOM   292  C CE2 . TYR A 1 52  ? -2.101  5.244   -10.663 1.00 27.95 ? 52  TYR A CE2 1 
ATOM   293  C CZ  . TYR A 1 52  ? -2.705  5.555   -11.868 1.00 29.98 ? 52  TYR A CZ  1 
ATOM   294  O OH  . TYR A 1 52  ? -4.066  5.420   -12.055 1.00 30.92 ? 52  TYR A OH  1 
ATOM   295  N N   . TYR A 1 53  ? 2.688   7.386   -8.838  1.00 25.44 ? 53  TYR A N   1 
ATOM   296  C CA  . TYR A 1 53  ? 2.449   7.629   -7.406  1.00 26.14 ? 53  TYR A CA  1 
ATOM   297  C C   . TYR A 1 53  ? 3.161   8.898   -6.920  1.00 26.38 ? 53  TYR A C   1 
ATOM   298  O O   . TYR A 1 53  ? 3.024   9.261   -5.766  1.00 26.80 ? 53  TYR A O   1 
ATOM   299  C CB  . TYR A 1 53  ? 2.935   6.432   -6.546  1.00 25.24 ? 53  TYR A CB  1 
ATOM   300  C CG  . TYR A 1 53  ? 2.155   5.134   -6.717  1.00 23.82 ? 53  TYR A CG  1 
ATOM   301  C CD1 . TYR A 1 53  ? 2.812   3.938   -7.051  1.00 24.61 ? 53  TYR A CD1 1 
ATOM   302  C CD2 . TYR A 1 53  ? 0.795   5.087   -6.500  1.00 23.67 ? 53  TYR A CD2 1 
ATOM   303  C CE1 . TYR A 1 53  ? 2.108   2.697   -7.170  1.00 24.41 ? 53  TYR A CE1 1 
ATOM   304  C CE2 . TYR A 1 53  ? 0.066   3.871   -6.667  1.00 26.00 ? 53  TYR A CE2 1 
ATOM   305  C CZ  . TYR A 1 53  ? 0.752   2.675   -6.968  1.00 23.86 ? 53  TYR A CZ  1 
ATOM   306  O OH  . TYR A 1 53  ? 0.057   1.467   -7.054  1.00 22.89 ? 53  TYR A OH  1 
ATOM   307  N N   . LYS A 1 54  ? 3.923   9.566   -7.798  1.00 26.42 ? 54  LYS A N   1 
ATOM   308  C CA  . LYS A 1 54  ? 4.606   10.826  -7.409  1.00 25.81 ? 54  LYS A CA  1 
ATOM   309  C C   . LYS A 1 54  ? 3.597   11.919  -7.078  1.00 23.74 ? 54  LYS A C   1 
ATOM   310  O O   . LYS A 1 54  ? 2.639   12.154  -7.830  1.00 24.78 ? 54  LYS A O   1 
ATOM   311  C CB  . LYS A 1 54  ? 5.570   11.327  -8.511  1.00 25.64 ? 54  LYS A CB  1 
ATOM   312  C CG  . LYS A 1 54  ? 6.682   10.335  -8.844  1.00 27.96 ? 54  LYS A CG  1 
ATOM   313  C CD  . LYS A 1 54  ? 7.758   10.939  -9.750  1.00 27.44 ? 54  LYS A CD  1 
ATOM   314  C CE  . LYS A 1 54  ? 8.741   11.784  -8.941  1.00 29.15 ? 54  LYS A CE  1 
ATOM   315  N NZ  . LYS A 1 54  ? 9.891   12.229  -9.872  1.00 33.31 ? 54  LYS A NZ  1 
ATOM   316  N N   . ASN A 1 55  ? 3.834   12.551  -5.939  1.00 25.16 ? 55  ASN A N   1 
ATOM   317  C CA  . ASN A 1 55  ? 3.047   13.696  -5.449  1.00 26.85 ? 55  ASN A CA  1 
ATOM   318  C C   . ASN A 1 55  ? 1.574   13.305  -5.261  1.00 27.24 ? 55  ASN A C   1 
ATOM   319  O O   . ASN A 1 55  ? 0.683   14.040  -5.678  1.00 25.95 ? 55  ASN A O   1 
ATOM   320  C CB  . ASN A 1 55  ? 3.168   14.911  -6.433  1.00 27.35 ? 55  ASN A CB  1 
ATOM   321  C CG  . ASN A 1 55  ? 3.030   16.251  -5.722  1.00 28.85 ? 55  ASN A CG  1 
ATOM   322  O OD1 . ASN A 1 55  ? 3.278   16.339  -4.530  1.00 29.44 ? 55  ASN A OD1 1 
ATOM   323  N ND2 . ASN A 1 55  ? 2.664   17.296  -6.466  1.00 31.47 ? 55  ASN A ND2 1 
ATOM   324  N N   . THR A 1 56  ? 1.338   12.101  -4.702  1.00 27.11 ? 56  THR A N   1 
ATOM   325  C CA  . THR A 1 56  ? -0.002  11.655  -4.365  1.00 27.53 ? 56  THR A CA  1 
ATOM   326  C C   . THR A 1 56  ? -0.129  11.620  -2.846  1.00 27.60 ? 56  THR A C   1 
ATOM   327  O O   . THR A 1 56  ? 0.861   11.784  -2.130  1.00 29.19 ? 56  THR A O   1 
ATOM   328  C CB  . THR A 1 56  ? -0.335  10.244  -4.964  1.00 27.14 ? 56  THR A CB  1 
ATOM   329  O OG1 . THR A 1 56  ? 0.610   9.294   -4.463  1.00 26.78 ? 56  THR A OG1 1 
ATOM   330  C CG2 . THR A 1 56  ? -0.281  10.288  -6.497  1.00 28.70 ? 56  THR A CG2 1 
ATOM   331  N N   . ILE A 1 57  ? -1.353  11.424  -2.357  1.00 27.10 ? 57  ILE A N   1 
ATOM   332  C CA  . ILE A 1 57  ? -1.605  11.501  -0.934  1.00 27.43 ? 57  ILE A CA  1 
ATOM   333  C C   . ILE A 1 57  ? -2.122  10.158  -0.359  1.00 27.12 ? 57  ILE A C   1 
ATOM   334  O O   . ILE A 1 57  ? -2.645  9.330   -1.081  1.00 27.45 ? 57  ILE A O   1 
ATOM   335  C CB  . ILE A 1 57  ? -2.594  12.674  -0.563  1.00 27.06 ? 57  ILE A CB  1 
ATOM   336  C CG1 . ILE A 1 57  ? -3.999  12.420  -1.110  1.00 27.44 ? 57  ILE A CG1 1 
ATOM   337  C CG2 . ILE A 1 57  ? -2.043  14.046  -1.061  1.00 28.09 ? 57  ILE A CG2 1 
ATOM   338  C CD1 . ILE A 1 57  ? -5.059  13.307  -0.470  1.00 27.99 ? 57  ILE A CD1 1 
ATOM   339  N N   . PHE A 1 58  ? -1.922  9.967   0.935   1.00 27.39 ? 58  PHE A N   1 
ATOM   340  C CA  . PHE A 1 58  ? -2.678  8.964   1.671   1.00 27.75 ? 58  PHE A CA  1 
ATOM   341  C C   . PHE A 1 58  ? -3.970  9.681   2.075   1.00 28.50 ? 58  PHE A C   1 
ATOM   342  O O   . PHE A 1 58  ? -3.917  10.586  2.907   1.00 28.33 ? 58  PHE A O   1 
ATOM   343  C CB  . PHE A 1 58  ? -1.890  8.563   2.911   1.00 27.83 ? 58  PHE A CB  1 
ATOM   344  C CG  . PHE A 1 58  ? -0.730  7.649   2.640   1.00 27.41 ? 58  PHE A CG  1 
ATOM   345  C CD1 . PHE A 1 58  ? 0.579   8.132   2.668   1.00 29.37 ? 58  PHE A CD1 1 
ATOM   346  C CD2 . PHE A 1 58  ? -0.949  6.287   2.375   1.00 26.51 ? 58  PHE A CD2 1 
ATOM   347  C CE1 . PHE A 1 58  ? 1.665   7.271   2.450   1.00 29.06 ? 58  PHE A CE1 1 
ATOM   348  C CE2 . PHE A 1 58  ? 0.113   5.431   2.148   1.00 26.39 ? 58  PHE A CE2 1 
ATOM   349  C CZ  . PHE A 1 58  ? 1.421   5.925   2.182   1.00 28.24 ? 58  PHE A CZ  1 
ATOM   350  N N   . HIS A 1 59  ? -5.093  9.279   1.484   1.00 28.66 ? 59  HIS A N   1 
ATOM   351  C CA  . HIS A 1 59  ? -6.402  9.895   1.693   1.00 30.49 ? 59  HIS A CA  1 
ATOM   352  C C   . HIS A 1 59  ? -7.200  9.343   2.908   1.00 32.34 ? 59  HIS A C   1 
ATOM   353  O O   . HIS A 1 59  ? -8.210  9.930   3.321   1.00 33.48 ? 59  HIS A O   1 
ATOM   354  C CB  . HIS A 1 59  ? -7.254  9.758   0.426   1.00 29.47 ? 59  HIS A CB  1 
ATOM   355  C CG  . HIS A 1 59  ? -7.571  8.336   0.024   1.00 30.90 ? 59  HIS A CG  1 
ATOM   356  N ND1 . HIS A 1 59  ? -6.746  7.578   -0.790  1.00 29.43 ? 59  HIS A ND1 1 
ATOM   357  C CD2 . HIS A 1 59  ? -8.648  7.549   0.298   1.00 30.92 ? 59  HIS A CD2 1 
ATOM   358  C CE1 . HIS A 1 59  ? -7.300  6.393   -0.992  1.00 30.27 ? 59  HIS A CE1 1 
ATOM   359  N NE2 . HIS A 1 59  ? -8.443  6.344   -0.328  1.00 29.68 ? 59  HIS A NE2 1 
ATOM   360  N N   . LYS A 1 60  ? -6.759  8.215   3.458   1.00 32.29 ? 60  LYS A N   1 
ATOM   361  C CA  . LYS A 1 60  ? -7.467  7.568   4.576   1.00 32.39 ? 60  LYS A CA  1 
ATOM   362  C C   . LYS A 1 60  ? -6.412  7.070   5.521   1.00 32.30 ? 60  LYS A C   1 
ATOM   363  O O   . LYS A 1 60  ? -5.452  6.407   5.088   1.00 30.81 ? 60  LYS A O   1 
ATOM   364  C CB  . LYS A 1 60  ? -8.370  6.449   4.055   1.00 32.78 ? 60  LYS A CB  1 
ATOM   365  C CG  . LYS A 1 60  ? -8.962  5.526   5.093   1.00 36.35 ? 60  LYS A CG  1 
ATOM   366  C CD  . LYS A 1 60  ? -10.109 4.751   4.494   1.00 41.27 ? 60  LYS A CD  1 
ATOM   367  C CE  . LYS A 1 60  ? -9.676  3.465   3.880   1.00 43.59 ? 60  LYS A CE  1 
ATOM   368  N NZ  . LYS A 1 60  ? -10.839 2.810   3.150   1.00 46.63 ? 60  LYS A NZ  1 
ATOM   369  N N   . ASN A 1 61  ? -6.561  7.429   6.800   1.00 31.92 ? 61  ASN A N   1 
ATOM   370  C CA  . ASN A 1 61  ? -5.612  7.089   7.849   1.00 32.77 ? 61  ASN A CA  1 
ATOM   371  C C   . ASN A 1 61  ? -6.422  6.802   9.132   1.00 33.86 ? 61  ASN A C   1 
ATOM   372  O O   . ASN A 1 61  ? -7.062  7.711   9.672   1.00 33.32 ? 61  ASN A O   1 
ATOM   373  C CB  . ASN A 1 61  ? -4.640  8.266   8.062   1.00 32.14 ? 61  ASN A CB  1 
ATOM   374  C CG  . ASN A 1 61  ? -3.462  7.934   8.955   1.00 32.67 ? 61  ASN A CG  1 
ATOM   375  O OD1 . ASN A 1 61  ? -2.744  8.839   9.390   1.00 35.86 ? 61  ASN A OD1 1 
ATOM   376  N ND2 . ASN A 1 61  ? -3.229  6.655   9.228   1.00 30.09 ? 61  ASN A ND2 1 
ATOM   377  N N   . ILE A 1 62  ? -6.408  5.540   9.578   1.00 33.98 ? 62  ILE A N   1 
ATOM   378  C CA  . ILE A 1 62  ? -7.219  5.068   10.733  1.00 33.77 ? 62  ILE A CA  1 
ATOM   379  C C   . ILE A 1 62  ? -6.282  4.418   11.742  1.00 34.42 ? 62  ILE A C   1 
ATOM   380  O O   . ILE A 1 62  ? -5.777  3.323   11.510  1.00 33.17 ? 62  ILE A O   1 
ATOM   381  C CB  . ILE A 1 62  ? -8.340  4.081   10.279  1.00 33.78 ? 62  ILE A CB  1 
ATOM   382  C CG1 . ILE A 1 62  ? -9.220  4.731   9.197   1.00 31.75 ? 62  ILE A CG1 1 
ATOM   383  C CG2 . ILE A 1 62  ? -9.175  3.567   11.487  1.00 33.97 ? 62  ILE A CG2 1 
ATOM   384  C CD1 . ILE A 1 62  ? -10.208 3.812   8.463   1.00 33.99 ? 62  ILE A CD1 1 
ATOM   385  N N   . LYS A 1 63  ? -6.057  5.099   12.873  1.00 34.58 ? 63  LYS A N   1 
ATOM   386  C CA  . LYS A 1 63  ? -5.140  4.623   13.916  1.00 35.91 ? 63  LYS A CA  1 
ATOM   387  C C   . LYS A 1 63  ? -5.454  3.185   14.342  1.00 34.55 ? 63  LYS A C   1 
ATOM   388  O O   . LYS A 1 63  ? -6.618  2.825   14.513  1.00 34.16 ? 63  LYS A O   1 
ATOM   389  C CB  . LYS A 1 63  ? -5.162  5.568   15.135  1.00 36.10 ? 63  LYS A CB  1 
ATOM   390  C CG  . LYS A 1 63  ? -4.127  5.240   16.200  1.00 37.51 ? 63  LYS A CG  1 
ATOM   391  C CD  . LYS A 1 63  ? -4.155  6.251   17.366  1.00 40.61 ? 63  LYS A CD  1 
ATOM   392  C CE  . LYS A 1 63  ? -3.192  5.802   18.476  1.00 46.30 ? 63  LYS A CE  1 
ATOM   393  N NZ  . LYS A 1 63  ? -3.323  6.649   19.717  1.00 52.83 ? 63  LYS A NZ  1 
ATOM   394  N N   . GLY A 1 64  ? -4.409  2.366   14.467  1.00 34.32 ? 64  GLY A N   1 
ATOM   395  C CA  . GLY A 1 64  ? -4.576  0.937   14.788  1.00 34.27 ? 64  GLY A CA  1 
ATOM   396  C C   . GLY A 1 64  ? -5.210  0.078   13.704  1.00 34.60 ? 64  GLY A C   1 
ATOM   397  O O   . GLY A 1 64  ? -5.454  -1.127  13.904  1.00 35.48 ? 64  GLY A O   1 
ATOM   398  N N   . PHE A 1 65  ? -5.496  0.671   12.544  1.00 33.07 ? 65  PHE A N   1 
ATOM   399  C CA  . PHE A 1 65  ? -6.092  -0.092  11.472  1.00 31.51 ? 65  PHE A CA  1 
ATOM   400  C C   . PHE A 1 65  ? -5.177  -0.056  10.225  1.00 30.77 ? 65  PHE A C   1 
ATOM   401  O O   . PHE A 1 65  ? -4.232  -0.863  10.098  1.00 30.01 ? 65  PHE A O   1 
ATOM   402  C CB  . PHE A 1 65  ? -7.527  0.409   11.205  1.00 31.09 ? 65  PHE A CB  1 
ATOM   403  C CG  . PHE A 1 65  ? -8.305  -0.452  10.258  1.00 32.67 ? 65  PHE A CG  1 
ATOM   404  C CD1 . PHE A 1 65  ? -8.346  -1.845  10.430  1.00 33.43 ? 65  PHE A CD1 1 
ATOM   405  C CD2 . PHE A 1 65  ? -8.989  0.113   9.175   1.00 32.97 ? 65  PHE A CD2 1 
ATOM   406  C CE1 . PHE A 1 65  ? -9.053  -2.655  9.549   1.00 31.97 ? 65  PHE A CE1 1 
ATOM   407  C CE2 . PHE A 1 65  ? -9.696  -0.687  8.285   1.00 34.29 ? 65  PHE A CE2 1 
ATOM   408  C CZ  . PHE A 1 65  ? -9.727  -2.081  8.470   1.00 33.84 ? 65  PHE A CZ  1 
ATOM   409  N N   . ILE A 1 66  ? -5.442  0.895   9.328   1.00 29.96 ? 66  ILE A N   1 
ATOM   410  C CA  . ILE A 1 66  ? -4.701  0.987   8.049   1.00 29.60 ? 66  ILE A CA  1 
ATOM   411  C C   . ILE A 1 66  ? -4.514  2.466   7.640   1.00 29.17 ? 66  ILE A C   1 
ATOM   412  O O   . ILE A 1 66  ? -5.229  3.364   8.135   1.00 29.45 ? 66  ILE A O   1 
ATOM   413  C CB  . ILE A 1 66  ? -5.461  0.258   6.896   1.00 29.68 ? 66  ILE A CB  1 
ATOM   414  C CG1 . ILE A 1 66  ? -6.696  1.081   6.491   1.00 28.46 ? 66  ILE A CG1 1 
ATOM   415  C CG2 . ILE A 1 66  ? -5.817  -1.222  7.280   1.00 29.90 ? 66  ILE A CG2 1 
ATOM   416  C CD1 . ILE A 1 66  ? -7.343  0.659   5.209   1.00 34.49 ? 66  ILE A CD1 1 
ATOM   417  N N   . ILE A 1 67  ? -3.535  2.690   6.765   1.00 28.24 ? 67  ILE A N   1 
ATOM   418  C CA  . ILE A 1 67  ? -3.371  3.943   6.011   1.00 27.43 ? 67  ILE A CA  1 
ATOM   419  C C   . ILE A 1 67  ? -3.369  3.586   4.539   1.00 26.19 ? 67  ILE A C   1 
ATOM   420  O O   . ILE A 1 67  ? -2.636  2.676   4.137   1.00 25.77 ? 67  ILE A O   1 
ATOM   421  C CB  . ILE A 1 67  ? -2.084  4.739   6.442   1.00 26.87 ? 67  ILE A CB  1 
ATOM   422  C CG1 . ILE A 1 67  ? -2.056  6.131   5.768   1.00 29.18 ? 67  ILE A CG1 1 
ATOM   423  C CG2 . ILE A 1 67  ? -0.774  3.942   6.231   1.00 26.92 ? 67  ILE A CG2 1 
ATOM   424  C CD1 . ILE A 1 67  ? -0.890  7.000   6.246   1.00 27.60 ? 67  ILE A CD1 1 
ATOM   425  N N   . GLN A 1 68  ? -4.203  4.272   3.762   1.00 25.57 ? 68  GLN A N   1 
ATOM   426  C CA  . GLN A 1 68  ? -4.441  3.920   2.366   1.00 27.07 ? 68  GLN A CA  1 
ATOM   427  C C   . GLN A 1 68  ? -4.122  5.107   1.467   1.00 27.73 ? 68  GLN A C   1 
ATOM   428  O O   . GLN A 1 68  ? -4.509  6.253   1.795   1.00 27.52 ? 68  GLN A O   1 
ATOM   429  C CB  . GLN A 1 68  ? -5.888  3.532   2.160   1.00 26.39 ? 68  GLN A CB  1 
ATOM   430  C CG  . GLN A 1 68  ? -6.289  3.094   0.711   1.00 27.41 ? 68  GLN A CG  1 
ATOM   431  C CD  . GLN A 1 68  ? -7.616  2.443   0.727   1.00 29.65 ? 68  GLN A CD  1 
ATOM   432  O OE1 . GLN A 1 68  ? -7.964  1.847   1.740   1.00 33.31 ? 68  GLN A OE1 1 
ATOM   433  N NE2 . GLN A 1 68  ? -8.394  2.555   -0.357  1.00 28.51 ? 68  GLN A NE2 1 
ATOM   434  N N   . GLY A 1 69  ? -3.454  4.825   0.342   1.00 27.07 ? 69  GLY A N   1 
ATOM   435  C CA  . GLY A 1 69  ? -3.142  5.850   -0.682  1.00 27.42 ? 69  GLY A CA  1 
ATOM   436  C C   . GLY A 1 69  ? -3.133  5.196   -2.070  1.00 27.82 ? 69  GLY A C   1 
ATOM   437  O O   . GLY A 1 69  ? -3.752  4.149   -2.260  1.00 26.61 ? 69  GLY A O   1 
ATOM   438  N N   . GLY A 1 70  ? -2.423  5.802   -3.026  1.00 27.63 ? 70  GLY A N   1 
ATOM   439  C CA  . GLY A 1 70  ? -2.272  5.209   -4.356  1.00 28.01 ? 70  GLY A CA  1 
ATOM   440  C C   . GLY A 1 70  ? -3.307  5.604   -5.381  1.00 28.39 ? 70  GLY A C   1 
ATOM   441  O O   . GLY A 1 70  ? -3.405  5.002   -6.441  1.00 28.90 ? 70  GLY A O   1 
ATOM   442  N N   . ASP A 1 71  ? -4.119  6.596   -5.047  1.00 30.26 ? 71  ASP A N   1 
ATOM   443  C CA  . ASP A 1 71  ? -5.118  7.115   -5.954  1.00 32.06 ? 71  ASP A CA  1 
ATOM   444  C C   . ASP A 1 71  ? -4.582  8.476   -6.458  1.00 34.03 ? 71  ASP A C   1 
ATOM   445  O O   . ASP A 1 71  ? -4.476  9.425   -5.661  1.00 33.66 ? 71  ASP A O   1 
ATOM   446  C CB  . ASP A 1 71  ? -6.440  7.305   -5.199  1.00 32.82 ? 71  ASP A CB  1 
ATOM   447  C CG  . ASP A 1 71  ? -7.540  7.853   -6.082  1.00 32.95 ? 71  ASP A CG  1 
ATOM   448  O OD1 . ASP A 1 71  ? -7.250  8.207   -7.245  1.00 32.74 ? 71  ASP A OD1 1 
ATOM   449  O OD2 . ASP A 1 71  ? -8.694  7.889   -5.635  1.00 33.08 ? 71  ASP A OD2 1 
ATOM   450  N N   . PRO A 1 72  ? -4.254  8.579   -7.776  1.00 35.28 ? 72  PRO A N   1 
ATOM   451  C CA  . PRO A 1 72  ? -3.629  9.814   -8.341  1.00 37.48 ? 72  PRO A CA  1 
ATOM   452  C C   . PRO A 1 72  ? -4.577  11.038  -8.139  1.00 38.98 ? 72  PRO A C   1 
ATOM   453  O O   . PRO A 1 72  ? -4.113  12.161  -7.877  1.00 40.03 ? 72  PRO A O   1 
ATOM   454  C CB  . PRO A 1 72  ? -3.448  9.482   -9.837  1.00 36.63 ? 72  PRO A CB  1 
ATOM   455  C CG  . PRO A 1 72  ? -4.408  8.367   -10.118 1.00 37.40 ? 72  PRO A CG  1 
ATOM   456  C CD  . PRO A 1 72  ? -4.595  7.590   -8.820  1.00 35.56 ? 72  PRO A CD  1 
ATOM   457  N N   . THR A 1 73  ? -5.871  10.742  -8.247  1.00 40.49 ? 73  THR A N   1 
ATOM   458  C CA  . THR A 1 73  ? -7.058  11.553  -7.912  1.00 43.13 ? 73  THR A CA  1 
ATOM   459  C C   . THR A 1 73  ? -7.175  11.986  -6.409  1.00 43.40 ? 73  THR A C   1 
ATOM   460  O O   . THR A 1 73  ? -7.756  13.035  -6.088  1.00 44.06 ? 73  THR A O   1 
ATOM   461  C CB  . THR A 1 73  ? -8.249  10.653  -8.324  1.00 43.46 ? 73  THR A CB  1 
ATOM   462  O OG1 . THR A 1 73  ? -8.722  10.980  -9.641  1.00 47.01 ? 73  THR A OG1 1 
ATOM   463  C CG2 . THR A 1 73  ? -9.343  10.644  -7.362  1.00 44.26 ? 73  THR A CG2 1 
ATOM   464  N N   . GLY A 1 74  ? -6.641  11.174  -5.492  1.00 43.09 ? 74  GLY A N   1 
ATOM   465  C CA  . GLY A 1 74  ? -6.680  11.447  -4.051  1.00 42.54 ? 74  GLY A CA  1 
ATOM   466  C C   . GLY A 1 74  ? -8.052  11.407  -3.372  1.00 42.61 ? 74  GLY A C   1 
ATOM   467  O O   . GLY A 1 74  ? -8.167  11.786  -2.218  1.00 41.98 ? 74  GLY A O   1 
ATOM   468  N N   . THR A 1 75  ? -9.086  10.937  -4.070  1.00 43.21 ? 75  THR A N   1 
ATOM   469  C CA  . THR A 1 75  ? -10.449 10.928  -3.534  1.00 43.85 ? 75  THR A CA  1 
ATOM   470  C C   . THR A 1 75  ? -10.821 9.581   -2.934  1.00 43.85 ? 75  THR A C   1 
ATOM   471  O O   . THR A 1 75  ? -11.769 9.491   -2.139  1.00 44.23 ? 75  THR A O   1 
ATOM   472  C CB  . THR A 1 75  ? -11.498 11.239  -4.607  1.00 44.30 ? 75  THR A CB  1 
ATOM   473  O OG1 . THR A 1 75  ? -11.478 10.207  -5.595  1.00 46.66 ? 75  THR A OG1 1 
ATOM   474  C CG2 . THR A 1 75  ? -11.234 12.593  -5.276  1.00 44.40 ? 75  THR A CG2 1 
ATOM   475  N N   . GLY A 1 76  ? -10.093 8.534   -3.325  1.00 42.52 ? 76  GLY A N   1 
ATOM   476  C CA  . GLY A 1 76  ? -10.380 7.189   -2.860  1.00 41.29 ? 76  GLY A CA  1 
ATOM   477  C C   . GLY A 1 76  ? -11.216 6.466   -3.879  1.00 41.08 ? 76  GLY A C   1 
ATOM   478  O O   . GLY A 1 76  ? -11.489 5.274   -3.736  1.00 40.13 ? 76  GLY A O   1 
ATOM   479  N N   . LYS A 1 77  ? -11.594 7.181   -4.938  1.00 41.31 ? 77  LYS A N   1 
ATOM   480  C CA  . LYS A 1 77  ? -12.447 6.600   -5.984  1.00 42.16 ? 77  LYS A CA  1 
ATOM   481  C C   . LYS A 1 77  ? -11.658 6.206   -7.249  1.00 41.43 ? 77  LYS A C   1 
ATOM   482  O O   . LYS A 1 77  ? -12.144 5.420   -8.052  1.00 43.08 ? 77  LYS A O   1 
ATOM   483  C CB  . LYS A 1 77  ? -13.581 7.577   -6.368  1.00 43.04 ? 77  LYS A CB  1 
ATOM   484  C CG  . LYS A 1 77  ? -14.346 8.198   -5.202  1.00 46.84 ? 77  LYS A CG  1 
ATOM   485  C CD  . LYS A 1 77  ? -15.640 7.454   -4.895  1.00 54.61 ? 77  LYS A CD  1 
ATOM   486  C CE  . LYS A 1 77  ? -15.420 6.221   -3.996  1.00 57.88 ? 77  LYS A CE  1 
ATOM   487  N NZ  . LYS A 1 77  ? -16.591 5.998   -3.073  1.00 60.10 ? 77  LYS A NZ  1 
ATOM   488  N N   . GLY A 1 78  ? -10.449 6.734   -7.408  1.00 40.06 ? 78  GLY A N   1 
ATOM   489  C CA  . GLY A 1 78  ? -9.708  6.576   -8.667  1.00 39.09 ? 78  GLY A CA  1 
ATOM   490  C C   . GLY A 1 78  ? -8.563  5.560   -8.655  1.00 37.64 ? 78  GLY A C   1 
ATOM   491  O O   . GLY A 1 78  ? -8.396  4.808   -7.686  1.00 36.38 ? 78  GLY A O   1 
ATOM   492  N N   . GLY A 1 79  ? -7.814  5.541   -9.763  1.00 36.18 ? 79  GLY A N   1 
ATOM   493  C CA  . GLY A 1 79  ? -6.666  4.659   -9.975  1.00 34.44 ? 79  GLY A CA  1 
ATOM   494  C C   . GLY A 1 79  ? -7.015  3.443   -10.799 1.00 33.74 ? 79  GLY A C   1 
ATOM   495  O O   . GLY A 1 79  ? -8.092  2.887   -10.651 1.00 34.02 ? 79  GLY A O   1 
ATOM   496  N N   . GLU A 1 80  ? -6.079  3.010   -11.646 1.00 32.04 ? 80  GLU A N   1 
ATOM   497  C CA  . GLU A 1 80  ? -6.217  1.787   -12.427 1.00 32.56 ? 80  GLU A CA  1 
ATOM   498  C C   . GLU A 1 80  ? -4.862  1.091   -12.470 1.00 29.55 ? 80  GLU A C   1 
ATOM   499  O O   . GLU A 1 80  ? -3.851  1.704   -12.192 1.00 28.86 ? 80  GLU A O   1 
ATOM   500  C CB  . GLU A 1 80  ? -6.654  2.098   -13.878 1.00 32.72 ? 80  GLU A CB  1 
ATOM   501  C CG  . GLU A 1 80  ? -8.086  2.707   -13.988 1.00 37.00 ? 80  GLU A CG  1 
ATOM   502  C CD  . GLU A 1 80  ? -8.673  2.612   -15.395 1.00 38.13 ? 80  GLU A CD  1 
ATOM   503  O OE1 . GLU A 1 80  ? -7.879  2.405   -16.349 1.00 47.03 ? 80  GLU A OE1 1 
ATOM   504  O OE2 . GLU A 1 80  ? -9.928  2.717   -15.532 1.00 44.65 ? 80  GLU A OE2 1 
ATOM   505  N N   . SER A 1 81  ? -4.870  -0.164  -12.882 1.00 28.81 ? 81  SER A N   1 
ATOM   506  C CA  . SER A 1 81  ? -3.654  -1.002  -12.978 1.00 27.65 ? 81  SER A CA  1 
ATOM   507  C C   . SER A 1 81  ? -3.028  -0.929  -14.358 1.00 28.57 ? 81  SER A C   1 
ATOM   508  O O   . SER A 1 81  ? -3.662  -0.412  -15.291 1.00 28.24 ? 81  SER A O   1 
ATOM   509  C CB  . SER A 1 81  ? -3.999  -2.442  -12.647 1.00 26.88 ? 81  SER A CB  1 
ATOM   510  O OG  . SER A 1 81  ? -4.519  -3.131  -13.760 1.00 25.76 ? 81  SER A OG  1 
ATOM   511  N N   . ILE A 1 82  ? -1.799  -1.452  -14.501 1.00 26.98 ? 82  ILE A N   1 
ATOM   512  C CA  . ILE A 1 82  ? -1.162  -1.606  -15.820 1.00 26.14 ? 82  ILE A CA  1 
ATOM   513  C C   . ILE A 1 82  ? -1.893  -2.580  -16.741 1.00 26.40 ? 82  ILE A C   1 
ATOM   514  O O   . ILE A 1 82  ? -1.605  -2.621  -17.933 1.00 26.67 ? 82  ILE A O   1 
ATOM   515  C CB  . ILE A 1 82  ? 0.359   -1.990  -15.725 1.00 25.45 ? 82  ILE A CB  1 
ATOM   516  C CG1 . ILE A 1 82  ? 0.537   -3.427  -15.191 1.00 25.18 ? 82  ILE A CG1 1 
ATOM   517  C CG2 . ILE A 1 82  ? 1.140   -1.001  -14.867 1.00 24.27 ? 82  ILE A CG2 1 
ATOM   518  C CD1 . ILE A 1 82  ? 1.990   -3.908  -15.296 1.00 24.34 ? 82  ILE A CD1 1 
ATOM   519  N N   . TYR A 1 83  ? -2.797  -3.383  -16.190 1.00 25.84 ? 83  TYR A N   1 
ATOM   520  C CA  . TYR A 1 83  ? -3.488  -4.415  -16.919 1.00 26.72 ? 83  TYR A CA  1 
ATOM   521  C C   . TYR A 1 83  ? -4.869  -3.953  -17.407 1.00 28.77 ? 83  TYR A C   1 
ATOM   522  O O   . TYR A 1 83  ? -5.544  -4.695  -18.131 1.00 29.14 ? 83  TYR A O   1 
ATOM   523  C CB  . TYR A 1 83  ? -3.704  -5.672  -16.041 1.00 25.88 ? 83  TYR A CB  1 
ATOM   524  C CG  . TYR A 1 83  ? -2.432  -6.130  -15.304 1.00 25.94 ? 83  TYR A CG  1 
ATOM   525  C CD1 . TYR A 1 83  ? -2.301  -5.968  -13.924 1.00 24.33 ? 83  TYR A CD1 1 
ATOM   526  C CD2 . TYR A 1 83  ? -1.368  -6.699  -16.011 1.00 24.38 ? 83  TYR A CD2 1 
ATOM   527  C CE1 . TYR A 1 83  ? -1.134  -6.400  -13.249 1.00 23.49 ? 83  TYR A CE1 1 
ATOM   528  C CE2 . TYR A 1 83  ? -0.203  -7.138  -15.358 1.00 24.43 ? 83  TYR A CE2 1 
ATOM   529  C CZ  . TYR A 1 83  ? -0.107  -6.987  -13.973 1.00 24.16 ? 83  TYR A CZ  1 
ATOM   530  O OH  . TYR A 1 83  ? 1.046   -7.393  -13.346 1.00 22.01 ? 83  TYR A OH  1 
ATOM   531  N N   . GLY A 1 84  ? -5.261  -2.744  -17.024 1.00 30.19 ? 84  GLY A N   1 
ATOM   532  C CA  . GLY A 1 84  ? -6.622  -2.259  -17.242 1.00 32.01 ? 84  GLY A CA  1 
ATOM   533  C C   . GLY A 1 84  ? -7.173  -1.768  -15.919 1.00 33.07 ? 84  GLY A C   1 
ATOM   534  O O   . GLY A 1 84  ? -6.421  -1.589  -14.961 1.00 32.51 ? 84  GLY A O   1 
ATOM   535  N N   . ARG A 1 85  ? -8.490  -1.556  -15.856 1.00 32.93 ? 85  ARG A N   1 
ATOM   536  C CA  . ARG A 1 85  ? -9.108  -0.974  -14.674 1.00 33.86 ? 85  ARG A CA  1 
ATOM   537  C C   . ARG A 1 85  ? -8.801  -1.835  -13.440 1.00 33.21 ? 85  ARG A C   1 
ATOM   538  O O   . ARG A 1 85  ? -8.508  -1.323  -12.354 1.00 32.86 ? 85  ARG A O   1 
ATOM   539  C CB  . ARG A 1 85  ? -10.625 -0.872  -14.881 1.00 33.64 ? 85  ARG A CB  1 
ATOM   540  C CG  . ARG A 1 85  ? -11.372 -0.134  -13.779 1.00 35.65 ? 85  ARG A CG  1 
ATOM   541  C CD  . ARG A 1 85  ? -12.897 -0.162  -14.060 1.00 37.32 ? 85  ARG A CD  1 
ATOM   542  N NE  . ARG A 1 85  ? -13.651 0.481   -12.981 1.00 48.31 ? 85  ARG A NE  1 
ATOM   543  C CZ  . ARG A 1 85  ? -14.984 0.568   -12.915 1.00 53.51 ? 85  ARG A CZ  1 
ATOM   544  N NH1 . ARG A 1 85  ? -15.548 1.172   -11.873 1.00 55.28 ? 85  ARG A NH1 1 
ATOM   545  N NH2 . ARG A 1 85  ? -15.763 0.051   -13.873 1.00 54.35 ? 85  ARG A NH2 1 
ATOM   546  N N   . TYR A 1 86  ? -8.862  -3.145  -13.639 1.00 33.62 ? 86  TYR A N   1 
ATOM   547  C CA  . TYR A 1 86  ? -8.755  -4.109  -12.550 1.00 33.39 ? 86  TYR A CA  1 
ATOM   548  C C   . TYR A 1 86  ? -7.811  -5.228  -12.941 1.00 32.60 ? 86  TYR A C   1 
ATOM   549  O O   . TYR A 1 86  ? -7.589  -5.464  -14.136 1.00 32.07 ? 86  TYR A O   1 
ATOM   550  C CB  . TYR A 1 86  ? -10.118 -4.736  -12.285 1.00 34.12 ? 86  TYR A CB  1 
ATOM   551  C CG  . TYR A 1 86  ? -11.192 -3.819  -11.748 1.00 37.24 ? 86  TYR A CG  1 
ATOM   552  C CD1 . TYR A 1 86  ? -12.464 -3.788  -12.343 1.00 39.72 ? 86  TYR A CD1 1 
ATOM   553  C CD2 . TYR A 1 86  ? -10.967 -3.010  -10.651 1.00 36.57 ? 86  TYR A CD2 1 
ATOM   554  C CE1 . TYR A 1 86  ? -13.470 -2.963  -11.842 1.00 40.06 ? 86  TYR A CE1 1 
ATOM   555  C CE2 . TYR A 1 86  ? -11.965 -2.180  -10.145 1.00 38.44 ? 86  TYR A CE2 1 
ATOM   556  C CZ  . TYR A 1 86  ? -13.211 -2.162  -10.744 1.00 38.73 ? 86  TYR A CZ  1 
ATOM   557  O OH  . TYR A 1 86  ? -14.202 -1.354  -10.217 1.00 38.78 ? 86  TYR A OH  1 
ATOM   558  N N   . PHE A 1 87  ? -7.271  -5.932  -11.938 1.00 30.77 ? 87  PHE A N   1 
ATOM   559  C CA  . PHE A 1 87  ? -6.564  -7.195  -12.180 1.00 29.22 ? 87  PHE A CA  1 
ATOM   560  C C   . PHE A 1 87  ? -6.807  -8.181  -11.049 1.00 29.00 ? 87  PHE A C   1 
ATOM   561  O O   . PHE A 1 87  ? -7.237  -7.796  -9.972  1.00 28.46 ? 87  PHE A O   1 
ATOM   562  C CB  . PHE A 1 87  ? -5.057  -6.978  -12.410 1.00 28.49 ? 87  PHE A CB  1 
ATOM   563  C CG  . PHE A 1 87  ? -4.294  -6.495  -11.190 1.00 25.16 ? 87  PHE A CG  1 
ATOM   564  C CD1 . PHE A 1 87  ? -3.614  -7.420  -10.369 1.00 24.16 ? 87  PHE A CD1 1 
ATOM   565  C CD2 . PHE A 1 87  ? -4.208  -5.139  -10.891 1.00 23.36 ? 87  PHE A CD2 1 
ATOM   566  C CE1 . PHE A 1 87  ? -2.878  -7.016  -9.264  1.00 23.77 ? 87  PHE A CE1 1 
ATOM   567  C CE2 . PHE A 1 87  ? -3.481  -4.704  -9.781  1.00 22.47 ? 87  PHE A CE2 1 
ATOM   568  C CZ  . PHE A 1 87  ? -2.795  -5.668  -8.958  1.00 22.30 ? 87  PHE A CZ  1 
ATOM   569  N N   . ASP A 1 88  ? -6.509  -9.444  -11.316 1.00 30.22 ? 88  ASP A N   1 
ATOM   570  C CA  . ASP A 1 88  ? -6.924  -10.553 -10.466 1.00 31.59 ? 88  ASP A CA  1 
ATOM   571  C C   . ASP A 1 88  ? -6.155  -10.640 -9.153  1.00 30.73 ? 88  ASP A C   1 
ATOM   572  O O   . ASP A 1 88  ? -4.985  -10.208 -9.038  1.00 30.69 ? 88  ASP A O   1 
ATOM   573  C CB  . ASP A 1 88  ? -6.781  -11.873 -11.234 1.00 32.36 ? 88  ASP A CB  1 
ATOM   574  C CG  . ASP A 1 88  ? -7.705  -11.961 -12.464 1.00 36.29 ? 88  ASP A CG  1 
ATOM   575  O OD1 . ASP A 1 88  ? -8.668  -11.149 -12.611 1.00 37.42 ? 88  ASP A OD1 1 
ATOM   576  O OD2 . ASP A 1 88  ? -7.431  -12.853 -13.288 1.00 40.18 ? 88  ASP A OD2 1 
ATOM   577  N N   . ASP A 1 89  ? -6.819  -11.236 -8.163  1.00 30.28 ? 89  ASP A N   1 
ATOM   578  C CA  . ASP A 1 89  ? -6.237  -11.487 -6.845  1.00 28.88 ? 89  ASP A CA  1 
ATOM   579  C C   . ASP A 1 89  ? -5.175  -12.563 -6.836  1.00 28.48 ? 89  ASP A C   1 
ATOM   580  O O   . ASP A 1 89  ? -5.332  -13.640 -7.444  1.00 28.95 ? 89  ASP A O   1 
ATOM   581  C CB  . ASP A 1 89  ? -7.336  -11.940 -5.870  1.00 30.04 ? 89  ASP A CB  1 
ATOM   582  C CG  . ASP A 1 89  ? -8.399  -10.900 -5.678  1.00 31.30 ? 89  ASP A CG  1 
ATOM   583  O OD1 . ASP A 1 89  ? -8.034  -9.705  -5.576  1.00 29.63 ? 89  ASP A OD1 1 
ATOM   584  O OD2 . ASP A 1 89  ? -9.610  -11.286 -5.628  1.00 29.55 ? 89  ASP A OD2 1 
ATOM   585  N N   . GLU A 1 90  ? -4.114  -12.293 -6.092  1.00 26.89 ? 90  GLU A N   1 
ATOM   586  C CA  . GLU A 1 90  ? -3.146  -13.299 -5.673  1.00 25.53 ? 90  GLU A CA  1 
ATOM   587  C C   . GLU A 1 90  ? -3.257  -13.380 -4.146  1.00 25.72 ? 90  GLU A C   1 
ATOM   588  O O   . GLU A 1 90  ? -2.624  -12.593 -3.433  1.00 25.87 ? 90  GLU A O   1 
ATOM   589  C CB  . GLU A 1 90  ? -1.727  -12.882 -6.109  1.00 24.33 ? 90  GLU A CB  1 
ATOM   590  C CG  . GLU A 1 90  ? -1.609  -12.894 -7.643  1.00 23.44 ? 90  GLU A CG  1 
ATOM   591  C CD  . GLU A 1 90  ? -0.445  -12.068 -8.155  1.00 22.95 ? 90  GLU A CD  1 
ATOM   592  O OE1 . GLU A 1 90  ? -0.348  -10.913 -7.758  1.00 20.67 ? 90  GLU A OE1 1 
ATOM   593  O OE2 . GLU A 1 90  ? 0.364   -12.588 -8.951  1.00 23.30 ? 90  GLU A OE2 1 
ATOM   594  N N   . ILE A 1 91  ? -4.096  -14.304 -3.659  1.00 26.16 ? 91  ILE A N   1 
ATOM   595  C CA  . ILE A 1 91  ? -4.432  -14.415 -2.210  1.00 26.76 ? 91  ILE A CA  1 
ATOM   596  C C   . ILE A 1 91  ? -4.142  -15.853 -1.734  1.00 27.89 ? 91  ILE A C   1 
ATOM   597  O O   . ILE A 1 91  ? -4.561  -16.793 -2.391  1.00 28.52 ? 91  ILE A O   1 
ATOM   598  C CB  . ILE A 1 91  ? -5.922  -14.006 -1.957  1.00 27.29 ? 91  ILE A CB  1 
ATOM   599  C CG1 . ILE A 1 91  ? -6.089  -12.482 -2.081  1.00 26.51 ? 91  ILE A CG1 1 
ATOM   600  C CG2 . ILE A 1 91  ? -6.409  -14.454 -0.537  1.00 26.38 ? 91  ILE A CG2 1 
ATOM   601  C CD1 . ILE A 1 91  ? -7.535  -11.969 -2.130  1.00 26.46 ? 91  ILE A CD1 1 
ATOM   602  N N   . TYR A 1 92  ? -3.419  -16.013 -0.623  1.00 28.83 ? 92  TYR A N   1 
ATOM   603  C CA  . TYR A 1 92  ? -2.952  -17.311 -0.155  1.00 29.84 ? 92  TYR A CA  1 
ATOM   604  C C   . TYR A 1 92  ? -3.000  -17.388 1.364   1.00 29.31 ? 92  TYR A C   1 
ATOM   605  O O   . TYR A 1 92  ? -2.729  -16.405 2.048   1.00 27.54 ? 92  TYR A O   1 
ATOM   606  C CB  . TYR A 1 92  ? -1.506  -17.582 -0.586  1.00 32.12 ? 92  TYR A CB  1 
ATOM   607  C CG  . TYR A 1 92  ? -1.297  -17.304 -2.076  1.00 34.51 ? 92  TYR A CG  1 
ATOM   608  C CD1 . TYR A 1 92  ? -0.604  -16.165 -2.503  1.00 31.84 ? 92  TYR A CD1 1 
ATOM   609  C CD2 . TYR A 1 92  ? -1.860  -18.151 -3.048  1.00 37.93 ? 92  TYR A CD2 1 
ATOM   610  C CE1 . TYR A 1 92  ? -0.436  -15.897 -3.860  1.00 32.70 ? 92  TYR A CE1 1 
ATOM   611  C CE2 . TYR A 1 92  ? -1.727  -17.884 -4.440  1.00 39.01 ? 92  TYR A CE2 1 
ATOM   612  C CZ  . TYR A 1 92  ? -0.999  -16.760 -4.835  1.00 38.69 ? 92  TYR A CZ  1 
ATOM   613  O OH  . TYR A 1 92  ? -0.863  -16.511 -6.205  1.00 40.50 ? 92  TYR A OH  1 
ATOM   614  N N   . PRO A 1 93  ? -3.308  -18.587 1.891   1.00 28.70 ? 93  PRO A N   1 
ATOM   615  C CA  . PRO A 1 93  ? -3.220  -18.781 3.353   1.00 28.42 ? 93  PRO A CA  1 
ATOM   616  C C   . PRO A 1 93  ? -1.855  -18.431 3.922   1.00 28.31 ? 93  PRO A C   1 
ATOM   617  O O   . PRO A 1 93  ? -1.800  -17.936 5.030   1.00 28.81 ? 93  PRO A O   1 
ATOM   618  C CB  . PRO A 1 93  ? -3.529  -20.290 3.523   1.00 27.93 ? 93  PRO A CB  1 
ATOM   619  C CG  . PRO A 1 93  ? -4.435  -20.597 2.443   1.00 27.85 ? 93  PRO A CG  1 
ATOM   620  C CD  . PRO A 1 93  ? -3.779  -19.815 1.222   1.00 28.39 ? 93  PRO A CD  1 
ATOM   621  N N   . GLU A 1 94  ? -0.753  -18.648 3.191   1.00 28.57 ? 94  GLU A N   1 
ATOM   622  C CA  . GLU A 1 94  ? 0.589   -18.379 3.745   1.00 30.04 ? 94  GLU A CA  1 
ATOM   623  C C   . GLU A 1 94  ? 0.876   -16.902 3.898   1.00 28.80 ? 94  GLU A C   1 
ATOM   624  O O   . GLU A 1 94  ? 1.824   -16.515 4.587   1.00 27.89 ? 94  GLU A O   1 
ATOM   625  C CB  . GLU A 1 94  ? 1.713   -18.958 2.861   1.00 32.85 ? 94  GLU A CB  1 
ATOM   626  C CG  . GLU A 1 94  ? 1.402   -20.275 2.237   1.00 40.39 ? 94  GLU A CG  1 
ATOM   627  C CD  . GLU A 1 94  ? 0.861   -20.142 0.834   1.00 48.31 ? 94  GLU A CD  1 
ATOM   628  O OE1 . GLU A 1 94  ? -0.356  -20.443 0.652   1.00 47.31 ? 94  GLU A OE1 1 
ATOM   629  O OE2 . GLU A 1 94  ? 1.671   -19.735 -0.068  1.00 51.78 ? 94  GLU A OE2 1 
ATOM   630  N N   . LEU A 1 95  ? 0.069   -16.054 3.256   1.00 28.02 ? 95  LEU A N   1 
ATOM   631  C CA  . LEU A 1 95  ? 0.296   -14.607 3.387   1.00 26.83 ? 95  LEU A CA  1 
ATOM   632  C C   . LEU A 1 95  ? -0.839  -14.041 4.213   1.00 26.88 ? 95  LEU A C   1 
ATOM   633  O O   . LEU A 1 95  ? -1.992  -14.017 3.764   1.00 25.64 ? 95  LEU A O   1 
ATOM   634  C CB  . LEU A 1 95  ? 0.388   -13.925 1.989   1.00 26.18 ? 95  LEU A CB  1 
ATOM   635  C CG  . LEU A 1 95  ? 1.618   -14.316 1.137   1.00 25.86 ? 95  LEU A CG  1 
ATOM   636  C CD1 . LEU A 1 95  ? 1.651   -13.603 -0.255  1.00 21.91 ? 95  LEU A CD1 1 
ATOM   637  C CD2 . LEU A 1 95  ? 2.893   -14.029 1.913   1.00 22.77 ? 95  LEU A CD2 1 
ATOM   638  N N   . LYS A 1 96  ? -0.510  -13.609 5.429   1.00 27.18 ? 96  LYS A N   1 
ATOM   639  C CA  . LYS A 1 96  ? -1.533  -13.163 6.374   1.00 29.93 ? 96  LYS A CA  1 
ATOM   640  C C   . LYS A 1 96  ? -1.211  -11.826 7.039   1.00 28.75 ? 96  LYS A C   1 
ATOM   641  O O   . LYS A 1 96  ? -0.036  -11.418 7.135   1.00 27.33 ? 96  LYS A O   1 
ATOM   642  C CB  . LYS A 1 96  ? -1.749  -14.246 7.466   1.00 30.25 ? 96  LYS A CB  1 
ATOM   643  C CG  . LYS A 1 96  ? -2.560  -15.458 6.953   1.00 32.86 ? 96  LYS A CG  1 
ATOM   644  C CD  . LYS A 1 96  ? -3.170  -16.293 8.099   1.00 34.51 ? 96  LYS A CD  1 
ATOM   645  C CE  . LYS A 1 96  ? -4.300  -17.191 7.558   1.00 39.49 ? 96  LYS A CE  1 
ATOM   646  N NZ  . LYS A 1 96  ? -3.816  -18.426 6.863   1.00 38.67 ? 96  LYS A NZ  1 
ATOM   647  N N   . TYR A 1 97  ? -2.270  -11.170 7.515   1.00 28.84 ? 97  TYR A N   1 
ATOM   648  C CA  . TYR A 1 97  ? -2.162  -9.928  8.268   1.00 29.27 ? 97  TYR A CA  1 
ATOM   649  C C   . TYR A 1 97  ? -1.762  -10.203 9.709   1.00 31.31 ? 97  TYR A C   1 
ATOM   650  O O   . TYR A 1 97  ? -2.541  -9.974  10.638  1.00 30.79 ? 97  TYR A O   1 
ATOM   651  C CB  . TYR A 1 97  ? -3.482  -9.175  8.239   1.00 28.20 ? 97  TYR A CB  1 
ATOM   652  C CG  . TYR A 1 97  ? -3.821  -8.697  6.844   1.00 28.63 ? 97  TYR A CG  1 
ATOM   653  C CD1 . TYR A 1 97  ? -4.699  -9.405  6.046   1.00 27.63 ? 97  TYR A CD1 1 
ATOM   654  C CD2 . TYR A 1 97  ? -3.204  -7.533  6.312   1.00 27.31 ? 97  TYR A CD2 1 
ATOM   655  C CE1 . TYR A 1 97  ? -4.995  -8.973  4.716   1.00 27.88 ? 97  TYR A CE1 1 
ATOM   656  C CE2 . TYR A 1 97  ? -3.518  -7.086  4.991   1.00 25.03 ? 97  TYR A CE2 1 
ATOM   657  C CZ  . TYR A 1 97  ? -4.396  -7.806  4.223   1.00 26.74 ? 97  TYR A CZ  1 
ATOM   658  O OH  . TYR A 1 97  ? -4.696  -7.404  2.927   1.00 27.51 ? 97  TYR A OH  1 
ATOM   659  N N   . ASP A 1 98  ? -0.532  -10.644 9.883   1.00 31.98 ? 98  ASP A N   1 
ATOM   660  C CA  . ASP A 1 98  ? -0.107  -11.201 11.169  1.00 33.24 ? 98  ASP A CA  1 
ATOM   661  C C   . ASP A 1 98  ? 0.929   -10.332 11.848  1.00 33.40 ? 98  ASP A C   1 
ATOM   662  O O   . ASP A 1 98  ? 1.548   -10.764 12.811  1.00 34.37 ? 98  ASP A O   1 
ATOM   663  C CB  . ASP A 1 98  ? 0.411   -12.636 10.979  1.00 33.28 ? 98  ASP A CB  1 
ATOM   664  C CG  . ASP A 1 98  ? 1.628   -12.721 10.075  1.00 35.54 ? 98  ASP A CG  1 
ATOM   665  O OD1 . ASP A 1 98  ? 1.999   -13.869 9.756   1.00 37.39 ? 98  ASP A OD1 1 
ATOM   666  O OD2 . ASP A 1 98  ? 2.214   -11.671 9.686   1.00 33.17 ? 98  ASP A OD2 1 
ATOM   667  N N   . ARG A 1 99  ? 1.141   -9.117  11.320  1.00 31.48 ? 99  ARG A N   1 
ATOM   668  C CA  . ARG A 1 99  ? 2.120   -8.174  11.867  1.00 31.38 ? 99  ARG A CA  1 
ATOM   669  C C   . ARG A 1 99  ? 1.816   -6.761  11.404  1.00 31.63 ? 99  ARG A C   1 
ATOM   670  O O   . ARG A 1 99  ? 1.035   -6.546  10.442  1.00 30.16 ? 99  ARG A O   1 
ATOM   671  C CB  . ARG A 1 99  ? 3.570   -8.565  11.513  1.00 31.49 ? 99  ARG A CB  1 
ATOM   672  C CG  . ARG A 1 99  ? 4.006   -8.302  10.025  1.00 32.39 ? 99  ARG A CG  1 
ATOM   673  C CD  . ARG A 1 99  ? 5.243   -9.079  9.677   1.00 32.82 ? 99  ARG A CD  1 
ATOM   674  N NE  . ARG A 1 99  ? 4.968   -10.515 9.707   1.00 37.44 ? 99  ARG A NE  1 
ATOM   675  C CZ  . ARG A 1 99  ? 5.885   -11.470 9.634   1.00 40.79 ? 99  ARG A CZ  1 
ATOM   676  N NH1 . ARG A 1 99  ? 5.505   -12.742 9.689   1.00 40.54 ? 99  ARG A NH1 1 
ATOM   677  N NH2 . ARG A 1 99  ? 7.184   -11.157 9.527   1.00 44.25 ? 99  ARG A NH2 1 
ATOM   678  N N   . ARG A 1 100 ? 2.428   -5.801  12.086  1.00 31.28 ? 100 ARG A N   1 
ATOM   679  C CA  . ARG A 1 100 ? 2.307   -4.412  11.700  1.00 31.88 ? 100 ARG A CA  1 
ATOM   680  C C   . ARG A 1 100 ? 3.150   -4.131  10.415  1.00 31.35 ? 100 ARG A C   1 
ATOM   681  O O   . ARG A 1 100 ? 4.280   -4.617  10.268  1.00 31.64 ? 100 ARG A O   1 
ATOM   682  C CB  . ARG A 1 100 ? 2.762   -3.541  12.869  1.00 32.38 ? 100 ARG A CB  1 
ATOM   683  C CG  . ARG A 1 100 ? 3.005   -2.052  12.573  1.00 32.39 ? 100 ARG A CG  1 
ATOM   684  C CD  . ARG A 1 100 ? 3.378   -1.360  13.879  1.00 33.36 ? 100 ARG A CD  1 
ATOM   685  N NE  . ARG A 1 100 ? 3.539   0.089   13.786  1.00 31.41 ? 100 ARG A NE  1 
ATOM   686  C CZ  . ARG A 1 100 ? 2.577   0.978   13.975  1.00 33.10 ? 100 ARG A CZ  1 
ATOM   687  N NH1 . ARG A 1 100 ? 2.865   2.286   13.910  1.00 34.73 ? 100 ARG A NH1 1 
ATOM   688  N NH2 . ARG A 1 100 ? 1.339   0.586   14.245  1.00 33.10 ? 100 ARG A NH2 1 
ATOM   689  N N   . GLY A 1 101 ? 2.601   -3.334  9.501   1.00 30.99 ? 101 GLY A N   1 
ATOM   690  C CA  . GLY A 1 101 ? 3.358   -2.908  8.296   1.00 28.96 ? 101 GLY A CA  1 
ATOM   691  C C   . GLY A 1 101 ? 3.186   -3.791  7.067   1.00 27.62 ? 101 GLY A C   1 
ATOM   692  O O   . GLY A 1 101 ? 4.044   -3.792  6.168   1.00 28.61 ? 101 GLY A O   1 
ATOM   693  N N   . ILE A 1 102 ? 2.096   -4.554  7.013   1.00 25.96 ? 102 ILE A N   1 
ATOM   694  C CA  . ILE A 1 102 ? 1.823   -5.358  5.826   1.00 24.20 ? 102 ILE A CA  1 
ATOM   695  C C   . ILE A 1 102 ? 1.385   -4.402  4.699   1.00 23.11 ? 102 ILE A C   1 
ATOM   696  O O   . ILE A 1 102 ? 0.661   -3.430  4.933   1.00 22.90 ? 102 ILE A O   1 
ATOM   697  C CB  . ILE A 1 102 ? 0.721   -6.464  6.086   1.00 25.36 ? 102 ILE A CB  1 
ATOM   698  C CG1 . ILE A 1 102 ? 1.241   -7.513  7.120   1.00 23.85 ? 102 ILE A CG1 1 
ATOM   699  C CG2 . ILE A 1 102 ? 0.261   -7.179  4.790   1.00 19.48 ? 102 ILE A CG2 1 
ATOM   700  C CD1 . ILE A 1 102 ? 2.415   -8.379  6.673   1.00 26.96 ? 102 ILE A CD1 1 
ATOM   701  N N   . LEU A 1 103 ? 1.835   -4.711  3.490   1.00 21.98 ? 103 LEU A N   1 
ATOM   702  C CA  . LEU A 1 103 ? 1.492   -3.911  2.299   1.00 20.50 ? 103 LEU A CA  1 
ATOM   703  C C   . LEU A 1 103 ? 0.548   -4.684  1.415   1.00 20.73 ? 103 LEU A C   1 
ATOM   704  O O   . LEU A 1 103 ? 0.888   -5.798  0.989   1.00 20.79 ? 103 LEU A O   1 
ATOM   705  C CB  . LEU A 1 103 ? 2.771   -3.594  1.519   1.00 19.71 ? 103 LEU A CB  1 
ATOM   706  C CG  . LEU A 1 103 ? 2.550   -2.793  0.204   1.00 19.81 ? 103 LEU A CG  1 
ATOM   707  C CD1 . LEU A 1 103 ? 2.014   -1.420  0.420   1.00 21.83 ? 103 LEU A CD1 1 
ATOM   708  C CD2 . LEU A 1 103 ? 3.916   -2.777  -0.543  1.00 19.32 ? 103 LEU A CD2 1 
ATOM   709  N N   . SER A 1 104 ? -0.597  -4.085  1.084   1.00 21.14 ? 104 SER A N   1 
ATOM   710  C CA  . SER A 1 104 ? -1.678  -4.750  0.320   1.00 22.52 ? 104 SER A CA  1 
ATOM   711  C C   . SER A 1 104 ? -2.305  -3.844  -0.733  1.00 22.29 ? 104 SER A C   1 
ATOM   712  O O   . SER A 1 104 ? -2.189  -2.622  -0.653  1.00 23.26 ? 104 SER A O   1 
ATOM   713  C CB  . SER A 1 104 ? -2.828  -5.144  1.276   1.00 23.20 ? 104 SER A CB  1 
ATOM   714  O OG  . SER A 1 104 ? -2.293  -5.861  2.384   1.00 27.56 ? 104 SER A OG  1 
ATOM   715  N N   . MET A 1 105 ? -3.025  -4.447  -1.666  1.00 22.03 ? 105 MET A N   1 
ATOM   716  C CA  . MET A 1 105 ? -3.827  -3.702  -2.627  1.00 23.70 ? 105 MET A CA  1 
ATOM   717  C C   . MET A 1 105 ? -5.230  -3.527  -2.081  1.00 24.57 ? 105 MET A C   1 
ATOM   718  O O   . MET A 1 105 ? -5.828  -4.483  -1.545  1.00 25.45 ? 105 MET A O   1 
ATOM   719  C CB  . MET A 1 105 ? -3.895  -4.399  -3.981  1.00 21.43 ? 105 MET A CB  1 
ATOM   720  C CG  . MET A 1 105 ? -2.548  -4.582  -4.647  1.00 22.19 ? 105 MET A CG  1 
ATOM   721  S SD  . MET A 1 105 ? -1.777  -2.938  -4.931  1.00 24.66 ? 105 MET A SD  1 
ATOM   722  C CE  . MET A 1 105 ? -2.841  -2.292  -6.279  1.00 23.55 ? 105 MET A CE  1 
ATOM   723  N N   . ALA A 1 106 ? -5.730  -2.295  -2.184  1.00 25.83 ? 106 ALA A N   1 
ATOM   724  C CA  . ALA A 1 106 ? -7.138  -1.997  -1.922  1.00 28.32 ? 106 ALA A CA  1 
ATOM   725  C C   . ALA A 1 106 ? -8.039  -2.587  -3.012  1.00 31.19 ? 106 ALA A C   1 
ATOM   726  O O   . ALA A 1 106 ? -7.599  -2.840  -4.137  1.00 30.68 ? 106 ALA A O   1 
ATOM   727  C CB  . ALA A 1 106 ? -7.324  -0.483  -1.798  1.00 28.28 ? 106 ALA A CB  1 
ATOM   728  N N   . SER A 1 107 ? -9.297  -2.853  -2.679  1.00 34.87 ? 107 SER A N   1 
ATOM   729  C CA  . SER A 1 107 ? -10.263 -3.352  -3.646  1.00 38.63 ? 107 SER A CA  1 
ATOM   730  C C   . SER A 1 107 ? -11.600 -3.372  -2.943  1.00 41.07 ? 107 SER A C   1 
ATOM   731  O O   . SER A 1 107 ? -11.715 -2.825  -1.860  1.00 39.96 ? 107 SER A O   1 
ATOM   732  C CB  . SER A 1 107 ? -9.894  -4.754  -4.156  1.00 39.58 ? 107 SER A CB  1 
ATOM   733  O OG  . SER A 1 107 ? -9.839  -5.733  -3.124  1.00 43.87 ? 107 SER A OG  1 
ATOM   734  N N   . LYS A 1 108 ? -12.625 -4.019  -3.494  1.00 44.46 ? 108 LYS A N   1 
ATOM   735  C CA  . LYS A 1 108 ? -13.824 -4.103  -2.621  1.00 47.41 ? 108 LYS A CA  1 
ATOM   736  C C   . LYS A 1 108 ? -14.050 -5.374  -1.772  1.00 47.45 ? 108 LYS A C   1 
ATOM   737  O O   . LYS A 1 108 ? -15.170 -5.640  -1.297  1.00 47.97 ? 108 LYS A O   1 
ATOM   738  C CB  . LYS A 1 108 ? -15.114 -3.578  -3.265  1.00 47.44 ? 108 LYS A CB  1 
ATOM   739  C CG  . LYS A 1 108 ? -15.890 -2.596  -2.338  1.00 50.70 ? 108 LYS A CG  1 
ATOM   740  C CD  . LYS A 1 108 ? -15.521 -2.729  -0.838  1.00 53.15 ? 108 LYS A CD  1 
ATOM   741  C CE  . LYS A 1 108 ? -14.373 -1.790  -0.408  1.00 55.09 ? 108 LYS A CE  1 
ATOM   742  N NZ  . LYS A 1 108 ? -13.243 -2.463  0.410   1.00 52.44 ? 108 LYS A NZ  1 
ATOM   743  N N   . GLY A 1 109 ? -12.962 -6.091  -1.514  1.00 48.34 ? 109 GLY A N   1 
ATOM   744  C CA  . GLY A 1 109 ? -12.984 -7.274  -0.673  1.00 48.73 ? 109 GLY A CA  1 
ATOM   745  C C   . GLY A 1 109 ? -13.184 -8.458  -1.576  1.00 49.44 ? 109 GLY A C   1 
ATOM   746  O O   . GLY A 1 109 ? -13.985 -8.390  -2.504  1.00 48.91 ? 109 GLY A O   1 
ATOM   747  N N   . ALA A 1 110 ? -12.438 -9.537  -1.329  1.00 50.70 ? 110 ALA A N   1 
ATOM   748  C CA  . ALA A 1 110 ? -12.573 -10.780 -2.122  1.00 51.70 ? 110 ALA A CA  1 
ATOM   749  C C   . ALA A 1 110 ? -13.868 -11.521 -1.780  1.00 52.47 ? 110 ALA A C   1 
ATOM   750  O O   . ALA A 1 110 ? -14.630 -11.907 -2.684  1.00 53.70 ? 110 ALA A O   1 
ATOM   751  C CB  . ALA A 1 110 ? -11.341 -11.709 -1.938  1.00 50.97 ? 110 ALA A CB  1 
ATOM   752  N N   . LYS A 1 112 ? -16.570 -10.403 -1.922  1.00 51.70 ? 112 LYS A N   1 
ATOM   753  C CA  . LYS A 1 112 ? -17.509 -9.341  -2.257  1.00 51.01 ? 112 LYS A CA  1 
ATOM   754  C C   . LYS A 1 112 ? -17.423 -9.088  -3.764  1.00 50.20 ? 112 LYS A C   1 
ATOM   755  O O   . LYS A 1 112 ? -18.282 -9.521  -4.543  1.00 49.64 ? 112 LYS A O   1 
ATOM   756  C CB  . LYS A 1 112 ? -17.110 -8.091  -1.495  1.00 52.17 ? 112 LYS A CB  1 
ATOM   757  C CG  . LYS A 1 112 ? -18.242 -7.221  -1.053  1.00 54.57 ? 112 LYS A CG  1 
ATOM   758  C CD  . LYS A 1 112 ? -18.482 -7.347  0.453   1.00 58.60 ? 112 LYS A CD  1 
ATOM   759  C CE  . LYS A 1 112 ? -19.108 -8.692  0.842   1.00 61.71 ? 112 LYS A CE  1 
ATOM   760  N NZ  . LYS A 1 112 ? -19.666 -8.636  2.238   1.00 62.27 ? 112 LYS A NZ  1 
ATOM   761  N N   . LYS A 1 113 ? -16.359 -8.393  -4.168  1.00 48.14 ? 113 LYS A N   1 
ATOM   762  C CA  . LYS A 1 113 ? -16.044 -8.189  -5.574  1.00 47.31 ? 113 LYS A CA  1 
ATOM   763  C C   . LYS A 1 113 ? -14.586 -8.653  -5.754  1.00 45.11 ? 113 LYS A C   1 
ATOM   764  O O   . LYS A 1 113 ? -13.658 -7.863  -5.591  1.00 44.92 ? 113 LYS A O   1 
ATOM   765  C CB  . LYS A 1 113 ? -16.188 -6.707  -5.965  1.00 47.76 ? 113 LYS A CB  1 
ATOM   766  C CG  . LYS A 1 113 ? -17.332 -5.937  -5.305  1.00 51.05 ? 113 LYS A CG  1 
ATOM   767  C CD  . LYS A 1 113 ? -18.690 -6.366  -5.844  1.00 57.09 ? 113 LYS A CD  1 
ATOM   768  C CE  . LYS A 1 113 ? -19.221 -5.429  -6.932  1.00 59.53 ? 113 LYS A CE  1 
ATOM   769  N NZ  . LYS A 1 113 ? -20.288 -6.124  -7.729  1.00 61.53 ? 113 LYS A NZ  1 
ATOM   770  N N   . PRO A 1 114 ? -14.377 -9.949  -6.027  1.00 43.20 ? 114 PRO A N   1 
ATOM   771  C CA  . PRO A 1 114 ? -12.994 -10.382 -6.243  1.00 41.33 ? 114 PRO A CA  1 
ATOM   772  C C   . PRO A 1 114 ? -12.362 -9.763  -7.506  1.00 39.74 ? 114 PRO A C   1 
ATOM   773  O O   . PRO A 1 114 ? -13.069 -9.234  -8.385  1.00 38.16 ? 114 PRO A O   1 
ATOM   774  C CB  . PRO A 1 114 ? -13.127 -11.896 -6.412  1.00 42.38 ? 114 PRO A CB  1 
ATOM   775  C CG  . PRO A 1 114 ? -14.579 -12.099 -6.874  1.00 42.38 ? 114 PRO A CG  1 
ATOM   776  C CD  . PRO A 1 114 ? -15.334 -11.073 -6.117  1.00 42.65 ? 114 PRO A CD  1 
ATOM   777  N N   . ASN A 1 115 ? -11.032 -9.825  -7.574  1.00 37.40 ? 115 ASN A N   1 
ATOM   778  C CA  . ASN A 1 115 ? -10.296 -9.427  -8.768  1.00 35.81 ? 115 ASN A CA  1 
ATOM   779  C C   . ASN A 1 115 ? -10.556 -7.985  -9.193  1.00 34.77 ? 115 ASN A C   1 
ATOM   780  O O   . ASN A 1 115 ? -10.672 -7.703  -10.377 1.00 35.16 ? 115 ASN A O   1 
ATOM   781  C CB  . ASN A 1 115 ? -10.584 -10.396 -9.923  1.00 35.89 ? 115 ASN A CB  1 
ATOM   782  C CG  . ASN A 1 115 ? -10.406 -11.862 -9.529  1.00 37.26 ? 115 ASN A CG  1 
ATOM   783  O OD1 . ASN A 1 115 ? -9.350  -12.267 -9.024  1.00 36.95 ? 115 ASN A OD1 1 
ATOM   784  N ND2 . ASN A 1 115 ? -11.441 -12.672 -9.772  1.00 37.27 ? 115 ASN A ND2 1 
ATOM   785  N N   . THR A 1 116 ? -10.633 -7.079  -8.215  1.00 34.08 ? 116 THR A N   1 
ATOM   786  C CA  . THR A 1 116 ? -10.825 -5.655  -8.464  1.00 33.20 ? 116 THR A CA  1 
ATOM   787  C C   . THR A 1 116 ? -9.684  -4.804  -7.882  1.00 31.88 ? 116 THR A C   1 
ATOM   788  O O   . THR A 1 116 ? -9.925  -3.795  -7.234  1.00 31.99 ? 116 THR A O   1 
ATOM   789  C CB  . THR A 1 116 ? -12.182 -5.125  -7.905  1.00 33.04 ? 116 THR A CB  1 
ATOM   790  O OG1 . THR A 1 116 ? -12.360 -5.583  -6.555  1.00 35.54 ? 116 THR A OG1 1 
ATOM   791  C CG2 . THR A 1 116 ? -13.350 -5.591  -8.779  1.00 33.12 ? 116 THR A CG2 1 
ATOM   792  N N   . ASN A 1 117 ? -8.437  -5.229  -8.098  1.00 30.23 ? 117 ASN A N   1 
ATOM   793  C CA  . ASN A 1 117 ? -7.270  -4.424  -7.728  1.00 28.08 ? 117 ASN A CA  1 
ATOM   794  C C   . ASN A 1 117 ? -6.977  -3.410  -8.803  1.00 28.39 ? 117 ASN A C   1 
ATOM   795  O O   . ASN A 1 117 ? -7.077  -3.724  -9.977  1.00 29.03 ? 117 ASN A O   1 
ATOM   796  C CB  . ASN A 1 117 ? -6.051  -5.334  -7.520  1.00 27.33 ? 117 ASN A CB  1 
ATOM   797  C CG  . ASN A 1 117 ? -6.370  -6.472  -6.552  1.00 28.17 ? 117 ASN A CG  1 
ATOM   798  O OD1 . ASN A 1 117 ? -6.635  -6.204  -5.377  1.00 26.71 ? 117 ASN A OD1 1 
ATOM   799  N ND2 . ASN A 1 117 ? -6.466  -7.704  -7.059  1.00 25.85 ? 117 ASN A ND2 1 
ATOM   800  N N   . GLY A 1 118 ? -6.565  -2.218  -8.388  1.00 28.06 ? 118 GLY A N   1 
ATOM   801  C CA  . GLY A 1 118 ? -6.225  -1.124  -9.311  1.00 27.71 ? 118 GLY A CA  1 
ATOM   802  C C   . GLY A 1 118 ? -4.833  -0.623  -9.037  1.00 25.51 ? 118 GLY A C   1 
ATOM   803  O O   . GLY A 1 118 ? -3.859  -1.323  -9.291  1.00 25.81 ? 118 GLY A O   1 
ATOM   804  N N   . SER A 1 119 ? -4.755  0.595   -8.528  1.00 24.65 ? 119 SER A N   1 
ATOM   805  C CA  . SER A 1 119 ? -3.533  1.212   -8.100  1.00 23.25 ? 119 SER A CA  1 
ATOM   806  C C   . SER A 1 119 ? -3.500  1.487   -6.581  1.00 22.89 ? 119 SER A C   1 
ATOM   807  O O   . SER A 1 119 ? -2.428  1.626   -6.003  1.00 22.05 ? 119 SER A O   1 
ATOM   808  C CB  . SER A 1 119 ? -3.294  2.522   -8.864  1.00 25.17 ? 119 SER A CB  1 
ATOM   809  O OG  . SER A 1 119 ? -4.223  3.510   -8.459  1.00 24.69 ? 119 SER A OG  1 
ATOM   810  N N   . GLN A 1 120 ? -4.666  1.619   -5.952  1.00 23.02 ? 120 GLN A N   1 
ATOM   811  C CA  . GLN A 1 120 ? -4.697  2.021   -4.524  1.00 23.92 ? 120 GLN A CA  1 
ATOM   812  C C   . GLN A 1 120 ? -4.131  0.909   -3.657  1.00 22.52 ? 120 GLN A C   1 
ATOM   813  O O   . GLN A 1 120 ? -4.365  -0.253  -3.941  1.00 23.47 ? 120 GLN A O   1 
ATOM   814  C CB  . GLN A 1 120 ? -6.113  2.354   -4.056  1.00 23.40 ? 120 GLN A CB  1 
ATOM   815  C CG  . GLN A 1 120 ? -6.488  3.781   -4.386  1.00 27.59 ? 120 GLN A CG  1 
ATOM   816  C CD  . GLN A 1 120 ? -7.868  4.059   -3.927  1.00 29.64 ? 120 GLN A CD  1 
ATOM   817  O OE1 . GLN A 1 120 ? -8.127  4.002   -2.739  1.00 28.52 ? 120 GLN A OE1 1 
ATOM   818  N NE2 . GLN A 1 120 ? -8.785  4.318   -4.869  1.00 29.50 ? 120 GLN A NE2 1 
ATOM   819  N N   . PHE A 1 121 ? -3.390  1.274   -2.617  1.00 22.83 ? 121 PHE A N   1 
ATOM   820  C CA  . PHE A 1 121 ? -2.762  0.255   -1.758  1.00 23.04 ? 121 PHE A CA  1 
ATOM   821  C C   . PHE A 1 121 ? -2.920  0.721   -0.306  1.00 24.06 ? 121 PHE A C   1 
ATOM   822  O O   . PHE A 1 121 ? -3.230  1.895   -0.062  1.00 23.08 ? 121 PHE A O   1 
ATOM   823  C CB  . PHE A 1 121 ? -1.287  0.028   -2.145  1.00 22.23 ? 121 PHE A CB  1 
ATOM   824  C CG  . PHE A 1 121 ? -0.421  1.282   -2.008  1.00 24.79 ? 121 PHE A CG  1 
ATOM   825  C CD1 . PHE A 1 121 ? 0.218   1.577   -0.790  1.00 22.32 ? 121 PHE A CD1 1 
ATOM   826  C CD2 . PHE A 1 121 ? -0.273  2.173   -3.078  1.00 25.42 ? 121 PHE A CD2 1 
ATOM   827  C CE1 . PHE A 1 121 ? 1.003   2.723   -0.634  1.00 28.17 ? 121 PHE A CE1 1 
ATOM   828  C CE2 . PHE A 1 121 ? 0.540   3.326   -2.932  1.00 24.34 ? 121 PHE A CE2 1 
ATOM   829  C CZ  . PHE A 1 121 ? 1.159   3.604   -1.716  1.00 24.13 ? 121 PHE A CZ  1 
ATOM   830  N N   . PHE A 1 122 ? -2.718  -0.185  0.646   1.00 23.28 ? 122 PHE A N   1 
ATOM   831  C CA  . PHE A 1 122 ? -2.756  0.215   2.062   1.00 23.75 ? 122 PHE A CA  1 
ATOM   832  C C   . PHE A 1 122 ? -1.686  -0.509  2.880   1.00 23.43 ? 122 PHE A C   1 
ATOM   833  O O   . PHE A 1 122 ? -1.141  -1.540  2.454   1.00 22.26 ? 122 PHE A O   1 
ATOM   834  C CB  . PHE A 1 122 ? -4.170  0.043   2.665   1.00 22.89 ? 122 PHE A CB  1 
ATOM   835  C CG  . PHE A 1 122 ? -4.677  -1.408  2.721   1.00 24.47 ? 122 PHE A CG  1 
ATOM   836  C CD1 . PHE A 1 122 ? -4.477  -2.196  3.879   1.00 26.82 ? 122 PHE A CD1 1 
ATOM   837  C CD2 . PHE A 1 122 ? -5.424  -1.937  1.668   1.00 23.44 ? 122 PHE A CD2 1 
ATOM   838  C CE1 . PHE A 1 122 ? -4.971  -3.518  3.952   1.00 24.95 ? 122 PHE A CE1 1 
ATOM   839  C CE2 . PHE A 1 122 ? -5.936  -3.264  1.731   1.00 27.96 ? 122 PHE A CE2 1 
ATOM   840  C CZ  . PHE A 1 122 ? -5.714  -4.052  2.876   1.00 23.10 ? 122 PHE A CZ  1 
ATOM   841  N N   . ILE A 1 123 ? -1.375  0.071   4.028   1.00 23.24 ? 123 ILE A N   1 
ATOM   842  C CA  . ILE A 1 123 ? -0.348  -0.422  4.930   1.00 24.00 ? 123 ILE A CA  1 
ATOM   843  C C   . ILE A 1 123 ? -1.071  -0.625  6.305   1.00 25.21 ? 123 ILE A C   1 
ATOM   844  O O   . ILE A 1 123 ? -1.811  0.258   6.747   1.00 24.05 ? 123 ILE A O   1 
ATOM   845  C CB  . ILE A 1 123 ? 0.808   0.576   5.074   1.00 23.60 ? 123 ILE A CB  1 
ATOM   846  C CG1 . ILE A 1 123 ? 1.504   0.840   3.706   1.00 24.76 ? 123 ILE A CG1 1 
ATOM   847  C CG2 . ILE A 1 123 ? 1.905   0.095   6.139   1.00 22.16 ? 123 ILE A CG2 1 
ATOM   848  C CD1 . ILE A 1 123 ? 2.170   2.260   3.637   1.00 25.12 ? 123 ILE A CD1 1 
ATOM   849  N N   . THR A 1 124 ? -0.855  -1.775  6.950   1.00 26.30 ? 124 THR A N   1 
ATOM   850  C CA  . THR A 1 124 ? -1.541  -2.041  8.213   1.00 26.31 ? 124 THR A CA  1 
ATOM   851  C C   . THR A 1 124 ? -0.736  -1.525  9.409   1.00 27.23 ? 124 THR A C   1 
ATOM   852  O O   . THR A 1 124 ? 0.493   -1.456  9.357   1.00 27.35 ? 124 THR A O   1 
ATOM   853  C CB  . THR A 1 124 ? -1.878  -3.539  8.381   1.00 26.61 ? 124 THR A CB  1 
ATOM   854  O OG1 . THR A 1 124 ? -0.666  -4.288  8.457   1.00 25.95 ? 124 THR A OG1 1 
ATOM   855  C CG2 . THR A 1 124 ? -2.710  -4.026  7.235   1.00 24.67 ? 124 THR A CG2 1 
ATOM   856  N N   . TYR A 1 125 ? -1.451  -1.145  10.475  1.00 29.03 ? 125 TYR A N   1 
ATOM   857  C CA  . TYR A 1 125 ? -0.832  -0.687  11.727  1.00 31.25 ? 125 TYR A CA  1 
ATOM   858  C C   . TYR A 1 125 ? -0.754  -1.816  12.791  1.00 32.44 ? 125 TYR A C   1 
ATOM   859  O O   . TYR A 1 125 ? -0.043  -1.692  13.807  1.00 32.91 ? 125 TYR A O   1 
ATOM   860  C CB  . TYR A 1 125 ? -1.614  0.519   12.280  1.00 30.92 ? 125 TYR A CB  1 
ATOM   861  C CG  . TYR A 1 125 ? -1.411  1.830   11.525  1.00 29.80 ? 125 TYR A CG  1 
ATOM   862  C CD1 . TYR A 1 125 ? -2.497  2.541   11.017  1.00 29.71 ? 125 TYR A CD1 1 
ATOM   863  C CD2 . TYR A 1 125 ? -0.150  2.354   11.341  1.00 30.49 ? 125 TYR A CD2 1 
ATOM   864  C CE1 . TYR A 1 125 ? -2.308  3.764   10.348  1.00 28.36 ? 125 TYR A CE1 1 
ATOM   865  C CE2 . TYR A 1 125 ? 0.054   3.593   10.664  1.00 27.45 ? 125 TYR A CE2 1 
ATOM   866  C CZ  . TYR A 1 125 ? -1.040  4.269   10.186  1.00 27.38 ? 125 TYR A CZ  1 
ATOM   867  O OH  . TYR A 1 125 ? -0.872  5.474   9.540   1.00 32.00 ? 125 TYR A OH  1 
ATOM   868  N N   . SER A 1 126 ? -1.454  -2.912  12.538  1.00 33.03 ? 126 SER A N   1 
ATOM   869  C CA  . SER A 1 126 ? -1.350  -4.097  13.404  1.00 34.01 ? 126 SER A CA  1 
ATOM   870  C C   . SER A 1 126 ? -1.771  -5.371  12.693  1.00 32.86 ? 126 SER A C   1 
ATOM   871  O O   . SER A 1 126 ? -2.188  -5.325  11.519  1.00 32.69 ? 126 SER A O   1 
ATOM   872  C CB  . SER A 1 126 ? -2.200  -3.913  14.676  1.00 34.57 ? 126 SER A CB  1 
ATOM   873  O OG  . SER A 1 126 ? -3.550  -3.744  14.340  1.00 39.44 ? 126 SER A OG  1 
ATOM   874  N N   . SER A 1 127 ? -1.665  -6.513  13.395  1.00 32.05 ? 127 SER A N   1 
ATOM   875  C CA  . SER A 1 127 ? -2.244  -7.772  12.916  1.00 31.46 ? 127 SER A CA  1 
ATOM   876  C C   . SER A 1 127 ? -3.720  -7.570  12.741  1.00 29.65 ? 127 SER A C   1 
ATOM   877  O O   . SER A 1 127 ? -4.381  -7.003  13.608  1.00 29.55 ? 127 SER A O   1 
ATOM   878  C CB  . SER A 1 127 ? -2.036  -8.927  13.911  1.00 32.62 ? 127 SER A CB  1 
ATOM   879  O OG  . SER A 1 127 ? -0.684  -8.978  14.340  1.00 37.44 ? 127 SER A OG  1 
ATOM   880  N N   . LEU A 1 128 ? -4.257  -8.051  11.635  1.00 28.29 ? 128 LEU A N   1 
ATOM   881  C CA  . LEU A 1 128 ? -5.663  -7.851  11.347  1.00 27.99 ? 128 LEU A CA  1 
ATOM   882  C C   . LEU A 1 128 ? -6.298  -9.097  10.725  1.00 28.08 ? 128 LEU A C   1 
ATOM   883  O O   . LEU A 1 128 ? -6.656  -9.109  9.536   1.00 27.10 ? 128 LEU A O   1 
ATOM   884  C CB  . LEU A 1 128 ? -5.861  -6.596  10.440  1.00 27.66 ? 128 LEU A CB  1 
ATOM   885  C CG  . LEU A 1 128 ? -5.559  -5.195  11.034  1.00 27.46 ? 128 LEU A CG  1 
ATOM   886  C CD1 . LEU A 1 128 ? -5.363  -4.107  9.923   1.00 25.52 ? 128 LEU A CD1 1 
ATOM   887  C CD2 . LEU A 1 128 ? -6.582  -4.697  12.060  1.00 27.65 ? 128 LEU A CD2 1 
ATOM   888  N N   . PRO A 1 129 ? -6.481  -10.172 11.539  1.00 29.29 ? 129 PRO A N   1 
ATOM   889  C CA  . PRO A 1 129 ? -6.989  -11.434 10.972  1.00 28.03 ? 129 PRO A CA  1 
ATOM   890  C C   . PRO A 1 129 ? -8.337  -11.295 10.259  1.00 27.81 ? 129 PRO A C   1 
ATOM   891  O O   . PRO A 1 129 ? -8.626  -12.077 9.387   1.00 27.02 ? 129 PRO A O   1 
ATOM   892  C CB  . PRO A 1 129 ? -7.120  -12.374 12.215  1.00 29.78 ? 129 PRO A CB  1 
ATOM   893  C CG  . PRO A 1 129 ? -6.363  -11.739 13.296  1.00 29.11 ? 129 PRO A CG  1 
ATOM   894  C CD  . PRO A 1 129 ? -6.227  -10.264 12.996  1.00 28.79 ? 129 PRO A CD  1 
ATOM   895  N N   . GLN A 1 130 ? -9.181  -10.318 10.603  1.00 28.35 ? 130 GLN A N   1 
ATOM   896  C CA  . GLN A 1 130 ? -10.442 -10.142 9.842   1.00 29.00 ? 130 GLN A CA  1 
ATOM   897  C C   . GLN A 1 130 ? -10.270 -9.814  8.359   1.00 28.86 ? 130 GLN A C   1 
ATOM   898  O O   . GLN A 1 130 ? -11.212 -9.954  7.566   1.00 27.22 ? 130 GLN A O   1 
ATOM   899  C CB  . GLN A 1 130 ? -11.305 -9.025  10.429  1.00 30.97 ? 130 GLN A CB  1 
ATOM   900  C CG  . GLN A 1 130 ? -10.969 -8.698  11.837  1.00 37.69 ? 130 GLN A CG  1 
ATOM   901  C CD  . GLN A 1 130 ? -9.831  -7.668  11.969  1.00 39.30 ? 130 GLN A CD  1 
ATOM   902  O OE1 . GLN A 1 130 ? -8.740  -8.012  12.416  1.00 37.80 ? 130 GLN A OE1 1 
ATOM   903  N NE2 . GLN A 1 130 ? -10.122 -6.389  11.664  1.00 42.58 ? 130 GLN A NE2 1 
ATOM   904  N N   . LEU A 1 131 ? -9.074  -9.363  7.988   1.00 28.88 ? 131 LEU A N   1 
ATOM   905  C CA  . LEU A 1 131 ? -8.800  -9.014  6.588   1.00 29.49 ? 131 LEU A CA  1 
ATOM   906  C C   . LEU A 1 131 ? -8.228  -10.182 5.778   1.00 28.88 ? 131 LEU A C   1 
ATOM   907  O O   . LEU A 1 131 ? -8.140  -10.113 4.553   1.00 27.77 ? 131 LEU A O   1 
ATOM   908  C CB  . LEU A 1 131 ? -7.831  -7.809  6.527   1.00 29.51 ? 131 LEU A CB  1 
ATOM   909  C CG  . LEU A 1 131 ? -8.164  -6.489  7.233   1.00 30.71 ? 131 LEU A CG  1 
ATOM   910  C CD1 . LEU A 1 131 ? -7.101  -5.417  6.828   1.00 32.31 ? 131 LEU A CD1 1 
ATOM   911  C CD2 . LEU A 1 131 ? -9.542  -6.073  6.821   1.00 32.76 ? 131 LEU A CD2 1 
ATOM   912  N N   . ASN A 1 132 ? -7.840  -11.251 6.472   1.00 29.22 ? 132 ASN A N   1 
ATOM   913  C CA  . ASN A 1 132 ? -7.288  -12.455 5.841   1.00 28.27 ? 132 ASN A CA  1 
ATOM   914  C C   . ASN A 1 132 ? -8.203  -13.011 4.779   1.00 27.98 ? 132 ASN A C   1 
ATOM   915  O O   . ASN A 1 132 ? -9.380  -13.207 5.002   1.00 28.66 ? 132 ASN A O   1 
ATOM   916  C CB  . ASN A 1 132 ? -6.850  -13.524 6.885   1.00 29.37 ? 132 ASN A CB  1 
ATOM   917  C CG  . ASN A 1 132 ? -5.604  -13.127 7.605   1.00 30.81 ? 132 ASN A CG  1 
ATOM   918  O OD1 . ASN A 1 132 ? -4.774  -12.367 7.055   1.00 31.83 ? 132 ASN A OD1 1 
ATOM   919  N ND2 . ASN A 1 132 ? -5.436  -13.599 8.856   1.00 27.83 ? 132 ASN A ND2 1 
ATOM   920  N N   . GLY A 1 133 ? -7.655  -13.153 3.568   1.00 26.60 ? 133 GLY A N   1 
ATOM   921  C CA  . GLY A 1 133 ? -8.396  -13.555 2.376   1.00 25.47 ? 133 GLY A CA  1 
ATOM   922  C C   . GLY A 1 133 ? -9.174  -12.459 1.691   1.00 26.34 ? 133 GLY A C   1 
ATOM   923  O O   . GLY A 1 133 ? -9.739  -12.680 0.627   1.00 26.07 ? 133 GLY A O   1 
ATOM   924  N N   . GLU A 1 134 ? -9.210  -11.274 2.292   1.00 26.74 ? 134 GLU A N   1 
ATOM   925  C CA  . GLU A 1 134 ? -10.068 -10.208 1.762   1.00 28.19 ? 134 GLU A CA  1 
ATOM   926  C C   . GLU A 1 134 ? -9.372  -9.334  0.723   1.00 28.07 ? 134 GLU A C   1 
ATOM   927  O O   . GLU A 1 134 ? -10.038 -8.833  -0.190  1.00 29.23 ? 134 GLU A O   1 
ATOM   928  C CB  . GLU A 1 134 ? -10.598 -9.319  2.888   1.00 28.28 ? 134 GLU A CB  1 
ATOM   929  C CG  . GLU A 1 134 ? -11.506 -10.058 3.915   1.00 32.15 ? 134 GLU A CG  1 
ATOM   930  C CD  . GLU A 1 134 ? -12.827 -10.542 3.331   1.00 36.78 ? 134 GLU A CD  1 
ATOM   931  O OE1 . GLU A 1 134 ? -13.206 -10.095 2.222   1.00 35.60 ? 134 GLU A OE1 1 
ATOM   932  O OE2 . GLU A 1 134 ? -13.494 -11.379 4.001   1.00 37.99 ? 134 GLU A OE2 1 
ATOM   933  N N   . TYR A 1 135 ? -8.062  -9.148  0.890   1.00 27.24 ? 135 TYR A N   1 
ATOM   934  C CA  . TYR A 1 135 ? -7.239  -8.267  0.058   1.00 26.46 ? 135 TYR A CA  1 
ATOM   935  C C   . TYR A 1 135 ? -5.929  -8.956  -0.256  1.00 25.68 ? 135 TYR A C   1 
ATOM   936  O O   . TYR A 1 135 ? -5.441  -9.757  0.532   1.00 26.40 ? 135 TYR A O   1 
ATOM   937  C CB  . TYR A 1 135 ? -6.963  -6.907  0.774   1.00 25.65 ? 135 TYR A CB  1 
ATOM   938  C CG  . TYR A 1 135 ? -8.270  -6.210  1.145   1.00 27.71 ? 135 TYR A CG  1 
ATOM   939  C CD1 . TYR A 1 135 ? -8.804  -6.334  2.436   1.00 29.09 ? 135 TYR A CD1 1 
ATOM   940  C CD2 . TYR A 1 135 ? -8.995  -5.483  0.195   1.00 27.76 ? 135 TYR A CD2 1 
ATOM   941  C CE1 . TYR A 1 135 ? -10.029 -5.750  2.779   1.00 30.80 ? 135 TYR A CE1 1 
ATOM   942  C CE2 . TYR A 1 135 ? -10.227 -4.861  0.521   1.00 29.80 ? 135 TYR A CE2 1 
ATOM   943  C CZ  . TYR A 1 135 ? -10.730 -5.009  1.823   1.00 31.93 ? 135 TYR A CZ  1 
ATOM   944  O OH  . TYR A 1 135 ? -11.917 -4.423  2.186   1.00 32.14 ? 135 TYR A OH  1 
ATOM   945  N N   . VAL A 1 136 ? -5.346  -8.602  -1.401  1.00 24.44 ? 136 VAL A N   1 
ATOM   946  C CA  . VAL A 1 136 ? -4.021  -9.045  -1.809  1.00 24.08 ? 136 VAL A CA  1 
ATOM   947  C C   . VAL A 1 136 ? -2.926  -8.424  -0.936  1.00 24.54 ? 136 VAL A C   1 
ATOM   948  O O   . VAL A 1 136 ? -2.682  -7.213  -0.984  1.00 25.83 ? 136 VAL A O   1 
ATOM   949  C CB  . VAL A 1 136 ? -3.753  -8.662  -3.298  1.00 24.21 ? 136 VAL A CB  1 
ATOM   950  C CG1 . VAL A 1 136 ? -2.346  -9.103  -3.736  1.00 23.73 ? 136 VAL A CG1 1 
ATOM   951  C CG2 . VAL A 1 136 ? -4.812  -9.301  -4.189  1.00 21.69 ? 136 VAL A CG2 1 
ATOM   952  N N   . ILE A 1 137 ? -2.232  -9.264  -0.178  1.00 23.21 ? 137 ILE A N   1 
ATOM   953  C CA  . ILE A 1 137 ? -1.000  -8.863  0.499   1.00 22.46 ? 137 ILE A CA  1 
ATOM   954  C C   . ILE A 1 137 ? 0.152   -9.082  -0.475  1.00 21.57 ? 137 ILE A C   1 
ATOM   955  O O   . ILE A 1 137 ? 0.223   -10.142 -1.098  1.00 22.17 ? 137 ILE A O   1 
ATOM   956  C CB  . ILE A 1 137 ? -0.759  -9.794  1.769   1.00 20.75 ? 137 ILE A CB  1 
ATOM   957  C CG1 . ILE A 1 137 ? -1.828  -9.539  2.836   1.00 19.91 ? 137 ILE A CG1 1 
ATOM   958  C CG2 . ILE A 1 137 ? 0.685   -9.676  2.264   1.00 20.32 ? 137 ILE A CG2 1 
ATOM   959  C CD1 . ILE A 1 137 ? -1.808  -10.609 4.043   1.00 24.27 ? 137 ILE A CD1 1 
ATOM   960  N N   . PHE A 1 138 ? 1.075   -8.124  -0.602  1.00 21.28 ? 138 PHE A N   1 
ATOM   961  C CA  . PHE A 1 138 ? 2.198   -8.340  -1.528  1.00 20.97 ? 138 PHE A CA  1 
ATOM   962  C C   . PHE A 1 138 ? 3.539   -7.813  -1.021  1.00 21.57 ? 138 PHE A C   1 
ATOM   963  O O   . PHE A 1 138 ? 4.550   -7.923  -1.718  1.00 21.20 ? 138 PHE A O   1 
ATOM   964  C CB  . PHE A 1 138 ? 1.857   -7.860  -2.963  1.00 21.24 ? 138 PHE A CB  1 
ATOM   965  C CG  . PHE A 1 138 ? 1.775   -6.354  -3.090  1.00 20.15 ? 138 PHE A CG  1 
ATOM   966  C CD1 . PHE A 1 138 ? 2.893   -5.631  -3.542  1.00 23.12 ? 138 PHE A CD1 1 
ATOM   967  C CD2 . PHE A 1 138 ? 0.610   -5.666  -2.716  1.00 20.31 ? 138 PHE A CD2 1 
ATOM   968  C CE1 . PHE A 1 138 ? 2.844   -4.206  -3.642  1.00 20.78 ? 138 PHE A CE1 1 
ATOM   969  C CE2 . PHE A 1 138 ? 0.537   -4.246  -2.827  1.00 22.07 ? 138 PHE A CE2 1 
ATOM   970  C CZ  . PHE A 1 138 ? 1.685   -3.532  -3.289  1.00 21.51 ? 138 PHE A CZ  1 
ATOM   971  N N   . GLY A 1 139 ? 3.575   -7.336  0.227   1.00 21.58 ? 139 GLY A N   1 
ATOM   972  C CA  . GLY A 1 139 ? 4.861   -6.935  0.802   1.00 22.12 ? 139 GLY A CA  1 
ATOM   973  C C   . GLY A 1 139 ? 4.753   -6.705  2.284   1.00 22.95 ? 139 GLY A C   1 
ATOM   974  O O   . GLY A 1 139 ? 3.663   -6.822  2.858   1.00 23.02 ? 139 GLY A O   1 
ATOM   975  N N   . LYS A 1 140 ? 5.878   -6.373  2.907   1.00 24.20 ? 140 LYS A N   1 
ATOM   976  C CA  . LYS A 1 140 ? 5.881   -6.091  4.343   1.00 25.93 ? 140 LYS A CA  1 
ATOM   977  C C   . LYS A 1 140 ? 6.948   -5.049  4.637   1.00 25.13 ? 140 LYS A C   1 
ATOM   978  O O   . LYS A 1 140 ? 8.002   -5.043  4.004   1.00 25.10 ? 140 LYS A O   1 
ATOM   979  C CB  . LYS A 1 140 ? 6.151   -7.397  5.157   1.00 25.16 ? 140 LYS A CB  1 
ATOM   980  C CG  . LYS A 1 140 ? 7.564   -7.938  5.036   1.00 27.53 ? 140 LYS A CG  1 
ATOM   981  C CD  . LYS A 1 140 ? 7.809   -9.168  5.940   1.00 29.55 ? 140 LYS A CD  1 
ATOM   982  C CE  . LYS A 1 140 ? 9.256   -9.653  5.812   1.00 35.20 ? 140 LYS A CE  1 
ATOM   983  N NZ  . LYS A 1 140 ? 9.463   -10.977 6.478   1.00 37.70 ? 140 LYS A NZ  1 
ATOM   984  N N   . LEU A 1 141 ? 6.682   -4.194  5.621   1.00 26.17 ? 141 LEU A N   1 
ATOM   985  C CA  . LEU A 1 141 ? 7.656   -3.185  6.075   1.00 27.08 ? 141 LEU A CA  1 
ATOM   986  C C   . LEU A 1 141 ? 8.877   -3.863  6.685   1.00 28.24 ? 141 LEU A C   1 
ATOM   987  O O   . LEU A 1 141 ? 8.743   -4.773  7.529   1.00 28.53 ? 141 LEU A O   1 
ATOM   988  C CB  . LEU A 1 141 ? 7.003   -2.221  7.070   1.00 26.80 ? 141 LEU A CB  1 
ATOM   989  C CG  . LEU A 1 141 ? 7.761   -0.925  7.428   1.00 28.53 ? 141 LEU A CG  1 
ATOM   990  C CD1 . LEU A 1 141 ? 7.869   0.032   6.246   1.00 27.39 ? 141 LEU A CD1 1 
ATOM   991  C CD2 . LEU A 1 141 ? 7.067   -0.210  8.629   1.00 28.85 ? 141 LEU A CD2 1 
ATOM   992  N N   . ILE A 1 142 ? 10.052  -3.451  6.235   1.00 28.51 ? 142 ILE A N   1 
ATOM   993  C CA  . ILE A 1 142 ? 11.297  -3.977  6.771   1.00 31.22 ? 142 ILE A CA  1 
ATOM   994  C C   . ILE A 1 142 ? 12.157  -2.885  7.418   1.00 31.99 ? 142 ILE A C   1 
ATOM   995  O O   . ILE A 1 142 ? 13.088  -3.208  8.155   1.00 33.01 ? 142 ILE A O   1 
ATOM   996  C CB  . ILE A 1 142 ? 12.132  -4.802  5.732   1.00 30.64 ? 142 ILE A CB  1 
ATOM   997  C CG1 . ILE A 1 142 ? 12.393  -4.018  4.434   1.00 32.48 ? 142 ILE A CG1 1 
ATOM   998  C CG2 . ILE A 1 142 ? 11.454  -6.216  5.480   1.00 30.44 ? 142 ILE A CG2 1 
ATOM   999  C CD1 . ILE A 1 142 ? 13.371  -4.691  3.450   1.00 31.28 ? 142 ILE A CD1 1 
ATOM   1000 N N   . ASP A 1 143 ? 11.855  -1.621  7.123   1.00 33.31 ? 143 ASP A N   1 
ATOM   1001 C CA  . ASP A 1 143 ? 12.575  -0.473  7.704   1.00 34.71 ? 143 ASP A CA  1 
ATOM   1002 C C   . ASP A 1 143 ? 11.675  0.751   7.619   1.00 34.51 ? 143 ASP A C   1 
ATOM   1003 O O   . ASP A 1 143 ? 10.762  0.784   6.810   1.00 34.87 ? 143 ASP A O   1 
ATOM   1004 C CB  . ASP A 1 143 ? 13.933  -0.244  7.025   1.00 35.31 ? 143 ASP A CB  1 
ATOM   1005 C CG  . ASP A 1 143 ? 14.939  0.544   7.920   1.00 39.24 ? 143 ASP A CG  1 
ATOM   1006 O OD1 . ASP A 1 143 ? 14.591  0.926   9.064   1.00 39.77 ? 143 ASP A OD1 1 
ATOM   1007 O OD2 . ASP A 1 143 ? 16.078  0.793   7.465   1.00 42.76 ? 143 ASP A OD2 1 
ATOM   1008 N N   . GLY A 1 144 ? 11.920  1.757   8.460   1.00 35.09 ? 144 GLY A N   1 
ATOM   1009 C CA  . GLY A 1 144 ? 11.060  2.948   8.515   1.00 34.57 ? 144 GLY A CA  1 
ATOM   1010 C C   . GLY A 1 144 ? 9.902   2.780   9.495   1.00 35.24 ? 144 GLY A C   1 
ATOM   1011 O O   . GLY A 1 144 ? 8.853   3.412   9.348   1.00 33.84 ? 144 GLY A O   1 
ATOM   1012 N N   . PHE A 1 145 ? 10.082  1.901   10.485  1.00 35.58 ? 145 PHE A N   1 
ATOM   1013 C CA  . PHE A 1 145 ? 9.060   1.698   11.511  1.00 36.95 ? 145 PHE A CA  1 
ATOM   1014 C C   . PHE A 1 145 ? 8.734   2.968   12.280  1.00 37.26 ? 145 PHE A C   1 
ATOM   1015 O O   . PHE A 1 145 ? 7.604   3.168   12.709  1.00 36.69 ? 145 PHE A O   1 
ATOM   1016 C CB  . PHE A 1 145 ? 9.460   0.561   12.457  1.00 37.37 ? 145 PHE A CB  1 
ATOM   1017 C CG  . PHE A 1 145 ? 9.238   -0.796  11.871  1.00 38.46 ? 145 PHE A CG  1 
ATOM   1018 C CD1 . PHE A 1 145 ? 7.993   -1.406  11.959  1.00 40.97 ? 145 PHE A CD1 1 
ATOM   1019 C CD2 . PHE A 1 145 ? 10.250  -1.449  11.194  1.00 40.22 ? 145 PHE A CD2 1 
ATOM   1020 C CE1 . PHE A 1 145 ? 7.780   -2.675  11.399  1.00 41.14 ? 145 PHE A CE1 1 
ATOM   1021 C CE2 . PHE A 1 145 ? 10.042  -2.710  10.644  1.00 39.18 ? 145 PHE A CE2 1 
ATOM   1022 C CZ  . PHE A 1 145 ? 8.810   -3.310  10.748  1.00 39.26 ? 145 PHE A CZ  1 
ATOM   1023 N N   . GLU A 1 146 ? 9.737   3.829   12.412  1.00 38.78 ? 146 GLU A N   1 
ATOM   1024 C CA  . GLU A 1 146 ? 9.609   5.132   13.072  1.00 40.81 ? 146 GLU A CA  1 
ATOM   1025 C C   . GLU A 1 146 ? 8.748   6.060   12.213  1.00 38.79 ? 146 GLU A C   1 
ATOM   1026 O O   . GLU A 1 146 ? 7.863   6.749   12.727  1.00 38.60 ? 146 GLU A O   1 
ATOM   1027 C CB  . GLU A 1 146 ? 11.009  5.702   13.348  1.00 40.89 ? 146 GLU A CB  1 
ATOM   1028 C CG  . GLU A 1 146 ? 11.067  7.119   13.944  1.00 46.93 ? 146 GLU A CG  1 
ATOM   1029 C CD  . GLU A 1 146 ? 12.506  7.710   13.955  1.00 47.43 ? 146 GLU A CD  1 
ATOM   1030 O OE1 . GLU A 1 146 ? 13.422  7.097   14.585  1.00 55.46 ? 146 GLU A OE1 1 
ATOM   1031 O OE2 . GLU A 1 146 ? 12.708  8.795   13.334  1.00 55.41 ? 146 GLU A OE2 1 
ATOM   1032 N N   . THR A 1 147 ? 8.948   6.025   10.891  1.00 37.42 ? 147 THR A N   1 
ATOM   1033 C CA  . THR A 1 147 ? 8.066   6.757   9.968   1.00 35.43 ? 147 THR A CA  1 
ATOM   1034 C C   . THR A 1 147 ? 6.625   6.321   10.128  1.00 34.35 ? 147 THR A C   1 
ATOM   1035 O O   . THR A 1 147 ? 5.729   7.150   10.140  1.00 34.87 ? 147 THR A O   1 
ATOM   1036 C CB  . THR A 1 147 ? 8.462   6.527   8.497   1.00 35.61 ? 147 THR A CB  1 
ATOM   1037 O OG1 . THR A 1 147 ? 9.843   6.848   8.326   1.00 37.46 ? 147 THR A OG1 1 
ATOM   1038 C CG2 . THR A 1 147 ? 7.626   7.400   7.569   1.00 32.94 ? 147 THR A CG2 1 
ATOM   1039 N N   . LEU A 1 148 ? 6.391   5.011   10.243  1.00 33.61 ? 148 LEU A N   1 
ATOM   1040 C CA  . LEU A 1 148 ? 5.026   4.516   10.308  1.00 32.68 ? 148 LEU A CA  1 
ATOM   1041 C C   . LEU A 1 148 ? 4.366   4.959   11.622  1.00 33.34 ? 148 LEU A C   1 
ATOM   1042 O O   . LEU A 1 148 ? 3.195   5.289   11.631  1.00 32.58 ? 148 LEU A O   1 
ATOM   1043 C CB  . LEU A 1 148 ? 4.975   2.996   10.129  1.00 31.50 ? 148 LEU A CB  1 
ATOM   1044 C CG  . LEU A 1 148 ? 3.581   2.381   9.906   1.00 30.98 ? 148 LEU A CG  1 
ATOM   1045 C CD1 . LEU A 1 148 ? 2.862   2.841   8.609   1.00 31.61 ? 148 LEU A CD1 1 
ATOM   1046 C CD2 . LEU A 1 148 ? 3.589   0.834   10.008  1.00 27.81 ? 148 LEU A CD2 1 
ATOM   1047 N N   . ASN A 1 149 ? 5.144   4.980   12.709  1.00 34.91 ? 149 ASN A N   1 
ATOM   1048 C CA  . ASN A 1 149 ? 4.669   5.524   13.996  1.00 36.78 ? 149 ASN A CA  1 
ATOM   1049 C C   . ASN A 1 149 ? 4.228   6.970   13.844  1.00 36.71 ? 149 ASN A C   1 
ATOM   1050 O O   . ASN A 1 149 ? 3.124   7.308   14.258  1.00 37.28 ? 149 ASN A O   1 
ATOM   1051 C CB  . ASN A 1 149 ? 5.745   5.404   15.073  1.00 37.45 ? 149 ASN A CB  1 
ATOM   1052 C CG  . ASN A 1 149 ? 6.008   3.965   15.488  1.00 40.35 ? 149 ASN A CG  1 
ATOM   1053 O OD1 . ASN A 1 149 ? 5.206   3.068   15.224  1.00 45.79 ? 149 ASN A OD1 1 
ATOM   1054 N ND2 . ASN A 1 149 ? 7.138   3.740   16.169  1.00 43.54 ? 149 ASN A ND2 1 
ATOM   1055 N N   . THR A 1 150 ? 5.072   7.811   13.228  1.00 37.17 ? 150 THR A N   1 
ATOM   1056 C CA  . THR A 1 150 ? 4.720   9.221   12.915  1.00 36.97 ? 150 THR A CA  1 
ATOM   1057 C C   . THR A 1 150 ? 3.427   9.335   12.124  1.00 36.73 ? 150 THR A C   1 
ATOM   1058 O O   . THR A 1 150 ? 2.537   10.126  12.472  1.00 36.19 ? 150 THR A O   1 
ATOM   1059 C CB  . THR A 1 150 ? 5.873   9.943   12.154  1.00 37.64 ? 150 THR A CB  1 
ATOM   1060 O OG1 . THR A 1 150 ? 7.070   9.898   12.941  1.00 39.28 ? 150 THR A OG1 1 
ATOM   1061 C CG2 . THR A 1 150 ? 5.545   11.404  11.826  1.00 37.67 ? 150 THR A CG2 1 
ATOM   1062 N N   . LEU A 1 151 ? 3.292   8.519   11.071  1.00 36.16 ? 151 LEU A N   1 
ATOM   1063 C CA  . LEU A 1 151 ? 2.115   8.565   10.215  1.00 35.27 ? 151 LEU A CA  1 
ATOM   1064 C C   . LEU A 1 151 ? 0.868   8.213   11.025  1.00 34.65 ? 151 LEU A C   1 
ATOM   1065 O O   . LEU A 1 151 ? -0.196  8.829   10.862  1.00 33.87 ? 151 LEU A O   1 
ATOM   1066 C CB  . LEU A 1 151 ? 2.275   7.567   9.049   1.00 35.25 ? 151 LEU A CB  1 
ATOM   1067 C CG  . LEU A 1 151 ? 2.759   7.997   7.664   1.00 35.86 ? 151 LEU A CG  1 
ATOM   1068 C CD1 . LEU A 1 151 ? 3.486   9.333   7.604   1.00 36.31 ? 151 LEU A CD1 1 
ATOM   1069 C CD2 . LEU A 1 151 ? 3.563   6.886   6.986   1.00 36.01 ? 151 LEU A CD2 1 
ATOM   1070 N N   . GLU A 1 152 ? 0.994   7.201   11.880  1.00 34.58 ? 152 GLU A N   1 
ATOM   1071 C CA  . GLU A 1 152 ? -0.165  6.739   12.631  1.00 36.41 ? 152 GLU A CA  1 
ATOM   1072 C C   . GLU A 1 152 ? -0.677  7.868   13.537  1.00 37.61 ? 152 GLU A C   1 
ATOM   1073 O O   . GLU A 1 152 ? -1.879  8.022   13.724  1.00 37.55 ? 152 GLU A O   1 
ATOM   1074 C CB  . GLU A 1 152 ? 0.148   5.482   13.443  1.00 35.08 ? 152 GLU A CB  1 
ATOM   1075 C CG  . GLU A 1 152 ? -1.093  4.823   14.010  1.00 36.84 ? 152 GLU A CG  1 
ATOM   1076 C CD  . GLU A 1 152 ? -0.811  3.493   14.717  1.00 35.89 ? 152 GLU A CD  1 
ATOM   1077 O OE1 . GLU A 1 152 ? -1.764  2.717   14.929  1.00 37.88 ? 152 GLU A OE1 1 
ATOM   1078 O OE2 . GLU A 1 152 ? 0.354   3.212   15.051  1.00 38.22 ? 152 GLU A OE2 1 
ATOM   1079 N N   . ASN A 1 153 ? 0.252   8.670   14.047  1.00 39.08 ? 153 ASN A N   1 
ATOM   1080 C CA  . ASN A 1 153 ? -0.090  9.773   14.959  1.00 41.42 ? 153 ASN A CA  1 
ATOM   1081 C C   . ASN A 1 153 ? -0.517  11.096  14.312  1.00 42.57 ? 153 ASN A C   1 
ATOM   1082 O O   . ASN A 1 153 ? -0.944  12.020  15.020  1.00 43.53 ? 153 ASN A O   1 
ATOM   1083 C CB  . ASN A 1 153 ? 1.044   9.954   15.974  1.00 41.74 ? 153 ASN A CB  1 
ATOM   1084 C CG  . ASN A 1 153 ? 1.229   8.713   16.824  1.00 43.41 ? 153 ASN A CG  1 
ATOM   1085 O OD1 . ASN A 1 153 ? 0.253   8.124   17.288  1.00 46.45 ? 153 ASN A OD1 1 
ATOM   1086 N ND2 . ASN A 1 153 ? 2.466   8.284   16.995  1.00 46.17 ? 153 ASN A ND2 1 
ATOM   1087 N N   . CYS A 1 154 ? -0.441  11.175  12.976  1.00 42.13 ? 154 CYS A N   1 
ATOM   1088 C CA  . CYS A 1 154 ? -0.984  12.309  12.214  1.00 42.18 ? 154 CYS A CA  1 
ATOM   1089 C C   . CYS A 1 154 ? -2.499  12.376  12.351  1.00 42.81 ? 154 CYS A C   1 
ATOM   1090 O O   . CYS A 1 154 ? -3.199  11.401  12.032  1.00 42.69 ? 154 CYS A O   1 
ATOM   1091 C CB  . CYS A 1 154 ? -0.587  12.232  10.720  1.00 42.32 ? 154 CYS A CB  1 
ATOM   1092 S SG  . CYS A 1 154 ? 1.160   12.518  10.370  1.00 43.13 ? 154 CYS A SG  1 
ATOM   1093 N N   . PRO A 1 155 ? -3.022  13.517  12.871  1.00 43.26 ? 155 PRO A N   1 
ATOM   1094 C CA  . PRO A 1 155 ? -4.455  13.732  13.036  1.00 43.18 ? 155 PRO A CA  1 
ATOM   1095 C C   . PRO A 1 155 ? -5.245  13.670  11.749  1.00 42.96 ? 155 PRO A C   1 
ATOM   1096 O O   . PRO A 1 155 ? -4.811  14.195  10.718  1.00 43.55 ? 155 PRO A O   1 
ATOM   1097 C CB  . PRO A 1 155 ? -4.541  15.153  13.617  1.00 43.72 ? 155 PRO A CB  1 
ATOM   1098 C CG  . PRO A 1 155 ? -3.212  15.388  14.258  1.00 44.03 ? 155 PRO A CG  1 
ATOM   1099 C CD  . PRO A 1 155 ? -2.232  14.649  13.395  1.00 43.12 ? 155 PRO A CD  1 
ATOM   1100 N N   . SER A 1 156 ? -6.420  13.064  11.828  1.00 42.61 ? 156 SER A N   1 
ATOM   1101 C CA  . SER A 1 156 ? -7.328  13.003  10.703  1.00 42.79 ? 156 SER A CA  1 
ATOM   1102 C C   . SER A 1 156 ? -8.646  13.681  11.060  1.00 43.92 ? 156 SER A C   1 
ATOM   1103 O O   . SER A 1 156 ? -8.944  13.903  12.247  1.00 43.92 ? 156 SER A O   1 
ATOM   1104 C CB  . SER A 1 156 ? -7.568  11.542  10.291  1.00 42.76 ? 156 SER A CB  1 
ATOM   1105 O OG  . SER A 1 156 ? -6.330  10.895  9.993   1.00 40.61 ? 156 SER A OG  1 
ATOM   1106 N N   . ASP A 1 157 ? -9.428  14.006  10.032  1.00 44.51 ? 157 ASP A N   1 
ATOM   1107 C CA  . ASP A 1 157 ? -10.737 14.569  10.231  1.00 45.86 ? 157 ASP A CA  1 
ATOM   1108 C C   . ASP A 1 157 ? -11.704 13.414  10.515  1.00 46.67 ? 157 ASP A C   1 
ATOM   1109 O O   . ASP A 1 157 ? -11.273 12.271  10.740  1.00 46.65 ? 157 ASP A O   1 
ATOM   1110 C CB  . ASP A 1 157 ? -11.149 15.493  9.057   1.00 45.63 ? 157 ASP A CB  1 
ATOM   1111 C CG  . ASP A 1 157 ? -11.420 14.746  7.747   1.00 46.28 ? 157 ASP A CG  1 
ATOM   1112 O OD1 . ASP A 1 157 ? -11.499 13.497  7.756   1.00 42.89 ? 157 ASP A OD1 1 
ATOM   1113 O OD2 . ASP A 1 157 ? -11.568 15.419  6.689   1.00 47.41 ? 157 ASP A OD2 1 
ATOM   1114 N N   . LYS A 1 158 ? -12.996 13.702  10.507  1.00 47.48 ? 158 LYS A N   1 
ATOM   1115 C CA  . LYS A 1 158 ? -13.999 12.703  10.895  1.00 48.65 ? 158 LYS A CA  1 
ATOM   1116 C C   . LYS A 1 158 ? -14.197 11.646  9.812   1.00 47.69 ? 158 LYS A C   1 
ATOM   1117 O O   . LYS A 1 158 ? -14.748 10.571  10.066  1.00 47.51 ? 158 LYS A O   1 
ATOM   1118 C CB  . LYS A 1 158 ? -15.330 13.395  11.264  1.00 50.04 ? 158 LYS A CB  1 
ATOM   1119 C CG  . LYS A 1 158 ? -15.264 14.192  12.598  1.00 52.78 ? 158 LYS A CG  1 
ATOM   1120 C CD  . LYS A 1 158 ? -15.713 13.357  13.819  1.00 57.79 ? 158 LYS A CD  1 
ATOM   1121 C CE  . LYS A 1 158 ? -15.063 13.821  15.157  1.00 57.43 ? 158 LYS A CE  1 
ATOM   1122 N NZ  . LYS A 1 158 ? -14.962 15.313  15.330  1.00 60.56 ? 158 LYS A NZ  1 
ATOM   1123 N N   . SER A 1 159 ? -13.744 11.976  8.601   1.00 46.49 ? 159 SER A N   1 
ATOM   1124 C CA  . SER A 1 159 ? -13.807 11.083  7.462   1.00 45.87 ? 159 SER A CA  1 
ATOM   1125 C C   . SER A 1 159 ? -12.513 10.280  7.255   1.00 44.22 ? 159 SER A C   1 
ATOM   1126 O O   . SER A 1 159 ? -12.353 9.607   6.226   1.00 43.60 ? 159 SER A O   1 
ATOM   1127 C CB  . SER A 1 159 ? -14.152 11.880  6.213   1.00 45.92 ? 159 SER A CB  1 
ATOM   1128 O OG  . SER A 1 159 ? -15.497 12.284  6.321   1.00 49.55 ? 159 SER A OG  1 
ATOM   1129 N N   . HIS A 1 160 ? -11.628 10.355  8.250   1.00 42.74 ? 160 HIS A N   1 
ATOM   1130 C CA  . HIS A 1 160 ? -10.316 9.677   8.275   1.00 42.08 ? 160 HIS A CA  1 
ATOM   1131 C C   . HIS A 1 160 ? -9.317  10.210  7.239   1.00 41.65 ? 160 HIS A C   1 
ATOM   1132 O O   . HIS A 1 160 ? -8.350  9.522   6.899   1.00 40.42 ? 160 HIS A O   1 
ATOM   1133 C CB  . HIS A 1 160 ? -10.447 8.152   8.164   1.00 42.02 ? 160 HIS A CB  1 
ATOM   1134 C CG  . HIS A 1 160 ? -11.510 7.582   9.048   1.00 41.86 ? 160 HIS A CG  1 
ATOM   1135 N ND1 . HIS A 1 160 ? -11.383 7.527   10.420  1.00 40.77 ? 160 HIS A ND1 1 
ATOM   1136 C CD2 . HIS A 1 160 ? -12.733 7.083   8.756   1.00 41.30 ? 160 HIS A CD2 1 
ATOM   1137 C CE1 . HIS A 1 160 ? -12.478 6.993   10.934  1.00 41.20 ? 160 HIS A CE1 1 
ATOM   1138 N NE2 . HIS A 1 160 ? -13.310 6.715   9.943   1.00 42.07 ? 160 HIS A NE2 1 
ATOM   1139 N N   . LYS A 1 161 ? -9.558  11.436  6.770   1.00 40.70 ? 161 LYS A N   1 
ATOM   1140 C CA  . LYS A 1 161 ? -8.636  12.147  5.888   1.00 41.06 ? 161 LYS A CA  1 
ATOM   1141 C C   . LYS A 1 161 ? -7.626  12.922  6.723   1.00 40.47 ? 161 LYS A C   1 
ATOM   1142 O O   . LYS A 1 161 ? -8.028  13.681  7.620   1.00 41.02 ? 161 LYS A O   1 
ATOM   1143 C CB  . LYS A 1 161 ? -9.419  13.088  4.949   1.00 41.49 ? 161 LYS A CB  1 
ATOM   1144 C CG  . LYS A 1 161 ? -8.703  13.388  3.606   1.00 42.62 ? 161 LYS A CG  1 
ATOM   1145 C CD  . LYS A 1 161 ? -9.484  14.372  2.710   1.00 42.48 ? 161 LYS A CD  1 
ATOM   1146 C CE  . LYS A 1 161 ? -8.802  14.540  1.311   1.00 45.36 ? 161 LYS A CE  1 
ATOM   1147 N NZ  . LYS A 1 161 ? -9.008  13.315  0.391   1.00 46.57 ? 161 LYS A NZ  1 
ATOM   1148 N N   . PRO A 1 162 ? -6.308  12.725  6.467   1.00 39.13 ? 162 PRO A N   1 
ATOM   1149 C CA  . PRO A 1 162 ? -5.310  13.528  7.171   1.00 39.06 ? 162 PRO A CA  1 
ATOM   1150 C C   . PRO A 1 162 ? -5.618  15.040  7.081   1.00 39.45 ? 162 PRO A C   1 
ATOM   1151 O O   . PRO A 1 162 ? -6.065  15.518  6.037   1.00 38.54 ? 162 PRO A O   1 
ATOM   1152 C CB  . PRO A 1 162 ? -4.010  13.173  6.449   1.00 38.58 ? 162 PRO A CB  1 
ATOM   1153 C CG  . PRO A 1 162 ? -4.245  11.741  5.997   1.00 37.81 ? 162 PRO A CG  1 
ATOM   1154 C CD  . PRO A 1 162 ? -5.672  11.738  5.562   1.00 39.00 ? 162 PRO A CD  1 
ATOM   1155 N N   . ILE A 1 163 ? -5.438  15.755  8.188   1.00 40.36 ? 163 ILE A N   1 
ATOM   1156 C CA  . ILE A 1 163 ? -5.817  17.191  8.234   1.00 41.30 ? 163 ILE A CA  1 
ATOM   1157 C C   . ILE A 1 163 ? -4.762  17.958  7.461   1.00 40.40 ? 163 ILE A C   1 
ATOM   1158 O O   . ILE A 1 163 ? -5.086  18.713  6.547   1.00 40.69 ? 163 ILE A O   1 
ATOM   1159 C CB  . ILE A 1 163 ? -6.049  17.698  9.699   1.00 41.99 ? 163 ILE A CB  1 
ATOM   1160 C CG1 . ILE A 1 163 ? -7.459  17.293  10.138  1.00 43.03 ? 163 ILE A CG1 1 
ATOM   1161 C CG2 . ILE A 1 163 ? -5.890  19.226  9.792   1.00 43.43 ? 163 ILE A CG2 1 
ATOM   1162 C CD1 . ILE A 1 163 ? -7.595  16.996  11.588  1.00 45.98 ? 163 ILE A CD1 1 
ATOM   1163 N N   . ASP A 1 164 ? -3.503  17.697  7.788   1.00 40.20 ? 164 ASP A N   1 
ATOM   1164 C CA  . ASP A 1 164 ? -2.384  18.063  6.924   1.00 40.30 ? 164 ASP A CA  1 
ATOM   1165 C C   . ASP A 1 164 ? -2.019  16.881  6.000   1.00 39.54 ? 164 ASP A C   1 
ATOM   1166 O O   . ASP A 1 164 ? -1.893  15.741  6.461   1.00 39.63 ? 164 ASP A O   1 
ATOM   1167 C CB  . ASP A 1 164 ? -1.172  18.444  7.764   1.00 41.02 ? 164 ASP A CB  1 
ATOM   1168 C CG  . ASP A 1 164 ? -1.428  19.705  8.620   1.00 44.80 ? 164 ASP A CG  1 
ATOM   1169 O OD1 . ASP A 1 164 ? -2.236  20.566  8.182   1.00 46.82 ? 164 ASP A OD1 1 
ATOM   1170 O OD2 . ASP A 1 164 ? -0.822  19.813  9.700   1.00 44.66 ? 164 ASP A OD2 1 
ATOM   1171 N N   . GLU A 1 165 ? -1.831  17.171  4.717   1.00 38.25 ? 165 GLU A N   1 
ATOM   1172 C CA  . GLU A 1 165 ? -1.564  16.150  3.699   1.00 36.91 ? 165 GLU A CA  1 
ATOM   1173 C C   . GLU A 1 165 ? -0.353  15.272  4.009   1.00 35.45 ? 165 GLU A C   1 
ATOM   1174 O O   . GLU A 1 165 ? 0.700   15.749  4.431   1.00 34.53 ? 165 GLU A O   1 
ATOM   1175 C CB  . GLU A 1 165 ? -1.433  16.804  2.322   1.00 36.99 ? 165 GLU A CB  1 
ATOM   1176 C CG  . GLU A 1 165 ? -2.766  17.202  1.718   1.00 39.81 ? 165 GLU A CG  1 
ATOM   1177 C CD  . GLU A 1 165 ? -2.628  17.751  0.325   1.00 43.41 ? 165 GLU A CD  1 
ATOM   1178 O OE1 . GLU A 1 165 ? -1.576  18.373  0.041   1.00 45.66 ? 165 GLU A OE1 1 
ATOM   1179 O OE2 . GLU A 1 165 ? -3.565  17.564  -0.482  1.00 44.12 ? 165 GLU A OE2 1 
ATOM   1180 N N   . ILE A 1 166 ? -0.532  13.961  3.849   1.00 35.13 ? 166 ILE A N   1 
ATOM   1181 C CA  . ILE A 1 166 ? 0.573   13.017  3.950   1.00 33.34 ? 166 ILE A CA  1 
ATOM   1182 C C   . ILE A 1 166 ? 0.872   12.664  2.482   1.00 32.56 ? 166 ILE A C   1 
ATOM   1183 O O   . ILE A 1 166 ? 0.040   12.130  1.784   1.00 32.36 ? 166 ILE A O   1 
ATOM   1184 C CB  . ILE A 1 166 ? 0.196   11.763  4.788   1.00 33.46 ? 166 ILE A CB  1 
ATOM   1185 C CG1 . ILE A 1 166 ? -0.317  12.187  6.173   1.00 34.54 ? 166 ILE A CG1 1 
ATOM   1186 C CG2 . ILE A 1 166 ? 1.389   10.850  4.906   1.00 31.47 ? 166 ILE A CG2 1 
ATOM   1187 C CD1 . ILE A 1 166 ? -0.766  11.061  7.107   1.00 34.49 ? 166 ILE A CD1 1 
ATOM   1188 N N   . ILE A 1 167 ? 2.055   13.039  2.022   1.00 32.15 ? 167 ILE A N   1 
ATOM   1189 C CA  . ILE A 1 167 ? 2.355   13.011  0.606   1.00 30.77 ? 167 ILE A CA  1 
ATOM   1190 C C   . ILE A 1 167 ? 3.400   11.955  0.315   1.00 29.27 ? 167 ILE A C   1 
ATOM   1191 O O   . ILE A 1 167 ? 4.444   11.885  0.949   1.00 29.64 ? 167 ILE A O   1 
ATOM   1192 C CB  . ILE A 1 167 ? 2.822   14.415  0.093   1.00 31.65 ? 167 ILE A CB  1 
ATOM   1193 C CG1 . ILE A 1 167 ? 1.695   15.446  0.291   1.00 30.88 ? 167 ILE A CG1 1 
ATOM   1194 C CG2 . ILE A 1 167 ? 3.260   14.370  -1.411  1.00 29.89 ? 167 ILE A CG2 1 
ATOM   1195 C CD1 . ILE A 1 167 ? 2.179   16.895  0.293   1.00 31.77 ? 167 ILE A CD1 1 
ATOM   1196 N N   . ILE A 1 168 ? 3.104   11.153  -0.690  1.00 29.31 ? 168 ILE A N   1 
ATOM   1197 C CA  . ILE A 1 168 ? 4.090   10.263  -1.267  1.00 28.02 ? 168 ILE A CA  1 
ATOM   1198 C C   . ILE A 1 168 ? 4.815   11.059  -2.350  1.00 27.69 ? 168 ILE A C   1 
ATOM   1199 O O   . ILE A 1 168 ? 4.223   11.418  -3.384  1.00 27.61 ? 168 ILE A O   1 
ATOM   1200 C CB  . ILE A 1 168 ? 3.406   9.037   -1.908  1.00 28.06 ? 168 ILE A CB  1 
ATOM   1201 C CG1 . ILE A 1 168 ? 2.798   8.127   -0.823  1.00 27.21 ? 168 ILE A CG1 1 
ATOM   1202 C CG2 . ILE A 1 168 ? 4.426   8.186   -2.711  1.00 27.66 ? 168 ILE A CG2 1 
ATOM   1203 C CD1 . ILE A 1 168 ? 1.855   7.113   -1.457  1.00 29.41 ? 168 ILE A CD1 1 
ATOM   1204 N N   . LYS A 1 169 ? 6.093   11.279  -2.138  1.00 28.49 ? 169 LYS A N   1 
ATOM   1205 C CA  . LYS A 1 169 ? 6.886   12.025  -3.109  1.00 30.37 ? 169 LYS A CA  1 
ATOM   1206 C C   . LYS A 1 169 ? 7.220   11.103  -4.294  1.00 30.64 ? 169 LYS A C   1 
ATOM   1207 O O   . LYS A 1 169 ? 7.130   11.495  -5.476  1.00 30.94 ? 169 LYS A O   1 
ATOM   1208 C CB  . LYS A 1 169 ? 8.150   12.540  -2.430  1.00 30.31 ? 169 LYS A CB  1 
ATOM   1209 C CG  . LYS A 1 169 ? 7.903   13.557  -1.306  1.00 33.73 ? 169 LYS A CG  1 
ATOM   1210 C CD  . LYS A 1 169 ? 9.279   13.930  -0.711  1.00 36.98 ? 169 LYS A CD  1 
ATOM   1211 C CE  . LYS A 1 169 ? 9.215   15.119  0.228   1.00 40.80 ? 169 LYS A CE  1 
ATOM   1212 N NZ  . LYS A 1 169 ? 10.560  15.331  0.881   1.00 39.36 ? 169 LYS A NZ  1 
ATOM   1213 N N   . ASP A 1 170 ? 7.614   9.868   -3.970  1.00 30.36 ? 170 ASP A N   1 
ATOM   1214 C CA  . ASP A 1 170 ? 7.949   8.863   -4.999  1.00 29.23 ? 170 ASP A CA  1 
ATOM   1215 C C   . ASP A 1 170 ? 8.011   7.500   -4.315  1.00 28.79 ? 170 ASP A C   1 
ATOM   1216 O O   . ASP A 1 170 ? 8.052   7.409   -3.081  1.00 26.46 ? 170 ASP A O   1 
ATOM   1217 C CB  . ASP A 1 170 ? 9.328   9.155   -5.592  1.00 29.44 ? 170 ASP A CB  1 
ATOM   1218 C CG  . ASP A 1 170 ? 9.504   8.611   -7.027  1.00 29.77 ? 170 ASP A CG  1 
ATOM   1219 O OD1 . ASP A 1 170 ? 8.622   7.905   -7.575  1.00 30.20 ? 170 ASP A OD1 1 
ATOM   1220 O OD2 . ASP A 1 170 ? 10.559  8.917   -7.615  1.00 32.41 ? 170 ASP A OD2 1 
ATOM   1221 N N   . ILE A 1 171 ? 8.004   6.459   -5.141  1.00 27.33 ? 171 ILE A N   1 
ATOM   1222 C CA  . ILE A 1 171 ? 8.229   5.105   -4.684  1.00 27.16 ? 171 ILE A CA  1 
ATOM   1223 C C   . ILE A 1 171 ? 9.322   4.585   -5.602  1.00 27.75 ? 171 ILE A C   1 
ATOM   1224 O O   . ILE A 1 171 ? 9.137   4.507   -6.824  1.00 27.68 ? 171 ILE A O   1 
ATOM   1225 C CB  . ILE A 1 171 ? 6.956   4.214   -4.826  1.00 26.95 ? 171 ILE A CB  1 
ATOM   1226 C CG1 . ILE A 1 171 ? 5.747   4.880   -4.128  1.00 24.51 ? 171 ILE A CG1 1 
ATOM   1227 C CG2 . ILE A 1 171 ? 7.302   2.759   -4.348  1.00 27.10 ? 171 ILE A CG2 1 
ATOM   1228 C CD1 . ILE A 1 171 ? 4.448   4.044   -3.918  1.00 25.25 ? 171 ILE A CD1 1 
ATOM   1229 N N   . VAL A 1 172 ? 10.444  4.241   -5.005  1.00 28.24 ? 172 VAL A N   1 
ATOM   1230 C CA  . VAL A 1 172 ? 11.603  3.792   -5.751  1.00 30.32 ? 172 VAL A CA  1 
ATOM   1231 C C   . VAL A 1 172 ? 12.065  2.388   -5.402  1.00 31.37 ? 172 VAL A C   1 
ATOM   1232 O O   . VAL A 1 172 ? 11.900  1.931   -4.266  1.00 28.56 ? 172 VAL A O   1 
ATOM   1233 C CB  . VAL A 1 172 ? 12.789  4.783   -5.596  1.00 31.21 ? 172 VAL A CB  1 
ATOM   1234 C CG1 . VAL A 1 172 ? 12.351  6.196   -6.058  1.00 31.59 ? 172 VAL A CG1 1 
ATOM   1235 C CG2 . VAL A 1 172 ? 13.285  4.826   -4.181  1.00 30.69 ? 172 VAL A CG2 1 
ATOM   1236 N N   . ILE A 1 173 ? 12.653  1.711   -6.390  1.00 33.37 ? 173 ILE A N   1 
ATOM   1237 C CA  . ILE A 1 173 ? 13.226  0.376   -6.176  1.00 36.66 ? 173 ILE A CA  1 
ATOM   1238 C C   . ILE A 1 173 ? 14.537  0.587   -5.443  1.00 39.91 ? 173 ILE A C   1 
ATOM   1239 O O   . ILE A 1 173 ? 15.389  1.333   -5.914  1.00 39.70 ? 173 ILE A O   1 
ATOM   1240 C CB  . ILE A 1 173 ? 13.524  -0.372  -7.488  1.00 36.36 ? 173 ILE A CB  1 
ATOM   1241 C CG1 . ILE A 1 173 ? 12.255  -0.741  -8.234  1.00 36.84 ? 173 ILE A CG1 1 
ATOM   1242 C CG2 . ILE A 1 173 ? 14.354  -1.673  -7.215  1.00 36.24 ? 173 ILE A CG2 1 
ATOM   1243 C CD1 . ILE A 1 173 ? 11.080  0.214   -7.990  1.00 40.27 ? 173 ILE A CD1 1 
ATOM   1244 N N   . HIS A 1 174 ? 14.693  -0.075  -4.298  1.00 43.12 ? 174 HIS A N   1 
ATOM   1245 C CA  . HIS A 1 174 ? 15.842  0.142   -3.446  1.00 47.00 ? 174 HIS A CA  1 
ATOM   1246 C C   . HIS A 1 174 ? 16.942  -0.876  -3.742  1.00 49.27 ? 174 HIS A C   1 
ATOM   1247 O O   . HIS A 1 174 ? 16.678  -2.081  -3.809  1.00 49.36 ? 174 HIS A O   1 
ATOM   1248 C CB  . HIS A 1 174 ? 15.441  0.099   -1.970  1.00 47.24 ? 174 HIS A CB  1 
ATOM   1249 C CG  . HIS A 1 174 ? 16.588  0.318   -1.035  1.00 48.77 ? 174 HIS A CG  1 
ATOM   1250 N ND1 . HIS A 1 174 ? 16.970  1.573   -0.609  1.00 51.04 ? 174 HIS A ND1 1 
ATOM   1251 C CD2 . HIS A 1 174 ? 17.452  -0.556  -0.463  1.00 50.08 ? 174 HIS A CD2 1 
ATOM   1252 C CE1 . HIS A 1 174 ? 18.017  1.462   0.190   1.00 51.86 ? 174 HIS A CE1 1 
ATOM   1253 N NE2 . HIS A 1 174 ? 18.330  0.180   0.292   1.00 51.91 ? 174 HIS A NE2 1 
ATOM   1254 N N   . SER A 1 175 ? 18.163  -0.357  -3.923  1.00 52.58 ? 175 SER A N   1 
ATOM   1255 C CA  . SER A 1 175 ? 19.382  -1.152  -4.162  1.00 56.11 ? 175 SER A CA  1 
ATOM   1256 C C   . SER A 1 175 ? 20.366  -0.907  -3.017  1.00 57.92 ? 175 SER A C   1 
ATOM   1257 O O   . SER A 1 175 ? 20.762  0.238   -2.778  1.00 58.08 ? 175 SER A O   1 
ATOM   1258 C CB  . SER A 1 175 ? 20.038  -0.758  -5.495  1.00 56.07 ? 175 SER A CB  1 
ATOM   1259 O OG  . SER A 1 175 ? 19.147  -0.919  -6.600  1.00 57.85 ? 175 SER A OG  1 
ATOM   1260 N N   . ASN A 1 176 ? 20.734  -1.979  -2.313  1.00 60.60 ? 176 ASN A N   1 
ATOM   1261 C CA  . ASN A 1 176 ? 21.663  -1.920  -1.166  1.00 63.37 ? 176 ASN A CA  1 
ATOM   1262 C C   . ASN A 1 176 ? 23.112  -1.642  -1.583  1.00 64.44 ? 176 ASN A C   1 
ATOM   1263 O O   . ASN A 1 176 ? 23.654  -2.361  -2.442  1.00 64.07 ? 176 ASN A O   1 
ATOM   1264 C CB  . ASN A 1 176 ? 21.607  -3.230  -0.357  1.00 64.35 ? 176 ASN A CB  1 
ATOM   1265 C CG  . ASN A 1 176 ? 20.775  -3.113  0.929   1.00 66.86 ? 176 ASN A CG  1 
ATOM   1266 O OD1 . ASN A 1 176 ? 19.678  -2.539  0.935   1.00 69.39 ? 176 ASN A OD1 1 
ATOM   1267 N ND2 . ASN A 1 176 ? 21.301  -3.677  2.029   1.00 68.57 ? 176 ASN A ND2 1 
ATOM   1268 N N   . PRO A 1 177 ? 23.744  -0.596  -0.986  1.00 65.65 ? 177 PRO A N   1 
ATOM   1269 C CA  . PRO A 1 177 ? 25.136  -0.247  -1.323  1.00 66.11 ? 177 PRO A CA  1 
ATOM   1270 C C   . PRO A 1 177 ? 26.149  -1.272  -0.806  1.00 66.33 ? 177 PRO A C   1 
ATOM   1271 O O   . PRO A 1 177 ? 26.915  -1.829  -1.604  1.00 66.76 ? 177 PRO A O   1 
ATOM   1272 C CB  . PRO A 1 177 ? 25.348  1.116   -0.636  1.00 66.33 ? 177 PRO A CB  1 
ATOM   1273 C CG  . PRO A 1 177 ? 23.959  1.595   -0.241  1.00 66.34 ? 177 PRO A CG  1 
ATOM   1274 C CD  . PRO A 1 177 ? 23.183  0.334   0.014   1.00 65.78 ? 177 PRO A CD  1 
HETATM 1275 C C   . FMT B 2 .   ? 2.937   -12.675 6.350   1.00 47.20 ? 201 FMT A C   1 
HETATM 1276 O O1  . FMT B 2 .   ? 2.569   -13.867 6.498   1.00 46.61 ? 201 FMT A O1  1 
HETATM 1277 O O2  . FMT B 2 .   ? 2.515   -11.864 5.504   1.00 45.83 ? 201 FMT A O2  1 
HETATM 1278 C C   . FMT C 2 .   ? -3.178  -15.019 -10.618 1.00 66.94 ? 202 FMT A C   1 
HETATM 1279 O O1  . FMT C 2 .   ? -3.684  -15.814 -9.715  1.00 67.15 ? 202 FMT A O1  1 
HETATM 1280 O O2  . FMT C 2 .   ? -4.101  -14.335 -11.246 1.00 66.79 ? 202 FMT A O2  1 
HETATM 1281 C C   . FMT D 2 .   ? -9.204  -1.812  3.131   1.00 59.05 ? 203 FMT A C   1 
HETATM 1282 O O1  . FMT D 2 .   ? -10.095 -1.463  3.921   1.00 59.07 ? 203 FMT A O1  1 
HETATM 1283 O O2  . FMT D 2 .   ? -8.841  -1.196  2.115   1.00 58.34 ? 203 FMT A O2  1 
HETATM 1284 C C   . FMT E 2 .   ? 7.022   -14.652 2.511   1.00 77.08 ? 204 FMT A C   1 
HETATM 1285 O O1  . FMT E 2 .   ? 8.031   -14.756 1.813   1.00 76.76 ? 204 FMT A O1  1 
HETATM 1286 O O2  . FMT E 2 .   ? 7.026   -14.484 3.736   1.00 77.37 ? 204 FMT A O2  1 
HETATM 1287 O O   . HOH F 3 .   ? 5.912   6.708   -8.708  1.00 24.87 ? 205 HOH A O   1 
HETATM 1288 O O   . HOH F 3 .   ? -5.378  -12.053 2.146   1.00 24.48 ? 206 HOH A O   1 
HETATM 1289 O O   . HOH F 3 .   ? -1.263  -6.757  9.376   1.00 26.38 ? 207 HOH A O   1 
HETATM 1290 O O   . HOH F 3 .   ? -2.955  -9.730  -7.151  1.00 23.15 ? 208 HOH A O   1 
HETATM 1291 O O   . HOH F 3 .   ? -7.108  -6.539  -2.891  1.00 22.32 ? 209 HOH A O   1 
HETATM 1292 O O   . HOH F 3 .   ? -3.063  -13.585 1.145   1.00 22.91 ? 210 HOH A O   1 
HETATM 1293 O O   . HOH F 3 .   ? -3.210  13.166  2.979   1.00 27.96 ? 211 HOH A O   1 
HETATM 1294 O O   . HOH F 3 .   ? -6.342  -1.175  -5.778  1.00 26.65 ? 212 HOH A O   1 
HETATM 1295 O O   . HOH F 3 .   ? 0.193   -15.027 -10.036 1.00 25.11 ? 213 HOH A O   1 
HETATM 1296 O O   . HOH F 3 .   ? -1.772  -12.207 -0.894  1.00 22.67 ? 214 HOH A O   1 
HETATM 1297 O O   . HOH F 3 .   ? -4.623  8.349   -2.417  1.00 26.99 ? 215 HOH A O   1 
HETATM 1298 O O   . HOH F 3 .   ? -0.164  -3.777  -7.348  1.00 23.93 ? 216 HOH A O   1 
HETATM 1299 O O   . HOH F 3 .   ? -0.975  7.938   -2.646  1.00 39.10 ? 217 HOH A O   1 
HETATM 1300 O O   . HOH F 3 .   ? 7.031   -14.162 -2.409  1.00 30.36 ? 218 HOH A O   1 
HETATM 1301 O O   . HOH F 3 .   ? -3.270  11.680  -4.593  1.00 41.81 ? 219 HOH A O   1 
HETATM 1302 O O   . HOH F 3 .   ? -4.512  -14.381 4.574   1.00 34.25 ? 220 HOH A O   1 
HETATM 1303 O O   . HOH F 3 .   ? -7.212  1.935   -7.434  1.00 28.84 ? 221 HOH A O   1 
HETATM 1304 O O   . HOH F 3 .   ? -5.655  -16.077 -5.568  1.00 31.80 ? 222 HOH A O   1 
HETATM 1305 O O   . HOH F 3 .   ? -10.820 0.941   -1.088  1.00 34.68 ? 223 HOH A O   1 
HETATM 1306 O O   . HOH F 3 .   ? 7.385   14.001  -6.095  1.00 31.08 ? 224 HOH A O   1 
HETATM 1307 O O   . HOH F 3 .   ? -3.808  11.323  9.369   1.00 38.96 ? 225 HOH A O   1 
HETATM 1308 O O   . HOH F 3 .   ? -0.852  14.704  8.490   1.00 37.57 ? 226 HOH A O   1 
HETATM 1309 O O   . HOH F 3 .   ? -9.874  -7.829  -5.500  1.00 31.34 ? 227 HOH A O   1 
HETATM 1310 O O   . HOH F 3 .   ? -1.823  -4.048  4.014   1.00 33.60 ? 228 HOH A O   1 
HETATM 1311 O O   . HOH F 3 .   ? 6.420   -5.796  8.690   1.00 33.97 ? 229 HOH A O   1 
HETATM 1312 O O   . HOH F 3 .   ? 2.126   11.335  -10.329 1.00 29.03 ? 230 HOH A O   1 
HETATM 1313 O O   . HOH F 3 .   ? 11.363  11.162  3.109   1.00 41.81 ? 231 HOH A O   1 
HETATM 1314 O O   . HOH F 3 .   ? 10.314  3.877   -9.147  1.00 45.14 ? 232 HOH A O   1 
HETATM 1315 O O   . HOH F 3 .   ? -3.435  -12.964 10.660  1.00 33.90 ? 233 HOH A O   1 
HETATM 1316 O O   . HOH F 3 .   ? 3.540   -17.325 -7.996  1.00 39.79 ? 234 HOH A O   1 
HETATM 1317 O O   . HOH F 3 .   ? 9.757   0.771   -10.154 1.00 38.90 ? 235 HOH A O   1 
HETATM 1318 O O   . HOH F 3 .   ? -5.464  -9.880  -14.252 1.00 39.89 ? 236 HOH A O   1 
HETATM 1319 O O   . HOH F 3 .   ? -5.368  14.951  3.414   1.00 37.58 ? 237 HOH A O   1 
HETATM 1320 O O   . HOH F 3 .   ? -10.282 -13.829 -5.487  1.00 34.02 ? 238 HOH A O   1 
HETATM 1321 O O   . HOH F 3 .   ? -9.509  -8.600  -12.795 1.00 34.90 ? 239 HOH A O   1 
HETATM 1322 O O   . HOH F 3 .   ? 9.441   7.004   -10.060 1.00 34.17 ? 240 HOH A O   1 
HETATM 1323 O O   . HOH F 3 .   ? -2.742  15.653  9.979   1.00 40.02 ? 241 HOH A O   1 
HETATM 1324 O O   . HOH F 3 .   ? 5.921   0.941   13.266  1.00 41.70 ? 242 HOH A O   1 
HETATM 1325 O O   . HOH F 3 .   ? 12.981  3.286   -8.922  1.00 31.87 ? 243 HOH A O   1 
HETATM 1326 O O   . HOH F 3 .   ? -9.084  8.297   11.544  1.00 34.91 ? 244 HOH A O   1 
HETATM 1327 O O   . HOH F 3 .   ? -9.340  0.483   -10.520 1.00 33.34 ? 245 HOH A O   1 
HETATM 1328 O O   . HOH F 3 .   ? -0.227  10.259  -10.632 1.00 36.30 ? 246 HOH A O   1 
HETATM 1329 O O   . HOH F 3 .   ? -10.054 -1.620  0.044   1.00 34.48 ? 247 HOH A O   1 
HETATM 1330 O O   . HOH F 3 .   ? -14.662 -3.494  -5.899  1.00 54.07 ? 248 HOH A O   1 
HETATM 1331 O O   . HOH F 3 .   ? -13.317 -13.993 2.716   1.00 32.77 ? 249 HOH A O   1 
HETATM 1332 O O   . HOH F 3 .   ? -11.659 -7.538  -4.037  1.00 40.98 ? 250 HOH A O   1 
HETATM 1333 O O   . HOH F 3 .   ? 8.147   7.963   15.591  1.00 53.85 ? 251 HOH A O   1 
HETATM 1334 O O   . HOH F 3 .   ? 4.865   -17.061 2.831   1.00 48.49 ? 252 HOH A O   1 
HETATM 1335 O O   . HOH F 3 .   ? -10.269 -4.635  -16.027 1.00 37.25 ? 253 HOH A O   1 
HETATM 1336 O O   . HOH F 3 .   ? 12.876  1.027   11.572  1.00 53.15 ? 254 HOH A O   1 
HETATM 1337 O O   . HOH F 3 .   ? 6.023   15.489  -3.854  1.00 45.85 ? 255 HOH A O   1 
HETATM 1338 O O   . HOH F 3 .   ? 5.393   -12.366 5.968   1.00 59.98 ? 256 HOH A O   1 
HETATM 1339 O O   . HOH F 3 .   ? 15.420  6.167   3.430   1.00 50.13 ? 257 HOH A O   1 
HETATM 1340 O O   . HOH F 3 .   ? 1.608   6.925   -15.540 1.00 40.52 ? 258 HOH A O   1 
HETATM 1341 O O   . HOH F 3 .   ? 3.481   -6.549  14.592  1.00 40.37 ? 259 HOH A O   1 
HETATM 1342 O O   . HOH F 3 .   ? -10.872 4.751   -0.061  1.00 45.56 ? 260 HOH A O   1 
HETATM 1343 O O   . HOH F 3 .   ? -1.352  0.847   16.776  1.00 47.02 ? 261 HOH A O   1 
HETATM 1344 O O   . HOH F 3 .   ? 13.123  8.351   6.877   1.00 44.88 ? 262 HOH A O   1 
HETATM 1345 O O   . HOH F 3 .   ? -3.918  14.218  -5.287  1.00 43.53 ? 263 HOH A O   1 
HETATM 1346 O O   . HOH F 3 .   ? 11.211  12.025  -4.324  1.00 40.45 ? 264 HOH A O   1 
HETATM 1347 O O   . HOH F 3 .   ? -5.600  -19.182 -2.180  1.00 34.50 ? 265 HOH A O   1 
HETATM 1348 O O   . HOH F 3 .   ? -15.734 -8.800  -8.947  1.00 45.80 ? 266 HOH A O   1 
HETATM 1349 O O   . HOH F 3 .   ? 9.496   5.887   16.476  1.00 55.90 ? 267 HOH A O   1 
HETATM 1350 O O   . HOH F 3 .   ? -7.085  -7.534  -15.979 1.00 44.55 ? 268 HOH A O   1 
HETATM 1351 O O   . HOH F 3 .   ? 30.182  -1.269  -1.719  1.00 47.39 ? 269 HOH A O   1 
HETATM 1352 O O   . HOH F 3 .   ? 15.412  -4.777  -4.573  1.00 51.47 ? 270 HOH A O   1 
HETATM 1353 O O   . HOH F 3 .   ? -11.850 1.708   -10.795 1.00 40.38 ? 271 HOH A O   1 
HETATM 1354 O O   . HOH F 3 .   ? 11.487  9.848   -10.263 1.00 44.86 ? 272 HOH A O   1 
HETATM 1355 O O   . HOH F 3 .   ? -9.978  -2.186  -18.522 1.00 47.25 ? 273 HOH A O   1 
HETATM 1356 O O   . HOH F 3 .   ? -1.510  18.035  11.439  1.00 55.29 ? 274 HOH A O   1 
HETATM 1357 O O   . HOH F 3 .   ? 12.339  10.300  -6.324  1.00 39.76 ? 275 HOH A O   1 
HETATM 1358 O O   . HOH F 3 .   ? -2.659  -15.986 -15.449 1.00 45.78 ? 276 HOH A O   1 
HETATM 1359 O O   . HOH F 3 .   ? 0.044   -6.277  16.007  1.00 50.84 ? 277 HOH A O   1 
HETATM 1360 O O   . HOH F 3 .   ? 5.973   8.044   -17.160 1.00 47.43 ? 278 HOH A O   1 
HETATM 1361 O O   . HOH F 3 .   ? -7.665  7.587   13.541  1.00 51.29 ? 279 HOH A O   1 
HETATM 1362 O O   . HOH F 3 .   ? -13.440 0.468   1.455   1.00 62.72 ? 280 HOH A O   1 
HETATM 1363 O O   . HOH F 3 .   ? -5.142  16.193  -3.055  1.00 64.15 ? 281 HOH A O   1 
HETATM 1364 O O   . HOH F 3 .   ? -9.986  -1.046  -7.558  1.00 51.04 ? 282 HOH A O   1 
HETATM 1365 O O   . HOH F 3 .   ? 18.791  2.530   -4.156  1.00 64.08 ? 283 HOH A O   1 
HETATM 1366 O O   . HOH F 3 .   ? 9.625   9.953   11.295  1.00 58.73 ? 284 HOH A O   1 
HETATM 1367 O O   . HOH F 3 .   ? -12.904 -7.948  -11.927 1.00 49.07 ? 285 HOH A O   1 
HETATM 1368 O O   . HOH F 3 .   ? -1.909  20.046  4.212   1.00 53.24 ? 286 HOH A O   1 
HETATM 1369 O O   . HOH F 3 .   ? 2.898   12.412  14.068  1.00 50.89 ? 287 HOH A O   1 
HETATM 1370 O O   . HOH F 3 .   ? -5.288  6.276   -14.281 1.00 48.10 ? 288 HOH A O   1 
HETATM 1371 O O   . HOH F 3 .   ? 9.852   16.087  3.591   1.00 62.44 ? 289 HOH A O   1 
HETATM 1372 O O   . HOH F 3 .   ? -11.387 1.299   5.428   1.00 55.36 ? 290 HOH A O   1 
HETATM 1373 O O   . HOH F 3 .   ? 3.738   18.334  -2.749  1.00 39.86 ? 291 HOH A O   1 
HETATM 1374 O O   . HOH F 3 .   ? 10.107  -6.991  9.008   1.00 53.42 ? 292 HOH A O   1 
HETATM 1375 O O   . HOH F 3 .   ? -0.336  -12.232 14.631  1.00 50.35 ? 293 HOH A O   1 
HETATM 1376 O O   . HOH F 3 .   ? -8.632  7.123   -12.186 1.00 50.51 ? 294 HOH A O   1 
HETATM 1377 O O   . HOH F 3 .   ? -5.463  0.854   -17.216 1.00 49.96 ? 295 HOH A O   1 
HETATM 1378 O O   . HOH F 3 .   ? 9.680   -12.955 3.616   1.00 63.16 ? 296 HOH A O   1 
HETATM 1379 O O   . HOH F 3 .   ? -7.943  -14.542 -8.893  1.00 48.47 ? 297 HOH A O   1 
HETATM 1380 O O   . HOH F 3 .   ? 12.343  13.223  1.555   1.00 47.06 ? 298 HOH A O   1 
HETATM 1381 O O   . HOH F 3 .   ? -11.117 -14.995 -7.674  1.00 48.72 ? 299 HOH A O   1 
HETATM 1382 O O   . HOH F 3 .   ? 1.661   17.158  10.919  1.00 48.78 ? 300 HOH A O   1 
HETATM 1383 O O   . HOH F 3 .   ? 16.883  -2.594  5.861   1.00 61.19 ? 301 HOH A O   1 
HETATM 1384 O O   . HOH F 3 .   ? -13.399 7.275   -0.768  1.00 60.67 ? 302 HOH A O   1 
HETATM 1385 O O   . HOH F 3 .   ? 17.287  -4.192  0.563   1.00 55.48 ? 303 HOH A O   1 
HETATM 1386 O O   . HOH F 3 .   ? -7.399  11.767  14.362  1.00 52.18 ? 304 HOH A O   1 
HETATM 1387 O O   . HOH F 3 .   ? -13.953 -12.075 -11.180 1.00 46.89 ? 305 HOH A O   1 
HETATM 1388 O O   . HOH F 3 .   ? -10.843 9.045   3.935   1.00 43.29 ? 306 HOH A O   1 
HETATM 1389 O O   . HOH F 3 .   ? -8.760  0.548   15.226  1.00 55.32 ? 307 HOH A O   1 
HETATM 1390 O O   . HOH F 3 .   ? -10.327 10.564  13.027  1.00 51.02 ? 308 HOH A O   1 
HETATM 1391 O O   . HOH F 3 .   ? -8.140  -2.199  14.650  1.00 59.82 ? 309 HOH A O   1 
HETATM 1392 O O   . HOH F 3 .   ? -8.641  0.292   -5.777  1.00 46.73 ? 310 HOH A O   1 
HETATM 1393 O O   . HOH F 3 .   ? 4.709   11.804  16.016  1.00 49.27 ? 311 HOH A O   1 
HETATM 1394 O O   . HOH F 3 .   ? -3.855  0.580   -19.108 1.00 57.16 ? 312 HOH A O   1 
HETATM 1395 O O   . HOH F 3 .   ? -4.994  9.485   12.347  1.00 56.28 ? 313 HOH A O   1 
HETATM 1396 O O   . HOH F 3 .   ? -12.433 -4.237  10.982  1.00 59.40 ? 314 HOH A O   1 
HETATM 1397 O O   . HOH F 3 .   ? -10.614 1.042   -3.662  1.00 49.95 ? 315 HOH A O   1 
HETATM 1398 O O   . HOH F 3 .   ? 0.225   20.044  0.399   1.00 55.27 ? 316 HOH A O   1 
HETATM 1399 O O   . HOH F 3 .   ? 17.428  -3.591  -6.785  1.00 47.58 ? 317 HOH A O   1 
HETATM 1400 O O   . HOH F 3 .   ? 12.462  -16.758 -4.523  1.00 61.97 ? 318 HOH A O   1 
HETATM 1401 O O   . HOH F 3 .   ? 1.738   18.209  5.284   1.00 47.93 ? 319 HOH A O   1 
HETATM 1402 O O   . HOH F 3 .   ? 14.543  -12.511 -0.949  1.00 69.47 ? 320 HOH A O   1 
HETATM 1403 O O   . HOH F 3 .   ? -12.925 16.703  11.891  1.00 55.72 ? 321 HOH A O   1 
HETATM 1404 O O   . HOH F 3 .   ? -16.505 -11.163 4.479   1.00 50.46 ? 322 HOH A O   1 
HETATM 1405 O O   . HOH F 3 .   ? 1.566   -19.226 -3.221  1.00 62.18 ? 323 HOH A O   1 
HETATM 1406 O O   . HOH F 3 .   ? 11.600  5.336   -13.306 1.00 49.51 ? 324 HOH A O   1 
HETATM 1407 O O   . HOH F 3 .   ? 27.248  -0.163  -3.656  1.00 61.15 ? 325 HOH A O   1 
HETATM 1408 O O   . HOH F 3 .   ? -16.406 -6.473  -10.340 1.00 64.17 ? 326 HOH A O   1 
HETATM 1409 O O   . HOH F 3 .   ? -10.785 0.176   2.086   1.00 57.63 ? 327 HOH A O   1 
HETATM 1410 O O   . HOH F 3 .   ? 8.846   7.301   -16.864 1.00 66.86 ? 328 HOH A O   1 
HETATM 1411 O O   . HOH F 3 .   ? -8.020  15.456  -2.511  1.00 56.54 ? 329 HOH A O   1 
HETATM 1412 O O   . HOH F 3 .   ? 9.025   -13.953 9.417   1.00 52.09 ? 330 HOH A O   1 
HETATM 1413 O O   . HOH F 3 .   ? -2.923  -10.478 -15.533 1.00 71.43 ? 331 HOH A O   1 
HETATM 1414 O O   . HOH F 3 .   ? -0.678  8.511   -15.253 1.00 45.97 ? 332 HOH A O   1 
# 
loop_
_pdbx_poly_seq_scheme.asym_id 
_pdbx_poly_seq_scheme.entity_id 
_pdbx_poly_seq_scheme.seq_id 
_pdbx_poly_seq_scheme.mon_id 
_pdbx_poly_seq_scheme.ndb_seq_num 
_pdbx_poly_seq_scheme.pdb_seq_num 
_pdbx_poly_seq_scheme.auth_seq_num 
_pdbx_poly_seq_scheme.pdb_mon_id 
_pdbx_poly_seq_scheme.auth_mon_id 
_pdbx_poly_seq_scheme.pdb_strand_id 
_pdbx_poly_seq_scheme.pdb_ins_code 
_pdbx_poly_seq_scheme.hetero 
A 1 1   MET 1   1   ?   ?   ?   A . n 
A 1 2   HIS 2   2   ?   ?   ?   A . n 
A 1 3   HIS 3   3   ?   ?   ?   A . n 
A 1 4   HIS 4   4   ?   ?   ?   A . n 
A 1 5   HIS 5   5   ?   ?   ?   A . n 
A 1 6   HIS 6   6   ?   ?   ?   A . n 
A 1 7   HIS 7   7   ?   ?   ?   A . n 
A 1 8   SER 8   8   ?   ?   ?   A . n 
A 1 9   SER 9   9   ?   ?   ?   A . n 
A 1 10  GLY 10  10  ?   ?   ?   A . n 
A 1 11  ARG 11  11  ?   ?   ?   A . n 
A 1 12  GLU 12  12  ?   ?   ?   A . n 
A 1 13  ASN 13  13  ?   ?   ?   A . n 
A 1 14  LEU 14  14  ?   ?   ?   A . n 
A 1 15  TYR 15  15  15  TYR TYR A . n 
A 1 16  PHE 16  16  16  PHE PHE A . n 
A 1 17  GLN 17  17  17  GLN GLN A . n 
A 1 18  GLY 18  18  18  GLY GLY A . n 
A 1 19  VAL 19  19  19  VAL VAL A . n 
A 1 20  ARG 20  20  20  ARG ARG A . n 
A 1 21  ILE 21  21  21  ILE ILE A . n 
A 1 22  ILE 22  22  22  ILE ILE A . n 
A 1 23  THR 23  23  23  THR THR A . n 
A 1 24  ASN 24  24  24  ASN ASN A . n 
A 1 25  TYR 25  25  25  TYR TYR A . n 
A 1 26  GLY 26  26  26  GLY GLY A . n 
A 1 27  ASP 27  27  27  ASP ASP A . n 
A 1 28  LEU 28  28  28  LEU LEU A . n 
A 1 29  LYS 29  29  29  LYS LYS A . n 
A 1 30  PHE 30  30  30  PHE PHE A . n 
A 1 31  GLU 31  31  31  GLU GLU A . n 
A 1 32  LEU 32  32  32  LEU LEU A . n 
A 1 33  PHE 33  33  33  PHE PHE A . n 
A 1 34  CYS 34  34  34  CYS CYS A . n 
A 1 35  SER 35  35  35  SER SER A . n 
A 1 36  GLN 36  36  36  GLN GLN A . n 
A 1 37  CYS 37  37  37  CYS CYS A . n 
A 1 38  PRO 38  38  38  PRO PRO A . n 
A 1 39  LYS 39  39  39  LYS LYS A . n 
A 1 40  ALA 40  40  40  ALA ALA A . n 
A 1 41  CYS 41  41  41  CYS CYS A . n 
A 1 42  LYS 42  42  42  LYS LYS A . n 
A 1 43  ASN 43  43  43  ASN ASN A . n 
A 1 44  PHE 44  44  44  PHE PHE A . n 
A 1 45  LEU 45  45  45  LEU LEU A . n 
A 1 46  ALA 46  46  46  ALA ALA A . n 
A 1 47  LEU 47  47  47  LEU LEU A . n 
A 1 48  SER 48  48  48  SER SER A . n 
A 1 49  ALA 49  49  49  ALA ALA A . n 
A 1 50  SER 50  50  50  SER SER A . n 
A 1 51  GLY 51  51  51  GLY GLY A . n 
A 1 52  TYR 52  52  52  TYR TYR A . n 
A 1 53  TYR 53  53  53  TYR TYR A . n 
A 1 54  LYS 54  54  54  LYS LYS A . n 
A 1 55  ASN 55  55  55  ASN ASN A . n 
A 1 56  THR 56  56  56  THR THR A . n 
A 1 57  ILE 57  57  57  ILE ILE A . n 
A 1 58  PHE 58  58  58  PHE PHE A . n 
A 1 59  HIS 59  59  59  HIS HIS A . n 
A 1 60  LYS 60  60  60  LYS LYS A . n 
A 1 61  ASN 61  61  61  ASN ASN A . n 
A 1 62  ILE 62  62  62  ILE ILE A . n 
A 1 63  LYS 63  63  63  LYS LYS A . n 
A 1 64  GLY 64  64  64  GLY GLY A . n 
A 1 65  PHE 65  65  65  PHE PHE A . n 
A 1 66  ILE 66  66  66  ILE ILE A . n 
A 1 67  ILE 67  67  67  ILE ILE A . n 
A 1 68  GLN 68  68  68  GLN GLN A . n 
A 1 69  GLY 69  69  69  GLY GLY A . n 
A 1 70  GLY 70  70  70  GLY GLY A . n 
A 1 71  ASP 71  71  71  ASP ASP A . n 
A 1 72  PRO 72  72  72  PRO PRO A . n 
A 1 73  THR 73  73  73  THR THR A . n 
A 1 74  GLY 74  74  74  GLY GLY A . n 
A 1 75  THR 75  75  75  THR THR A . n 
A 1 76  GLY 76  76  76  GLY GLY A . n 
A 1 77  LYS 77  77  77  LYS LYS A . n 
A 1 78  GLY 78  78  78  GLY GLY A . n 
A 1 79  GLY 79  79  79  GLY GLY A . n 
A 1 80  GLU 80  80  80  GLU GLU A . n 
A 1 81  SER 81  81  81  SER SER A . n 
A 1 82  ILE 82  82  82  ILE ILE A . n 
A 1 83  TYR 83  83  83  TYR TYR A . n 
A 1 84  GLY 84  84  84  GLY GLY A . n 
A 1 85  ARG 85  85  85  ARG ARG A . n 
A 1 86  TYR 86  86  86  TYR TYR A . n 
A 1 87  PHE 87  87  87  PHE PHE A . n 
A 1 88  ASP 88  88  88  ASP ASP A . n 
A 1 89  ASP 89  89  89  ASP ASP A . n 
A 1 90  GLU 90  90  90  GLU GLU A . n 
A 1 91  ILE 91  91  91  ILE ILE A . n 
A 1 92  TYR 92  92  92  TYR TYR A . n 
A 1 93  PRO 93  93  93  PRO PRO A . n 
A 1 94  GLU 94  94  94  GLU GLU A . n 
A 1 95  LEU 95  95  95  LEU LEU A . n 
A 1 96  LYS 96  96  96  LYS LYS A . n 
A 1 97  TYR 97  97  97  TYR TYR A . n 
A 1 98  ASP 98  98  98  ASP ASP A . n 
A 1 99  ARG 99  99  99  ARG ARG A . n 
A 1 100 ARG 100 100 100 ARG ARG A . n 
A 1 101 GLY 101 101 101 GLY GLY A . n 
A 1 102 ILE 102 102 102 ILE ILE A . n 
A 1 103 LEU 103 103 103 LEU LEU A . n 
A 1 104 SER 104 104 104 SER SER A . n 
A 1 105 MET 105 105 105 MET MET A . n 
A 1 106 ALA 106 106 106 ALA ALA A . n 
A 1 107 SER 107 107 107 SER SER A . n 
A 1 108 LYS 108 108 108 LYS LYS A . n 
A 1 109 GLY 109 109 109 GLY GLY A . n 
A 1 110 ALA 110 110 110 ALA ALA A . n 
A 1 111 SER 111 111 ?   ?   ?   A . n 
A 1 112 LYS 112 112 112 LYS LYS A . n 
A 1 113 LYS 113 113 113 LYS LYS A . n 
A 1 114 PRO 114 114 114 PRO PRO A . n 
A 1 115 ASN 115 115 115 ASN ASN A . n 
A 1 116 THR 116 116 116 THR THR A . n 
A 1 117 ASN 117 117 117 ASN ASN A . n 
A 1 118 GLY 118 118 118 GLY GLY A . n 
A 1 119 SER 119 119 119 SER SER A . n 
A 1 120 GLN 120 120 120 GLN GLN A . n 
A 1 121 PHE 121 121 121 PHE PHE A . n 
A 1 122 PHE 122 122 122 PHE PHE A . n 
A 1 123 ILE 123 123 123 ILE ILE A . n 
A 1 124 THR 124 124 124 THR THR A . n 
A 1 125 TYR 125 125 125 TYR TYR A . n 
A 1 126 SER 126 126 126 SER SER A . n 
A 1 127 SER 127 127 127 SER SER A . n 
A 1 128 LEU 128 128 128 LEU LEU A . n 
A 1 129 PRO 129 129 129 PRO PRO A . n 
A 1 130 GLN 130 130 130 GLN GLN A . n 
A 1 131 LEU 131 131 131 LEU LEU A . n 
A 1 132 ASN 132 132 132 ASN ASN A . n 
A 1 133 GLY 133 133 133 GLY GLY A . n 
A 1 134 GLU 134 134 134 GLU GLU A . n 
A 1 135 TYR 135 135 135 TYR TYR A . n 
A 1 136 VAL 136 136 136 VAL VAL A . n 
A 1 137 ILE 137 137 137 ILE ILE A . n 
A 1 138 PHE 138 138 138 PHE PHE A . n 
A 1 139 GLY 139 139 139 GLY GLY A . n 
A 1 140 LYS 140 140 140 LYS LYS A . n 
A 1 141 LEU 141 141 141 LEU LEU A . n 
A 1 142 ILE 142 142 142 ILE ILE A . n 
A 1 143 ASP 143 143 143 ASP ASP A . n 
A 1 144 GLY 144 144 144 GLY GLY A . n 
A 1 145 PHE 145 145 145 PHE PHE A . n 
A 1 146 GLU 146 146 146 GLU GLU A . n 
A 1 147 THR 147 147 147 THR THR A . n 
A 1 148 LEU 148 148 148 LEU LEU A . n 
A 1 149 ASN 149 149 149 ASN ASN A . n 
A 1 150 THR 150 150 150 THR THR A . n 
A 1 151 LEU 151 151 151 LEU LEU A . n 
A 1 152 GLU 152 152 152 GLU GLU A . n 
A 1 153 ASN 153 153 153 ASN ASN A . n 
A 1 154 CYS 154 154 154 CYS CYS A . n 
A 1 155 PRO 155 155 155 PRO PRO A . n 
A 1 156 SER 156 156 156 SER SER A . n 
A 1 157 ASP 157 157 157 ASP ASP A . n 
A 1 158 LYS 158 158 158 LYS LYS A . n 
A 1 159 SER 159 159 159 SER SER A . n 
A 1 160 HIS 160 160 160 HIS HIS A . n 
A 1 161 LYS 161 161 161 LYS LYS A . n 
A 1 162 PRO 162 162 162 PRO PRO A . n 
A 1 163 ILE 163 163 163 ILE ILE A . n 
A 1 164 ASP 164 164 164 ASP ASP A . n 
A 1 165 GLU 165 165 165 GLU GLU A . n 
A 1 166 ILE 166 166 166 ILE ILE A . n 
A 1 167 ILE 167 167 167 ILE ILE A . n 
A 1 168 ILE 168 168 168 ILE ILE A . n 
A 1 169 LYS 169 169 169 LYS LYS A . n 
A 1 170 ASP 170 170 170 ASP ASP A . n 
A 1 171 ILE 171 171 171 ILE ILE A . n 
A 1 172 VAL 172 172 172 VAL VAL A . n 
A 1 173 ILE 173 173 173 ILE ILE A . n 
A 1 174 HIS 174 174 174 HIS HIS A . n 
A 1 175 SER 175 175 175 SER SER A . n 
A 1 176 ASN 176 176 176 ASN ASN A . n 
A 1 177 PRO 177 177 177 PRO PRO A . n 
A 1 178 ILE 178 178 ?   ?   ?   A . n 
A 1 179 ALA 179 179 ?   ?   ?   A . n 
A 1 180 ASP 180 180 ?   ?   ?   A . n 
A 1 181 GLN 181 181 ?   ?   ?   A . n 
A 1 182 GLU 182 182 ?   ?   ?   A . n 
A 1 183 ILE 183 183 ?   ?   ?   A . n 
A 1 184 LEU 184 184 ?   ?   ?   A . n 
A 1 185 ASP 185 185 ?   ?   ?   A . n 
# 
_pdbx_SG_project.id                    1 
_pdbx_SG_project.project_name          ? 
_pdbx_SG_project.full_name_of_center   'Structural Genomics Consortium' 
_pdbx_SG_project.initial_of_center     SGC 
# 
loop_
_pdbx_nonpoly_scheme.asym_id 
_pdbx_nonpoly_scheme.entity_id 
_pdbx_nonpoly_scheme.mon_id 
_pdbx_nonpoly_scheme.ndb_seq_num 
_pdbx_nonpoly_scheme.pdb_seq_num 
_pdbx_nonpoly_scheme.auth_seq_num 
_pdbx_nonpoly_scheme.pdb_mon_id 
_pdbx_nonpoly_scheme.auth_mon_id 
_pdbx_nonpoly_scheme.pdb_strand_id 
_pdbx_nonpoly_scheme.pdb_ins_code 
B 2 FMT 1   201 201 FMT FMT A . 
C 2 FMT 1   202 202 FMT FMT A . 
D 2 FMT 1   203 203 FMT FMT A . 
E 2 FMT 1   204 204 FMT FMT A . 
F 3 HOH 1   205 1   HOH HOH A . 
F 3 HOH 2   206 2   HOH HOH A . 
F 3 HOH 3   207 3   HOH HOH A . 
F 3 HOH 4   208 4   HOH HOH A . 
F 3 HOH 5   209 5   HOH HOH A . 
F 3 HOH 6   210 6   HOH HOH A . 
F 3 HOH 7   211 7   HOH HOH A . 
F 3 HOH 8   212 8   HOH HOH A . 
F 3 HOH 9   213 9   HOH HOH A . 
F 3 HOH 10  214 10  HOH HOH A . 
F 3 HOH 11  215 11  HOH HOH A . 
F 3 HOH 12  216 12  HOH HOH A . 
F 3 HOH 13  217 13  HOH HOH A . 
F 3 HOH 14  218 14  HOH HOH A . 
F 3 HOH 15  219 15  HOH HOH A . 
F 3 HOH 16  220 16  HOH HOH A . 
F 3 HOH 17  221 17  HOH HOH A . 
F 3 HOH 18  222 18  HOH HOH A . 
F 3 HOH 19  223 19  HOH HOH A . 
F 3 HOH 20  224 20  HOH HOH A . 
F 3 HOH 21  225 21  HOH HOH A . 
F 3 HOH 22  226 22  HOH HOH A . 
F 3 HOH 23  227 23  HOH HOH A . 
F 3 HOH 24  228 24  HOH HOH A . 
F 3 HOH 25  229 25  HOH HOH A . 
F 3 HOH 26  230 26  HOH HOH A . 
F 3 HOH 27  231 27  HOH HOH A . 
F 3 HOH 28  232 28  HOH HOH A . 
F 3 HOH 29  233 29  HOH HOH A . 
F 3 HOH 30  234 30  HOH HOH A . 
F 3 HOH 31  235 31  HOH HOH A . 
F 3 HOH 32  236 32  HOH HOH A . 
F 3 HOH 33  237 33  HOH HOH A . 
F 3 HOH 34  238 34  HOH HOH A . 
F 3 HOH 35  239 35  HOH HOH A . 
F 3 HOH 36  240 36  HOH HOH A . 
F 3 HOH 37  241 37  HOH HOH A . 
F 3 HOH 38  242 38  HOH HOH A . 
F 3 HOH 39  243 39  HOH HOH A . 
F 3 HOH 40  244 40  HOH HOH A . 
F 3 HOH 41  245 41  HOH HOH A . 
F 3 HOH 42  246 42  HOH HOH A . 
F 3 HOH 43  247 43  HOH HOH A . 
F 3 HOH 44  248 44  HOH HOH A . 
F 3 HOH 45  249 45  HOH HOH A . 
F 3 HOH 46  250 46  HOH HOH A . 
F 3 HOH 47  251 48  HOH HOH A . 
F 3 HOH 48  252 49  HOH HOH A . 
F 3 HOH 49  253 50  HOH HOH A . 
F 3 HOH 50  254 51  HOH HOH A . 
F 3 HOH 51  255 52  HOH HOH A . 
F 3 HOH 52  256 53  HOH HOH A . 
F 3 HOH 53  257 54  HOH HOH A . 
F 3 HOH 54  258 55  HOH HOH A . 
F 3 HOH 55  259 56  HOH HOH A . 
F 3 HOH 56  260 58  HOH HOH A . 
F 3 HOH 57  261 59  HOH HOH A . 
F 3 HOH 58  262 60  HOH HOH A . 
F 3 HOH 59  263 61  HOH HOH A . 
F 3 HOH 60  264 62  HOH HOH A . 
F 3 HOH 61  265 63  HOH HOH A . 
F 3 HOH 62  266 64  HOH HOH A . 
F 3 HOH 63  267 65  HOH HOH A . 
F 3 HOH 64  268 66  HOH HOH A . 
F 3 HOH 65  269 67  HOH HOH A . 
F 3 HOH 66  270 68  HOH HOH A . 
F 3 HOH 67  271 69  HOH HOH A . 
F 3 HOH 68  272 70  HOH HOH A . 
F 3 HOH 69  273 71  HOH HOH A . 
F 3 HOH 70  274 72  HOH HOH A . 
F 3 HOH 71  275 73  HOH HOH A . 
F 3 HOH 72  276 74  HOH HOH A . 
F 3 HOH 73  277 75  HOH HOH A . 
F 3 HOH 74  278 76  HOH HOH A . 
F 3 HOH 75  279 77  HOH HOH A . 
F 3 HOH 76  280 78  HOH HOH A . 
F 3 HOH 77  281 79  HOH HOH A . 
F 3 HOH 78  282 81  HOH HOH A . 
F 3 HOH 79  283 82  HOH HOH A . 
F 3 HOH 80  284 84  HOH HOH A . 
F 3 HOH 81  285 85  HOH HOH A . 
F 3 HOH 82  286 86  HOH HOH A . 
F 3 HOH 83  287 88  HOH HOH A . 
F 3 HOH 84  288 90  HOH HOH A . 
F 3 HOH 85  289 91  HOH HOH A . 
F 3 HOH 86  290 92  HOH HOH A . 
F 3 HOH 87  291 93  HOH HOH A . 
F 3 HOH 88  292 94  HOH HOH A . 
F 3 HOH 89  293 95  HOH HOH A . 
F 3 HOH 90  294 96  HOH HOH A . 
F 3 HOH 91  295 97  HOH HOH A . 
F 3 HOH 92  296 98  HOH HOH A . 
F 3 HOH 93  297 101 HOH HOH A . 
F 3 HOH 94  298 102 HOH HOH A . 
F 3 HOH 95  299 103 HOH HOH A . 
F 3 HOH 96  300 105 HOH HOH A . 
F 3 HOH 97  301 106 HOH HOH A . 
F 3 HOH 98  302 107 HOH HOH A . 
F 3 HOH 99  303 108 HOH HOH A . 
F 3 HOH 100 304 109 HOH HOH A . 
F 3 HOH 101 305 110 HOH HOH A . 
F 3 HOH 102 306 111 HOH HOH A . 
F 3 HOH 103 307 112 HOH HOH A . 
F 3 HOH 104 308 114 HOH HOH A . 
F 3 HOH 105 309 115 HOH HOH A . 
F 3 HOH 106 310 116 HOH HOH A . 
F 3 HOH 107 311 118 HOH HOH A . 
F 3 HOH 108 312 119 HOH HOH A . 
F 3 HOH 109 313 120 HOH HOH A . 
F 3 HOH 110 314 121 HOH HOH A . 
F 3 HOH 111 315 122 HOH HOH A . 
F 3 HOH 112 316 124 HOH HOH A . 
F 3 HOH 113 317 128 HOH HOH A . 
F 3 HOH 114 318 129 HOH HOH A . 
F 3 HOH 115 319 134 HOH HOH A . 
F 3 HOH 116 320 136 HOH HOH A . 
F 3 HOH 117 321 137 HOH HOH A . 
F 3 HOH 118 322 138 HOH HOH A . 
F 3 HOH 119 323 139 HOH HOH A . 
F 3 HOH 120 324 140 HOH HOH A . 
F 3 HOH 121 325 143 HOH HOH A . 
F 3 HOH 122 326 144 HOH HOH A . 
F 3 HOH 123 327 145 HOH HOH A . 
F 3 HOH 124 328 146 HOH HOH A . 
F 3 HOH 125 329 147 HOH HOH A . 
F 3 HOH 126 330 148 HOH HOH A . 
F 3 HOH 127 331 149 HOH HOH A . 
F 3 HOH 128 332 150 HOH HOH A . 
# 
_pdbx_struct_assembly.id                   1 
_pdbx_struct_assembly.details              author_defined_assembly 
_pdbx_struct_assembly.method_details       ? 
_pdbx_struct_assembly.oligomeric_details   monomeric 
_pdbx_struct_assembly.oligomeric_count     1 
# 
_pdbx_struct_assembly_gen.assembly_id       1 
_pdbx_struct_assembly_gen.oper_expression   1 
_pdbx_struct_assembly_gen.asym_id_list      A,B,C,D,E,F 
# 
_pdbx_struct_oper_list.id                   1 
_pdbx_struct_oper_list.type                 'identity operation' 
_pdbx_struct_oper_list.name                 1_555 
_pdbx_struct_oper_list.symmetry_operation   x,y,z 
_pdbx_struct_oper_list.matrix[1][1]         1.0000000000 
_pdbx_struct_oper_list.matrix[1][2]         0.0000000000 
_pdbx_struct_oper_list.matrix[1][3]         0.0000000000 
_pdbx_struct_oper_list.vector[1]            0.0000000000 
_pdbx_struct_oper_list.matrix[2][1]         0.0000000000 
_pdbx_struct_oper_list.matrix[2][2]         1.0000000000 
_pdbx_struct_oper_list.matrix[2][3]         0.0000000000 
_pdbx_struct_oper_list.vector[2]            0.0000000000 
_pdbx_struct_oper_list.matrix[3][1]         0.0000000000 
_pdbx_struct_oper_list.matrix[3][2]         0.0000000000 
_pdbx_struct_oper_list.matrix[3][3]         1.0000000000 
_pdbx_struct_oper_list.vector[3]            0.0000000000 
# 
loop_
_pdbx_audit_revision_history.ordinal 
_pdbx_audit_revision_history.data_content_type 
_pdbx_audit_revision_history.major_revision 
_pdbx_audit_revision_history.minor_revision 
_pdbx_audit_revision_history.revision_date 
1 'Structure model' 1 0 2007-05-08 
2 'Structure model' 1 1 2008-05-01 
3 'Structure model' 1 2 2011-07-13 
4 'Structure model' 1 3 2017-10-18 
5 'Structure model' 1 4 2023-08-30 
# 
_pdbx_audit_revision_details.ordinal             1 
_pdbx_audit_revision_details.revision_ordinal    1 
_pdbx_audit_revision_details.data_content_type   'Structure model' 
_pdbx_audit_revision_details.provider            repository 
_pdbx_audit_revision_details.type                'Initial release' 
_pdbx_audit_revision_details.description         ? 
_pdbx_audit_revision_details.details             ? 
# 
loop_
_pdbx_audit_revision_group.ordinal 
_pdbx_audit_revision_group.revision_ordinal 
_pdbx_audit_revision_group.data_content_type 
_pdbx_audit_revision_group.group 
1 2 'Structure model' 'Version format compliance' 
2 3 'Structure model' 'Version format compliance' 
3 4 'Structure model' 'Refinement description'    
4 5 'Structure model' 'Data collection'           
5 5 'Structure model' 'Database references'       
6 5 'Structure model' 'Derived calculations'      
7 5 'Structure model' 'Refinement description'    
# 
loop_
_pdbx_audit_revision_category.ordinal 
_pdbx_audit_revision_category.revision_ordinal 
_pdbx_audit_revision_category.data_content_type 
_pdbx_audit_revision_category.category 
1 4 'Structure model' software                      
2 5 'Structure model' chem_comp_atom                
3 5 'Structure model' chem_comp_bond                
4 5 'Structure model' database_2                    
5 5 'Structure model' pdbx_initial_refinement_model 
6 5 'Structure model' struct_ref_seq_dif            
7 5 'Structure model' struct_site                   
# 
loop_
_pdbx_audit_revision_item.ordinal 
_pdbx_audit_revision_item.revision_ordinal 
_pdbx_audit_revision_item.data_content_type 
_pdbx_audit_revision_item.item 
1 5 'Structure model' '_database_2.pdbx_DOI'                
2 5 'Structure model' '_database_2.pdbx_database_accession' 
3 5 'Structure model' '_struct_ref_seq_dif.details'         
4 5 'Structure model' '_struct_site.pdbx_auth_asym_id'      
5 5 'Structure model' '_struct_site.pdbx_auth_comp_id'      
6 5 'Structure model' '_struct_site.pdbx_auth_seq_id'       
# 
_pdbx_phasing_MR.entry_id                     2POE 
_pdbx_phasing_MR.method_rotation              ? 
_pdbx_phasing_MR.method_translation           ? 
_pdbx_phasing_MR.model_details                ? 
_pdbx_phasing_MR.R_factor                     ? 
_pdbx_phasing_MR.R_rigid_body                 ? 
_pdbx_phasing_MR.correlation_coeff_Fo_to_Fc   ? 
_pdbx_phasing_MR.correlation_coeff_Io_to_Ic   ? 
_pdbx_phasing_MR.d_res_high_rotation          2.500 
_pdbx_phasing_MR.d_res_low_rotation           33.220 
_pdbx_phasing_MR.d_res_high_translation       2.500 
_pdbx_phasing_MR.d_res_low_translation        33.220 
_pdbx_phasing_MR.packing                      ? 
_pdbx_phasing_MR.reflns_percent_rotation      ? 
_pdbx_phasing_MR.reflns_percent_translation   ? 
_pdbx_phasing_MR.sigma_F_rotation             ? 
_pdbx_phasing_MR.sigma_F_translation          ? 
_pdbx_phasing_MR.sigma_I_rotation             ? 
_pdbx_phasing_MR.sigma_I_translation          ? 
# 
loop_
_software.name 
_software.version 
_software.date 
_software.type 
_software.contact_author 
_software.contact_author_email 
_software.classification 
_software.location 
_software.language 
_software.citation_id 
_software.pdbx_ordinal 
DENZO       .     ?                package 'Zbyszek Otwinowski' zbyszek@mix.swmed.edu       'data reduction'  
http://www.lnls.br/infra/linhasluz/denzo-hkl.htm ?          ? 1 
SCALEPACK   .     ?                package 'Zbyszek Otwinowski' zbyszek@mix.swmed.edu       'data scaling'    
http://www.lnls.br/infra/linhasluz/denzo-hkl.htm ?          ? 2 
PHASER      .     ?                other   'R. J. Read'         cimr-phaser@lists.cam.ac.uk phasing           
http://www-structmed.cimr.cam.ac.uk/phaser/      ?          ? 3 
REFMAC      .     ?                program 'Murshudov, G.N.'    ccp4@dl.ac.uk               refinement        
http://www.ccp4.ac.uk/main.html                  Fortran_77 ? 4 
PDB_EXTRACT 2.000 'April. 3, 2006' package PDB                  sw-help@rcsb.rutgers.edu    'data extraction' 
http://pdb.rutgers.edu/software/                 C++        ? 5 
HKL-2000    .     ?                ?       ?                    ?                           'data reduction'  ? ?          ? 6 
# 
_pdbx_validate_rmsd_bond.id                        1 
_pdbx_validate_rmsd_bond.PDB_model_num             1 
_pdbx_validate_rmsd_bond.auth_atom_id_1            CD 
_pdbx_validate_rmsd_bond.auth_asym_id_1            A 
_pdbx_validate_rmsd_bond.auth_comp_id_1            GLN 
_pdbx_validate_rmsd_bond.auth_seq_id_1             17 
_pdbx_validate_rmsd_bond.PDB_ins_code_1            ? 
_pdbx_validate_rmsd_bond.label_alt_id_1            ? 
_pdbx_validate_rmsd_bond.auth_atom_id_2            NE2 
_pdbx_validate_rmsd_bond.auth_asym_id_2            A 
_pdbx_validate_rmsd_bond.auth_comp_id_2            GLN 
_pdbx_validate_rmsd_bond.auth_seq_id_2             17 
_pdbx_validate_rmsd_bond.PDB_ins_code_2            ? 
_pdbx_validate_rmsd_bond.label_alt_id_2            ? 
_pdbx_validate_rmsd_bond.bond_value                1.114 
_pdbx_validate_rmsd_bond.bond_target_value         1.324 
_pdbx_validate_rmsd_bond.bond_deviation            -0.210 
_pdbx_validate_rmsd_bond.bond_standard_deviation   0.025 
_pdbx_validate_rmsd_bond.linker_flag               N 
# 
loop_
_pdbx_validate_torsion.id 
_pdbx_validate_torsion.PDB_model_num 
_pdbx_validate_torsion.auth_comp_id 
_pdbx_validate_torsion.auth_asym_id 
_pdbx_validate_torsion.auth_seq_id 
_pdbx_validate_torsion.PDB_ins_code 
_pdbx_validate_torsion.label_alt_id 
_pdbx_validate_torsion.phi 
_pdbx_validate_torsion.psi 
1 1 PHE A 65  ? ? -120.55 -93.69  
2 1 SER A 107 ? ? -173.35 -167.24 
# 
loop_
_pdbx_unobs_or_zero_occ_atoms.id 
_pdbx_unobs_or_zero_occ_atoms.PDB_model_num 
_pdbx_unobs_or_zero_occ_atoms.polymer_flag 
_pdbx_unobs_or_zero_occ_atoms.occupancy_flag 
_pdbx_unobs_or_zero_occ_atoms.auth_asym_id 
_pdbx_unobs_or_zero_occ_atoms.auth_comp_id 
_pdbx_unobs_or_zero_occ_atoms.auth_seq_id 
_pdbx_unobs_or_zero_occ_atoms.PDB_ins_code 
_pdbx_unobs_or_zero_occ_atoms.auth_atom_id 
_pdbx_unobs_or_zero_occ_atoms.label_alt_id 
_pdbx_unobs_or_zero_occ_atoms.label_asym_id 
_pdbx_unobs_or_zero_occ_atoms.label_comp_id 
_pdbx_unobs_or_zero_occ_atoms.label_seq_id 
_pdbx_unobs_or_zero_occ_atoms.label_atom_id 
1 1 Y 1 A TYR 15 ? CG  ? A TYR 15 CG  
2 1 Y 1 A TYR 15 ? CD1 ? A TYR 15 CD1 
3 1 Y 1 A TYR 15 ? CD2 ? A TYR 15 CD2 
4 1 Y 1 A TYR 15 ? CE1 ? A TYR 15 CE1 
5 1 Y 1 A TYR 15 ? CE2 ? A TYR 15 CE2 
6 1 Y 1 A TYR 15 ? CZ  ? A TYR 15 CZ  
7 1 Y 1 A TYR 15 ? OH  ? A TYR 15 OH  
# 
loop_
_pdbx_unobs_or_zero_occ_residues.id 
_pdbx_unobs_or_zero_occ_residues.PDB_model_num 
_pdbx_unobs_or_zero_occ_residues.polymer_flag 
_pdbx_unobs_or_zero_occ_residues.occupancy_flag 
_pdbx_unobs_or_zero_occ_residues.auth_asym_id 
_pdbx_unobs_or_zero_occ_residues.auth_comp_id 
_pdbx_unobs_or_zero_occ_residues.auth_seq_id 
_pdbx_unobs_or_zero_occ_residues.PDB_ins_code 
_pdbx_unobs_or_zero_occ_residues.label_asym_id 
_pdbx_unobs_or_zero_occ_residues.label_comp_id 
_pdbx_unobs_or_zero_occ_residues.label_seq_id 
1  1 Y 1 A MET 1   ? A MET 1   
2  1 Y 1 A HIS 2   ? A HIS 2   
3  1 Y 1 A HIS 3   ? A HIS 3   
4  1 Y 1 A HIS 4   ? A HIS 4   
5  1 Y 1 A HIS 5   ? A HIS 5   
6  1 Y 1 A HIS 6   ? A HIS 6   
7  1 Y 1 A HIS 7   ? A HIS 7   
8  1 Y 1 A SER 8   ? A SER 8   
9  1 Y 1 A SER 9   ? A SER 9   
10 1 Y 1 A GLY 10  ? A GLY 10  
11 1 Y 1 A ARG 11  ? A ARG 11  
12 1 Y 1 A GLU 12  ? A GLU 12  
13 1 Y 1 A ASN 13  ? A ASN 13  
14 1 Y 1 A LEU 14  ? A LEU 14  
15 1 Y 1 A SER 111 ? A SER 111 
16 1 Y 1 A ILE 178 ? A ILE 178 
17 1 Y 1 A ALA 179 ? A ALA 179 
18 1 Y 1 A ASP 180 ? A ASP 180 
19 1 Y 1 A GLN 181 ? A GLN 181 
20 1 Y 1 A GLU 182 ? A GLU 182 
21 1 Y 1 A ILE 183 ? A ILE 183 
22 1 Y 1 A LEU 184 ? A LEU 184 
23 1 Y 1 A ASP 185 ? A ASP 185 
# 
loop_
_chem_comp_atom.comp_id 
_chem_comp_atom.atom_id 
_chem_comp_atom.type_symbol 
_chem_comp_atom.pdbx_aromatic_flag 
_chem_comp_atom.pdbx_stereo_config 
_chem_comp_atom.pdbx_ordinal 
ALA N    N N N 1   
ALA CA   C N S 2   
ALA C    C N N 3   
ALA O    O N N 4   
ALA CB   C N N 5   
ALA OXT  O N N 6   
ALA H    H N N 7   
ALA H2   H N N 8   
ALA HA   H N N 9   
ALA HB1  H N N 10  
ALA HB2  H N N 11  
ALA HB3  H N N 12  
ALA HXT  H N N 13  
ARG N    N N N 14  
ARG CA   C N S 15  
ARG C    C N N 16  
ARG O    O N N 17  
ARG CB   C N N 18  
ARG CG   C N N 19  
ARG CD   C N N 20  
ARG NE   N N N 21  
ARG CZ   C N N 22  
ARG NH1  N N N 23  
ARG NH2  N N N 24  
ARG OXT  O N N 25  
ARG H    H N N 26  
ARG H2   H N N 27  
ARG HA   H N N 28  
ARG HB2  H N N 29  
ARG HB3  H N N 30  
ARG HG2  H N N 31  
ARG HG3  H N N 32  
ARG HD2  H N N 33  
ARG HD3  H N N 34  
ARG HE   H N N 35  
ARG HH11 H N N 36  
ARG HH12 H N N 37  
ARG HH21 H N N 38  
ARG HH22 H N N 39  
ARG HXT  H N N 40  
ASN N    N N N 41  
ASN CA   C N S 42  
ASN C    C N N 43  
ASN O    O N N 44  
ASN CB   C N N 45  
ASN CG   C N N 46  
ASN OD1  O N N 47  
ASN ND2  N N N 48  
ASN OXT  O N N 49  
ASN H    H N N 50  
ASN H2   H N N 51  
ASN HA   H N N 52  
ASN HB2  H N N 53  
ASN HB3  H N N 54  
ASN HD21 H N N 55  
ASN HD22 H N N 56  
ASN HXT  H N N 57  
ASP N    N N N 58  
ASP CA   C N S 59  
ASP C    C N N 60  
ASP O    O N N 61  
ASP CB   C N N 62  
ASP CG   C N N 63  
ASP OD1  O N N 64  
ASP OD2  O N N 65  
ASP OXT  O N N 66  
ASP H    H N N 67  
ASP H2   H N N 68  
ASP HA   H N N 69  
ASP HB2  H N N 70  
ASP HB3  H N N 71  
ASP HD2  H N N 72  
ASP HXT  H N N 73  
CYS N    N N N 74  
CYS CA   C N R 75  
CYS C    C N N 76  
CYS O    O N N 77  
CYS CB   C N N 78  
CYS SG   S N N 79  
CYS OXT  O N N 80  
CYS H    H N N 81  
CYS H2   H N N 82  
CYS HA   H N N 83  
CYS HB2  H N N 84  
CYS HB3  H N N 85  
CYS HG   H N N 86  
CYS HXT  H N N 87  
FMT C    C N N 88  
FMT O1   O N N 89  
FMT O2   O N N 90  
FMT H    H N N 91  
FMT HO2  H N N 92  
GLN N    N N N 93  
GLN CA   C N S 94  
GLN C    C N N 95  
GLN O    O N N 96  
GLN CB   C N N 97  
GLN CG   C N N 98  
GLN CD   C N N 99  
GLN OE1  O N N 100 
GLN NE2  N N N 101 
GLN OXT  O N N 102 
GLN H    H N N 103 
GLN H2   H N N 104 
GLN HA   H N N 105 
GLN HB2  H N N 106 
GLN HB3  H N N 107 
GLN HG2  H N N 108 
GLN HG3  H N N 109 
GLN HE21 H N N 110 
GLN HE22 H N N 111 
GLN HXT  H N N 112 
GLU N    N N N 113 
GLU CA   C N S 114 
GLU C    C N N 115 
GLU O    O N N 116 
GLU CB   C N N 117 
GLU CG   C N N 118 
GLU CD   C N N 119 
GLU OE1  O N N 120 
GLU OE2  O N N 121 
GLU OXT  O N N 122 
GLU H    H N N 123 
GLU H2   H N N 124 
GLU HA   H N N 125 
GLU HB2  H N N 126 
GLU HB3  H N N 127 
GLU HG2  H N N 128 
GLU HG3  H N N 129 
GLU HE2  H N N 130 
GLU HXT  H N N 131 
GLY N    N N N 132 
GLY CA   C N N 133 
GLY C    C N N 134 
GLY O    O N N 135 
GLY OXT  O N N 136 
GLY H    H N N 137 
GLY H2   H N N 138 
GLY HA2  H N N 139 
GLY HA3  H N N 140 
GLY HXT  H N N 141 
HIS N    N N N 142 
HIS CA   C N S 143 
HIS C    C N N 144 
HIS O    O N N 145 
HIS CB   C N N 146 
HIS CG   C Y N 147 
HIS ND1  N Y N 148 
HIS CD2  C Y N 149 
HIS CE1  C Y N 150 
HIS NE2  N Y N 151 
HIS OXT  O N N 152 
HIS H    H N N 153 
HIS H2   H N N 154 
HIS HA   H N N 155 
HIS HB2  H N N 156 
HIS HB3  H N N 157 
HIS HD1  H N N 158 
HIS HD2  H N N 159 
HIS HE1  H N N 160 
HIS HE2  H N N 161 
HIS HXT  H N N 162 
HOH O    O N N 163 
HOH H1   H N N 164 
HOH H2   H N N 165 
ILE N    N N N 166 
ILE CA   C N S 167 
ILE C    C N N 168 
ILE O    O N N 169 
ILE CB   C N S 170 
ILE CG1  C N N 171 
ILE CG2  C N N 172 
ILE CD1  C N N 173 
ILE OXT  O N N 174 
ILE H    H N N 175 
ILE H2   H N N 176 
ILE HA   H N N 177 
ILE HB   H N N 178 
ILE HG12 H N N 179 
ILE HG13 H N N 180 
ILE HG21 H N N 181 
ILE HG22 H N N 182 
ILE HG23 H N N 183 
ILE HD11 H N N 184 
ILE HD12 H N N 185 
ILE HD13 H N N 186 
ILE HXT  H N N 187 
LEU N    N N N 188 
LEU CA   C N S 189 
LEU C    C N N 190 
LEU O    O N N 191 
LEU CB   C N N 192 
LEU CG   C N N 193 
LEU CD1  C N N 194 
LEU CD2  C N N 195 
LEU OXT  O N N 196 
LEU H    H N N 197 
LEU H2   H N N 198 
LEU HA   H N N 199 
LEU HB2  H N N 200 
LEU HB3  H N N 201 
LEU HG   H N N 202 
LEU HD11 H N N 203 
LEU HD12 H N N 204 
LEU HD13 H N N 205 
LEU HD21 H N N 206 
LEU HD22 H N N 207 
LEU HD23 H N N 208 
LEU HXT  H N N 209 
LYS N    N N N 210 
LYS CA   C N S 211 
LYS C    C N N 212 
LYS O    O N N 213 
LYS CB   C N N 214 
LYS CG   C N N 215 
LYS CD   C N N 216 
LYS CE   C N N 217 
LYS NZ   N N N 218 
LYS OXT  O N N 219 
LYS H    H N N 220 
LYS H2   H N N 221 
LYS HA   H N N 222 
LYS HB2  H N N 223 
LYS HB3  H N N 224 
LYS HG2  H N N 225 
LYS HG3  H N N 226 
LYS HD2  H N N 227 
LYS HD3  H N N 228 
LYS HE2  H N N 229 
LYS HE3  H N N 230 
LYS HZ1  H N N 231 
LYS HZ2  H N N 232 
LYS HZ3  H N N 233 
LYS HXT  H N N 234 
MET N    N N N 235 
MET CA   C N S 236 
MET C    C N N 237 
MET O    O N N 238 
MET CB   C N N 239 
MET CG   C N N 240 
MET SD   S N N 241 
MET CE   C N N 242 
MET OXT  O N N 243 
MET H    H N N 244 
MET H2   H N N 245 
MET HA   H N N 246 
MET HB2  H N N 247 
MET HB3  H N N 248 
MET HG2  H N N 249 
MET HG3  H N N 250 
MET HE1  H N N 251 
MET HE2  H N N 252 
MET HE3  H N N 253 
MET HXT  H N N 254 
PHE N    N N N 255 
PHE CA   C N S 256 
PHE C    C N N 257 
PHE O    O N N 258 
PHE CB   C N N 259 
PHE CG   C Y N 260 
PHE CD1  C Y N 261 
PHE CD2  C Y N 262 
PHE CE1  C Y N 263 
PHE CE2  C Y N 264 
PHE CZ   C Y N 265 
PHE OXT  O N N 266 
PHE H    H N N 267 
PHE H2   H N N 268 
PHE HA   H N N 269 
PHE HB2  H N N 270 
PHE HB3  H N N 271 
PHE HD1  H N N 272 
PHE HD2  H N N 273 
PHE HE1  H N N 274 
PHE HE2  H N N 275 
PHE HZ   H N N 276 
PHE HXT  H N N 277 
PRO N    N N N 278 
PRO CA   C N S 279 
PRO C    C N N 280 
PRO O    O N N 281 
PRO CB   C N N 282 
PRO CG   C N N 283 
PRO CD   C N N 284 
PRO OXT  O N N 285 
PRO H    H N N 286 
PRO HA   H N N 287 
PRO HB2  H N N 288 
PRO HB3  H N N 289 
PRO HG2  H N N 290 
PRO HG3  H N N 291 
PRO HD2  H N N 292 
PRO HD3  H N N 293 
PRO HXT  H N N 294 
SER N    N N N 295 
SER CA   C N S 296 
SER C    C N N 297 
SER O    O N N 298 
SER CB   C N N 299 
SER OG   O N N 300 
SER OXT  O N N 301 
SER H    H N N 302 
SER H2   H N N 303 
SER HA   H N N 304 
SER HB2  H N N 305 
SER HB3  H N N 306 
SER HG   H N N 307 
SER HXT  H N N 308 
THR N    N N N 309 
THR CA   C N S 310 
THR C    C N N 311 
THR O    O N N 312 
THR CB   C N R 313 
THR OG1  O N N 314 
THR CG2  C N N 315 
THR OXT  O N N 316 
THR H    H N N 317 
THR H2   H N N 318 
THR HA   H N N 319 
THR HB   H N N 320 
THR HG1  H N N 321 
THR HG21 H N N 322 
THR HG22 H N N 323 
THR HG23 H N N 324 
THR HXT  H N N 325 
TYR N    N N N 326 
TYR CA   C N S 327 
TYR C    C N N 328 
TYR O    O N N 329 
TYR CB   C N N 330 
TYR CG   C Y N 331 
TYR CD1  C Y N 332 
TYR CD2  C Y N 333 
TYR CE1  C Y N 334 
TYR CE2  C Y N 335 
TYR CZ   C Y N 336 
TYR OH   O N N 337 
TYR OXT  O N N 338 
TYR H    H N N 339 
TYR H2   H N N 340 
TYR HA   H N N 341 
TYR HB2  H N N 342 
TYR HB3  H N N 343 
TYR HD1  H N N 344 
TYR HD2  H N N 345 
TYR HE1  H N N 346 
TYR HE2  H N N 347 
TYR HH   H N N 348 
TYR HXT  H N N 349 
VAL N    N N N 350 
VAL CA   C N S 351 
VAL C    C N N 352 
VAL O    O N N 353 
VAL CB   C N N 354 
VAL CG1  C N N 355 
VAL CG2  C N N 356 
VAL OXT  O N N 357 
VAL H    H N N 358 
VAL H2   H N N 359 
VAL HA   H N N 360 
VAL HB   H N N 361 
VAL HG11 H N N 362 
VAL HG12 H N N 363 
VAL HG13 H N N 364 
VAL HG21 H N N 365 
VAL HG22 H N N 366 
VAL HG23 H N N 367 
VAL HXT  H N N 368 
# 
loop_
_chem_comp_bond.comp_id 
_chem_comp_bond.atom_id_1 
_chem_comp_bond.atom_id_2 
_chem_comp_bond.value_order 
_chem_comp_bond.pdbx_aromatic_flag 
_chem_comp_bond.pdbx_stereo_config 
_chem_comp_bond.pdbx_ordinal 
ALA N   CA   sing N N 1   
ALA N   H    sing N N 2   
ALA N   H2   sing N N 3   
ALA CA  C    sing N N 4   
ALA CA  CB   sing N N 5   
ALA CA  HA   sing N N 6   
ALA C   O    doub N N 7   
ALA C   OXT  sing N N 8   
ALA CB  HB1  sing N N 9   
ALA CB  HB2  sing N N 10  
ALA CB  HB3  sing N N 11  
ALA OXT HXT  sing N N 12  
ARG N   CA   sing N N 13  
ARG N   H    sing N N 14  
ARG N   H2   sing N N 15  
ARG CA  C    sing N N 16  
ARG CA  CB   sing N N 17  
ARG CA  HA   sing N N 18  
ARG C   O    doub N N 19  
ARG C   OXT  sing N N 20  
ARG CB  CG   sing N N 21  
ARG CB  HB2  sing N N 22  
ARG CB  HB3  sing N N 23  
ARG CG  CD   sing N N 24  
ARG CG  HG2  sing N N 25  
ARG CG  HG3  sing N N 26  
ARG CD  NE   sing N N 27  
ARG CD  HD2  sing N N 28  
ARG CD  HD3  sing N N 29  
ARG NE  CZ   sing N N 30  
ARG NE  HE   sing N N 31  
ARG CZ  NH1  sing N N 32  
ARG CZ  NH2  doub N N 33  
ARG NH1 HH11 sing N N 34  
ARG NH1 HH12 sing N N 35  
ARG NH2 HH21 sing N N 36  
ARG NH2 HH22 sing N N 37  
ARG OXT HXT  sing N N 38  
ASN N   CA   sing N N 39  
ASN N   H    sing N N 40  
ASN N   H2   sing N N 41  
ASN CA  C    sing N N 42  
ASN CA  CB   sing N N 43  
ASN CA  HA   sing N N 44  
ASN C   O    doub N N 45  
ASN C   OXT  sing N N 46  
ASN CB  CG   sing N N 47  
ASN CB  HB2  sing N N 48  
ASN CB  HB3  sing N N 49  
ASN CG  OD1  doub N N 50  
ASN CG  ND2  sing N N 51  
ASN ND2 HD21 sing N N 52  
ASN ND2 HD22 sing N N 53  
ASN OXT HXT  sing N N 54  
ASP N   CA   sing N N 55  
ASP N   H    sing N N 56  
ASP N   H2   sing N N 57  
ASP CA  C    sing N N 58  
ASP CA  CB   sing N N 59  
ASP CA  HA   sing N N 60  
ASP C   O    doub N N 61  
ASP C   OXT  sing N N 62  
ASP CB  CG   sing N N 63  
ASP CB  HB2  sing N N 64  
ASP CB  HB3  sing N N 65  
ASP CG  OD1  doub N N 66  
ASP CG  OD2  sing N N 67  
ASP OD2 HD2  sing N N 68  
ASP OXT HXT  sing N N 69  
CYS N   CA   sing N N 70  
CYS N   H    sing N N 71  
CYS N   H2   sing N N 72  
CYS CA  C    sing N N 73  
CYS CA  CB   sing N N 74  
CYS CA  HA   sing N N 75  
CYS C   O    doub N N 76  
CYS C   OXT  sing N N 77  
CYS CB  SG   sing N N 78  
CYS CB  HB2  sing N N 79  
CYS CB  HB3  sing N N 80  
CYS SG  HG   sing N N 81  
CYS OXT HXT  sing N N 82  
FMT C   O1   doub N N 83  
FMT C   O2   sing N N 84  
FMT C   H    sing N N 85  
FMT O2  HO2  sing N N 86  
GLN N   CA   sing N N 87  
GLN N   H    sing N N 88  
GLN N   H2   sing N N 89  
GLN CA  C    sing N N 90  
GLN CA  CB   sing N N 91  
GLN CA  HA   sing N N 92  
GLN C   O    doub N N 93  
GLN C   OXT  sing N N 94  
GLN CB  CG   sing N N 95  
GLN CB  HB2  sing N N 96  
GLN CB  HB3  sing N N 97  
GLN CG  CD   sing N N 98  
GLN CG  HG2  sing N N 99  
GLN CG  HG3  sing N N 100 
GLN CD  OE1  doub N N 101 
GLN CD  NE2  sing N N 102 
GLN NE2 HE21 sing N N 103 
GLN NE2 HE22 sing N N 104 
GLN OXT HXT  sing N N 105 
GLU N   CA   sing N N 106 
GLU N   H    sing N N 107 
GLU N   H2   sing N N 108 
GLU CA  C    sing N N 109 
GLU CA  CB   sing N N 110 
GLU CA  HA   sing N N 111 
GLU C   O    doub N N 112 
GLU C   OXT  sing N N 113 
GLU CB  CG   sing N N 114 
GLU CB  HB2  sing N N 115 
GLU CB  HB3  sing N N 116 
GLU CG  CD   sing N N 117 
GLU CG  HG2  sing N N 118 
GLU CG  HG3  sing N N 119 
GLU CD  OE1  doub N N 120 
GLU CD  OE2  sing N N 121 
GLU OE2 HE2  sing N N 122 
GLU OXT HXT  sing N N 123 
GLY N   CA   sing N N 124 
GLY N   H    sing N N 125 
GLY N   H2   sing N N 126 
GLY CA  C    sing N N 127 
GLY CA  HA2  sing N N 128 
GLY CA  HA3  sing N N 129 
GLY C   O    doub N N 130 
GLY C   OXT  sing N N 131 
GLY OXT HXT  sing N N 132 
HIS N   CA   sing N N 133 
HIS N   H    sing N N 134 
HIS N   H2   sing N N 135 
HIS CA  C    sing N N 136 
HIS CA  CB   sing N N 137 
HIS CA  HA   sing N N 138 
HIS C   O    doub N N 139 
HIS C   OXT  sing N N 140 
HIS CB  CG   sing N N 141 
HIS CB  HB2  sing N N 142 
HIS CB  HB3  sing N N 143 
HIS CG  ND1  sing Y N 144 
HIS CG  CD2  doub Y N 145 
HIS ND1 CE1  doub Y N 146 
HIS ND1 HD1  sing N N 147 
HIS CD2 NE2  sing Y N 148 
HIS CD2 HD2  sing N N 149 
HIS CE1 NE2  sing Y N 150 
HIS CE1 HE1  sing N N 151 
HIS NE2 HE2  sing N N 152 
HIS OXT HXT  sing N N 153 
HOH O   H1   sing N N 154 
HOH O   H2   sing N N 155 
ILE N   CA   sing N N 156 
ILE N   H    sing N N 157 
ILE N   H2   sing N N 158 
ILE CA  C    sing N N 159 
ILE CA  CB   sing N N 160 
ILE CA  HA   sing N N 161 
ILE C   O    doub N N 162 
ILE C   OXT  sing N N 163 
ILE CB  CG1  sing N N 164 
ILE CB  CG2  sing N N 165 
ILE CB  HB   sing N N 166 
ILE CG1 CD1  sing N N 167 
ILE CG1 HG12 sing N N 168 
ILE CG1 HG13 sing N N 169 
ILE CG2 HG21 sing N N 170 
ILE CG2 HG22 sing N N 171 
ILE CG2 HG23 sing N N 172 
ILE CD1 HD11 sing N N 173 
ILE CD1 HD12 sing N N 174 
ILE CD1 HD13 sing N N 175 
ILE OXT HXT  sing N N 176 
LEU N   CA   sing N N 177 
LEU N   H    sing N N 178 
LEU N   H2   sing N N 179 
LEU CA  C    sing N N 180 
LEU CA  CB   sing N N 181 
LEU CA  HA   sing N N 182 
LEU C   O    doub N N 183 
LEU C   OXT  sing N N 184 
LEU CB  CG   sing N N 185 
LEU CB  HB2  sing N N 186 
LEU CB  HB3  sing N N 187 
LEU CG  CD1  sing N N 188 
LEU CG  CD2  sing N N 189 
LEU CG  HG   sing N N 190 
LEU CD1 HD11 sing N N 191 
LEU CD1 HD12 sing N N 192 
LEU CD1 HD13 sing N N 193 
LEU CD2 HD21 sing N N 194 
LEU CD2 HD22 sing N N 195 
LEU CD2 HD23 sing N N 196 
LEU OXT HXT  sing N N 197 
LYS N   CA   sing N N 198 
LYS N   H    sing N N 199 
LYS N   H2   sing N N 200 
LYS CA  C    sing N N 201 
LYS CA  CB   sing N N 202 
LYS CA  HA   sing N N 203 
LYS C   O    doub N N 204 
LYS C   OXT  sing N N 205 
LYS CB  CG   sing N N 206 
LYS CB  HB2  sing N N 207 
LYS CB  HB3  sing N N 208 
LYS CG  CD   sing N N 209 
LYS CG  HG2  sing N N 210 
LYS CG  HG3  sing N N 211 
LYS CD  CE   sing N N 212 
LYS CD  HD2  sing N N 213 
LYS CD  HD3  sing N N 214 
LYS CE  NZ   sing N N 215 
LYS CE  HE2  sing N N 216 
LYS CE  HE3  sing N N 217 
LYS NZ  HZ1  sing N N 218 
LYS NZ  HZ2  sing N N 219 
LYS NZ  HZ3  sing N N 220 
LYS OXT HXT  sing N N 221 
MET N   CA   sing N N 222 
MET N   H    sing N N 223 
MET N   H2   sing N N 224 
MET CA  C    sing N N 225 
MET CA  CB   sing N N 226 
MET CA  HA   sing N N 227 
MET C   O    doub N N 228 
MET C   OXT  sing N N 229 
MET CB  CG   sing N N 230 
MET CB  HB2  sing N N 231 
MET CB  HB3  sing N N 232 
MET CG  SD   sing N N 233 
MET CG  HG2  sing N N 234 
MET CG  HG3  sing N N 235 
MET SD  CE   sing N N 236 
MET CE  HE1  sing N N 237 
MET CE  HE2  sing N N 238 
MET CE  HE3  sing N N 239 
MET OXT HXT  sing N N 240 
PHE N   CA   sing N N 241 
PHE N   H    sing N N 242 
PHE N   H2   sing N N 243 
PHE CA  C    sing N N 244 
PHE CA  CB   sing N N 245 
PHE CA  HA   sing N N 246 
PHE C   O    doub N N 247 
PHE C   OXT  sing N N 248 
PHE CB  CG   sing N N 249 
PHE CB  HB2  sing N N 250 
PHE CB  HB3  sing N N 251 
PHE CG  CD1  doub Y N 252 
PHE CG  CD2  sing Y N 253 
PHE CD1 CE1  sing Y N 254 
PHE CD1 HD1  sing N N 255 
PHE CD2 CE2  doub Y N 256 
PHE CD2 HD2  sing N N 257 
PHE CE1 CZ   doub Y N 258 
PHE CE1 HE1  sing N N 259 
PHE CE2 CZ   sing Y N 260 
PHE CE2 HE2  sing N N 261 
PHE CZ  HZ   sing N N 262 
PHE OXT HXT  sing N N 263 
PRO N   CA   sing N N 264 
PRO N   CD   sing N N 265 
PRO N   H    sing N N 266 
PRO CA  C    sing N N 267 
PRO CA  CB   sing N N 268 
PRO CA  HA   sing N N 269 
PRO C   O    doub N N 270 
PRO C   OXT  sing N N 271 
PRO CB  CG   sing N N 272 
PRO CB  HB2  sing N N 273 
PRO CB  HB3  sing N N 274 
PRO CG  CD   sing N N 275 
PRO CG  HG2  sing N N 276 
PRO CG  HG3  sing N N 277 
PRO CD  HD2  sing N N 278 
PRO CD  HD3  sing N N 279 
PRO OXT HXT  sing N N 280 
SER N   CA   sing N N 281 
SER N   H    sing N N 282 
SER N   H2   sing N N 283 
SER CA  C    sing N N 284 
SER CA  CB   sing N N 285 
SER CA  HA   sing N N 286 
SER C   O    doub N N 287 
SER C   OXT  sing N N 288 
SER CB  OG   sing N N 289 
SER CB  HB2  sing N N 290 
SER CB  HB3  sing N N 291 
SER OG  HG   sing N N 292 
SER OXT HXT  sing N N 293 
THR N   CA   sing N N 294 
THR N   H    sing N N 295 
THR N   H2   sing N N 296 
THR CA  C    sing N N 297 
THR CA  CB   sing N N 298 
THR CA  HA   sing N N 299 
THR C   O    doub N N 300 
THR C   OXT  sing N N 301 
THR CB  OG1  sing N N 302 
THR CB  CG2  sing N N 303 
THR CB  HB   sing N N 304 
THR OG1 HG1  sing N N 305 
THR CG2 HG21 sing N N 306 
THR CG2 HG22 sing N N 307 
THR CG2 HG23 sing N N 308 
THR OXT HXT  sing N N 309 
TYR N   CA   sing N N 310 
TYR N   H    sing N N 311 
TYR N   H2   sing N N 312 
TYR CA  C    sing N N 313 
TYR CA  CB   sing N N 314 
TYR CA  HA   sing N N 315 
TYR C   O    doub N N 316 
TYR C   OXT  sing N N 317 
TYR CB  CG   sing N N 318 
TYR CB  HB2  sing N N 319 
TYR CB  HB3  sing N N 320 
TYR CG  CD1  doub Y N 321 
TYR CG  CD2  sing Y N 322 
TYR CD1 CE1  sing Y N 323 
TYR CD1 HD1  sing N N 324 
TYR CD2 CE2  doub Y N 325 
TYR CD2 HD2  sing N N 326 
TYR CE1 CZ   doub Y N 327 
TYR CE1 HE1  sing N N 328 
TYR CE2 CZ   sing Y N 329 
TYR CE2 HE2  sing N N 330 
TYR CZ  OH   sing N N 331 
TYR OH  HH   sing N N 332 
TYR OXT HXT  sing N N 333 
VAL N   CA   sing N N 334 
VAL N   H    sing N N 335 
VAL N   H2   sing N N 336 
VAL CA  C    sing N N 337 
VAL CA  CB   sing N N 338 
VAL CA  HA   sing N N 339 
VAL C   O    doub N N 340 
VAL C   OXT  sing N N 341 
VAL CB  CG1  sing N N 342 
VAL CB  CG2  sing N N 343 
VAL CB  HB   sing N N 344 
VAL CG1 HG11 sing N N 345 
VAL CG1 HG12 sing N N 346 
VAL CG1 HG13 sing N N 347 
VAL CG2 HG21 sing N N 348 
VAL CG2 HG22 sing N N 349 
VAL CG2 HG23 sing N N 350 
VAL OXT HXT  sing N N 351 
# 
loop_
_pdbx_entity_nonpoly.entity_id 
_pdbx_entity_nonpoly.name 
_pdbx_entity_nonpoly.comp_id 
2 'FORMIC ACID' FMT 
3 water         HOH 
# 
_pdbx_initial_refinement_model.id               1 
_pdbx_initial_refinement_model.entity_id_list   ? 
_pdbx_initial_refinement_model.type             'experimental model' 
_pdbx_initial_refinement_model.source_name      PDB 
_pdbx_initial_refinement_model.accession_code   2FU0 
_pdbx_initial_refinement_model.details          'PDB entry 2FU0' 
# 
